data_6W8V
#
_entry.id   6W8V
#
_cell.length_a   89.240
_cell.length_b   152.149
_cell.length_c   96.049
_cell.angle_alpha   90.000
_cell.angle_beta   94.290
_cell.angle_gamma   90.000
#
_symmetry.space_group_name_H-M   'P 1 21 1'
#
loop_
_entity.id
_entity.type
_entity.pdbx_description
1 polymer 'DNA (cytosine-5)-methyltransferase 1'
2 polymer "ACG DNA (5'-D(*CP*CP*TP*TP*CP*(5CM)P*GP*TP*AP*AP*GP*T)-3')"
3 polymer "ACG DNA (5'-D(*AP*CP*TP*TP*AP*(C49)P*GP*GP*AP*AP*GP*G)-3')"
4 non-polymer S-ADENOSYL-L-HOMOCYSTEINE
5 non-polymer 'ZINC ION'
#
loop_
_entity_poly.entity_id
_entity_poly.type
_entity_poly.pdbx_seq_one_letter_code
_entity_poly.pdbx_strand_id
1 'polypeptide(L)'
;SKDRISWLGQPMKIEENRTYYQKVSIDEEMLEVGDCVSVIPDDSSKPLYLARVTALWEDKNGQMMFHAHWFCAGTDTVLG
ATSDPLELFLVGECENMQLSYIHSKVKVIYKAPSENWAMEGGTDPETTLPGAEDGKTYFFQLWYNQEYARFESPPKTQPT
EDNKHKFCLSCIRLAELRQKEMPKVLEQIEEVDGRVYCSSITKNGVVYRLGDSVYLPPEAFTFNIKVASPVKRPKKDPVN
ETLYPEHYRKYSDYIKGSNLDAPEPYRIGRIKEIHCGKKKGKVNEADIKLRLYKFYRPENTHRSYNGSYHTDINMLYWSD
EEAVVNFSDVQGRCTVEYGEDLLESIQDYSQGGPDRFYFLEAYNSKTKNFEDPPNHARSPGNKGKGKGKGKGKGKHQVSE
PKEPEAAIKLPKLRTLDVFSGCGGLSEGFHQAGISETLWAIEMWDPAAQAFRLNNPGTTVFTEDCNVLLKLVMAGEVTNS
LGQRLPQKGDVEMLCGGPPCQGFSGMNRFNSRTYSKFKNSLVVSFLSYCDYYRPRFFLLENVRNFVSYRRSMVLKLTLRC
LVRMGYQCTFGVLQAGQYGVAQTRRRAIILAAAPGEKLPLFPEPLHVFAPRACQLSVVVDDKKFVSNITRLSSGPFRTIT
VRDTMSDLPEIQNGASNSEIPYNGEPLSWFQRQLRGSHYQPILRDHICKDMSPLVAARMRHIPLFPGSDWRDLPNIQVRL
GDGVIAHKLQYTFHDVKNGYSSTGALRGVCSCAEGKACDPESRQFSTLIPWCLPHTGNRHNHWAGLYGRLEWDGFFSTTV
TNPEPMGKQGRVLHPEQHRVVSVRECARSQGFPDSYRFFGNILDRHRQVGNAVPPPLAKAIGLEIKLCLLSSA
;
A,B
2 'polydeoxyribonucleotide' (DC)(DC)(DT)(DT)(DC)(5CM)(DG)(DT)(DA)(DA)(DG)(DT) C,E
3 'polydeoxyribonucleotide' (DA)(DC)(DT)(DT)(DA)(C49)(DG)(DG)(DA)(DA)(DG)(DG) D,F
#
# COMPACT_ATOMS: atom_id res chain seq x y z
N ASP A 3 26.50 22.89 -26.05
CA ASP A 3 27.25 24.14 -26.21
C ASP A 3 26.98 24.77 -27.57
N ARG A 4 27.86 24.52 -28.53
CA ARG A 4 27.70 25.02 -29.89
C ARG A 4 26.97 24.00 -30.74
N ILE A 5 25.90 24.44 -31.41
CA ILE A 5 25.10 23.58 -32.27
C ILE A 5 25.21 24.12 -33.69
N SER A 6 25.58 23.26 -34.63
CA SER A 6 25.75 23.66 -36.02
C SER A 6 25.06 22.69 -36.96
N TRP A 7 24.37 23.23 -37.96
CA TRP A 7 23.69 22.39 -38.93
C TRP A 7 24.70 21.81 -39.92
N LEU A 8 24.40 20.61 -40.41
CA LEU A 8 25.30 19.92 -41.33
C LEU A 8 24.57 19.70 -42.64
N GLY A 9 25.08 20.28 -43.72
CA GLY A 9 24.51 20.11 -45.03
C GLY A 9 23.44 21.13 -45.35
N GLN A 10 22.82 20.92 -46.52
CA GLN A 10 21.74 21.78 -46.99
C GLN A 10 20.41 21.35 -46.37
N PRO A 11 19.54 22.28 -46.02
CA PRO A 11 18.25 21.91 -45.43
C PRO A 11 17.32 21.28 -46.47
N MET A 12 16.48 20.36 -46.01
CA MET A 12 15.51 19.70 -46.87
C MET A 12 14.13 20.30 -46.65
N LYS A 13 13.28 20.14 -47.67
CA LYS A 13 11.89 20.63 -47.69
C LYS A 13 11.62 21.75 -46.69
N ILE A 14 11.88 22.99 -47.11
CA ILE A 14 11.75 24.13 -46.21
C ILE A 14 10.30 24.61 -46.22
N GLU A 15 9.74 24.85 -45.05
CA GLU A 15 8.37 25.31 -44.92
C GLU A 15 8.36 26.76 -44.46
N GLU A 16 7.16 27.34 -44.45
CA GLU A 16 6.97 28.78 -44.33
C GLU A 16 7.89 29.38 -43.27
N ASN A 17 7.87 28.83 -42.07
CA ASN A 17 8.63 29.35 -40.94
C ASN A 17 9.72 28.40 -40.46
N ARG A 18 9.90 27.24 -41.10
CA ARG A 18 10.84 26.24 -40.63
C ARG A 18 11.70 25.74 -41.78
N THR A 19 12.96 25.45 -41.48
CA THR A 19 13.90 24.89 -42.45
C THR A 19 14.40 23.56 -41.89
N TYR A 20 13.82 22.46 -42.36
CA TYR A 20 14.15 21.14 -41.83
C TYR A 20 15.54 20.70 -42.29
N TYR A 21 16.31 20.12 -41.36
CA TYR A 21 17.61 19.56 -41.63
C TYR A 21 17.59 18.06 -41.34
N GLN A 22 18.66 17.39 -41.76
CA GLN A 22 18.84 15.97 -41.49
C GLN A 22 19.94 15.69 -40.48
N LYS A 23 21.01 16.47 -40.46
CA LYS A 23 22.11 16.22 -39.53
C LYS A 23 22.51 17.52 -38.84
N VAL A 24 23.10 17.35 -37.64
CA VAL A 24 23.44 18.47 -36.78
C VAL A 24 24.61 18.04 -35.91
N SER A 25 25.35 19.00 -35.38
CA SER A 25 26.51 18.76 -34.54
C SER A 25 26.34 19.50 -33.23
N ILE A 26 26.48 18.76 -32.12
CA ILE A 26 26.41 19.28 -30.77
C ILE A 26 27.61 18.72 -30.01
N ASP A 27 28.46 19.60 -29.49
CA ASP A 27 29.66 19.20 -28.76
C ASP A 27 30.53 18.27 -29.61
N GLU A 28 30.76 18.67 -30.86
CA GLU A 28 31.60 17.94 -31.80
C GLU A 28 31.08 16.53 -32.10
N GLU A 29 29.81 16.28 -31.80
CA GLU A 29 29.20 14.98 -32.02
C GLU A 29 28.36 14.96 -33.29
N MET A 30 27.92 13.77 -33.67
CA MET A 30 27.10 13.56 -34.85
C MET A 30 25.70 13.12 -34.42
N LEU A 31 24.68 13.73 -35.02
CA LEU A 31 23.30 13.40 -34.74
C LEU A 31 22.50 13.48 -36.03
N GLU A 32 21.68 12.46 -36.29
CA GLU A 32 20.91 12.38 -37.52
C GLU A 32 19.50 11.90 -37.20
N VAL A 33 18.53 12.34 -38.01
CA VAL A 33 17.15 11.96 -37.78
C VAL A 33 17.01 10.45 -37.88
N GLY A 34 16.42 9.85 -36.85
CA GLY A 34 16.34 8.41 -36.70
C GLY A 34 17.14 7.88 -35.54
N ASP A 35 18.17 8.60 -35.11
CA ASP A 35 18.92 8.23 -33.92
C ASP A 35 18.11 8.58 -32.67
N CYS A 36 18.70 8.34 -31.51
CA CYS A 36 18.02 8.57 -30.24
C CYS A 36 18.81 9.55 -29.40
N VAL A 37 18.12 10.12 -28.41
CA VAL A 37 18.65 11.23 -27.62
C VAL A 37 18.19 11.10 -26.17
N SER A 38 19.10 11.40 -25.25
CA SER A 38 18.83 11.43 -23.83
C SER A 38 18.55 12.86 -23.40
N VAL A 39 17.59 13.03 -22.49
CA VAL A 39 17.17 14.35 -22.02
C VAL A 39 17.01 14.30 -20.51
N ILE A 40 17.44 15.35 -19.83
CA ILE A 40 17.34 15.47 -18.38
C ILE A 40 15.99 16.07 -18.03
N PRO A 41 15.23 15.46 -17.11
CA PRO A 41 13.93 16.02 -16.73
C PRO A 41 14.09 17.10 -15.68
N ASP A 42 13.01 17.88 -15.52
CA ASP A 42 12.98 18.95 -14.53
C ASP A 42 11.78 18.90 -13.59
N ASP A 43 10.73 18.14 -13.93
CA ASP A 43 9.53 18.08 -13.12
C ASP A 43 9.18 16.68 -12.63
N SER A 44 9.50 15.65 -13.39
CA SER A 44 9.07 14.29 -13.06
C SER A 44 10.02 13.63 -12.07
N SER A 45 9.51 12.58 -11.41
CA SER A 45 10.32 11.76 -10.54
C SER A 45 11.32 10.91 -11.31
N LYS A 46 11.11 10.75 -12.62
CA LYS A 46 12.03 9.95 -13.41
C LYS A 46 13.38 10.65 -13.52
N PRO A 47 14.49 9.91 -13.44
CA PRO A 47 15.81 10.54 -13.50
C PRO A 47 16.29 10.84 -14.90
N LEU A 48 15.65 10.30 -15.93
CA LEU A 48 16.13 10.47 -17.29
C LEU A 48 14.99 10.22 -18.26
N TYR A 49 15.09 10.82 -19.44
CA TYR A 49 14.13 10.63 -20.51
C TYR A 49 14.87 10.24 -21.78
N LEU A 50 14.24 9.39 -22.58
CA LEU A 50 14.83 8.91 -23.83
C LEU A 50 13.83 9.11 -24.96
N ALA A 51 14.32 9.55 -26.11
CA ALA A 51 13.43 9.80 -27.23
C ALA A 51 14.18 9.55 -28.54
N ARG A 52 13.46 9.71 -29.64
CA ARG A 52 14.02 9.57 -30.97
C ARG A 52 13.78 10.85 -31.75
N VAL A 53 14.81 11.30 -32.45
CA VAL A 53 14.74 12.52 -33.24
C VAL A 53 14.06 12.20 -34.56
N THR A 54 13.03 12.98 -34.90
CA THR A 54 12.36 12.80 -36.18
C THR A 54 12.53 13.99 -37.11
N ALA A 55 12.59 15.20 -36.57
CA ALA A 55 12.79 16.40 -37.36
C ALA A 55 13.88 17.25 -36.73
N LEU A 56 14.54 18.05 -37.55
CA LEU A 56 15.64 18.90 -37.11
C LEU A 56 15.54 20.24 -37.82
N TRP A 57 14.38 20.89 -37.70
CA TRP A 57 14.23 22.16 -38.38
C TRP A 57 14.85 23.30 -37.59
N GLU A 58 15.03 24.41 -38.28
CA GLU A 58 15.46 25.67 -37.69
C GLU A 58 14.32 26.67 -37.86
N ASP A 59 13.82 27.19 -36.75
CA ASP A 59 12.75 28.17 -36.78
C ASP A 59 13.29 29.51 -37.25
N LYS A 60 12.40 30.32 -37.82
CA LYS A 60 12.79 31.67 -38.22
C LYS A 60 12.97 32.61 -37.03
N ASN A 61 12.53 32.20 -35.84
CA ASN A 61 12.73 32.99 -34.63
C ASN A 61 14.20 33.02 -34.21
N GLY A 62 15.03 32.14 -34.75
CA GLY A 62 16.43 32.06 -34.39
C GLY A 62 16.80 30.84 -33.58
N GLN A 63 15.82 30.18 -32.98
CA GLN A 63 16.08 29.02 -32.16
C GLN A 63 16.20 27.76 -33.01
N MET A 64 16.93 26.78 -32.49
CA MET A 64 17.16 25.52 -33.18
C MET A 64 16.32 24.47 -32.47
N MET A 65 15.36 23.88 -33.19
CA MET A 65 14.40 22.95 -32.62
C MET A 65 14.58 21.56 -33.20
N PHE A 66 13.90 20.60 -32.56
CA PHE A 66 13.86 19.22 -33.02
C PHE A 66 12.64 18.55 -32.42
N HIS A 67 12.12 17.55 -33.11
CA HIS A 67 10.93 16.82 -32.70
C HIS A 67 11.35 15.49 -32.07
N ALA A 68 10.83 15.22 -30.88
CA ALA A 68 11.21 14.07 -30.08
C ALA A 68 10.00 13.18 -29.88
N HIS A 69 10.10 11.94 -30.36
CA HIS A 69 9.14 10.88 -30.09
C HIS A 69 9.65 10.13 -28.87
N TRP A 70 8.97 10.29 -27.73
CA TRP A 70 9.47 9.74 -26.48
C TRP A 70 9.36 8.22 -26.45
N PHE A 71 10.30 7.60 -25.73
CA PHE A 71 10.23 6.20 -25.37
C PHE A 71 9.60 6.07 -23.99
N CYS A 72 9.42 4.84 -23.54
CA CYS A 72 8.85 4.57 -22.22
C CYS A 72 9.68 3.50 -21.56
N ALA A 73 10.32 3.83 -20.44
CA ALA A 73 11.08 2.84 -19.70
C ALA A 73 10.15 1.76 -19.16
N GLY A 74 10.69 0.55 -19.02
CA GLY A 74 9.90 -0.56 -18.51
C GLY A 74 9.37 -0.31 -17.10
N THR A 75 10.10 0.47 -16.31
CA THR A 75 9.61 0.82 -14.97
C THR A 75 8.42 1.76 -15.04
N ASP A 76 8.36 2.61 -16.08
CA ASP A 76 7.24 3.53 -16.24
C ASP A 76 5.98 2.83 -16.74
N THR A 77 6.09 1.58 -17.18
CA THR A 77 4.95 0.83 -17.67
C THR A 77 4.29 0.09 -16.51
N VAL A 78 3.34 -0.80 -16.83
CA VAL A 78 2.73 -1.64 -15.82
C VAL A 78 3.71 -2.68 -15.28
N LEU A 79 4.76 -3.00 -16.03
CA LEU A 79 5.73 -3.99 -15.57
C LEU A 79 6.43 -3.54 -14.29
N GLY A 80 6.87 -2.29 -14.26
CA GLY A 80 7.51 -1.76 -13.06
C GLY A 80 8.94 -2.26 -12.88
N ALA A 81 9.29 -2.60 -11.64
CA ALA A 81 10.65 -3.00 -11.34
C ALA A 81 11.01 -4.35 -11.95
N THR A 82 10.01 -5.16 -12.31
CA THR A 82 10.29 -6.47 -12.90
C THR A 82 10.79 -6.36 -14.34
N SER A 83 10.52 -5.24 -15.00
CA SER A 83 10.84 -5.12 -16.42
C SER A 83 12.34 -5.18 -16.67
N ASP A 84 12.70 -5.58 -17.88
CA ASP A 84 14.09 -5.58 -18.30
C ASP A 84 14.60 -4.15 -18.35
N PRO A 85 15.67 -3.82 -17.62
CA PRO A 85 16.14 -2.42 -17.62
C PRO A 85 16.66 -1.96 -18.96
N LEU A 86 16.99 -2.87 -19.87
CA LEU A 86 17.46 -2.51 -21.20
C LEU A 86 16.33 -2.37 -22.21
N GLU A 87 15.09 -2.64 -21.81
CA GLU A 87 13.96 -2.66 -22.73
C GLU A 87 13.15 -1.38 -22.61
N LEU A 88 12.83 -0.79 -23.76
CA LEU A 88 11.97 0.39 -23.85
C LEU A 88 10.73 0.04 -24.65
N PHE A 89 9.75 0.94 -24.61
CA PHE A 89 8.50 0.74 -25.33
C PHE A 89 8.12 2.02 -26.04
N LEU A 90 7.45 1.88 -27.18
CA LEU A 90 6.98 3.04 -27.92
C LEU A 90 5.67 3.54 -27.33
N VAL A 91 5.49 4.86 -27.32
CA VAL A 91 4.29 5.49 -26.78
C VAL A 91 3.86 6.61 -27.72
N GLY A 92 2.66 7.11 -27.50
CA GLY A 92 2.13 8.21 -28.28
C GLY A 92 2.47 9.56 -27.68
N GLU A 93 3.66 9.67 -27.10
CA GLU A 93 4.14 10.91 -26.51
C GLU A 93 5.15 11.54 -27.45
N CYS A 94 4.97 12.83 -27.74
CA CYS A 94 5.87 13.52 -28.65
C CYS A 94 5.80 15.02 -28.37
N GLU A 95 6.90 15.71 -28.63
CA GLU A 95 6.91 17.16 -28.42
C GLU A 95 8.10 17.79 -29.12
N ASN A 96 7.98 19.09 -29.38
CA ASN A 96 9.06 19.89 -29.95
C ASN A 96 9.90 20.47 -28.82
N MET A 97 11.21 20.55 -29.05
CA MET A 97 12.11 20.99 -28.00
C MET A 97 13.38 21.52 -28.63
N GLN A 98 14.13 22.32 -27.86
CA GLN A 98 15.40 22.83 -28.36
C GLN A 98 16.50 21.80 -28.19
N LEU A 99 17.52 21.90 -29.04
CA LEU A 99 18.64 20.98 -28.98
C LEU A 99 19.52 21.23 -27.76
N SER A 100 19.26 22.30 -26.99
CA SER A 100 20.05 22.59 -25.81
C SER A 100 19.78 21.60 -24.68
N TYR A 101 18.68 20.85 -24.76
CA TYR A 101 18.34 19.88 -23.74
C TYR A 101 18.85 18.48 -24.04
N ILE A 102 19.57 18.31 -25.16
CA ILE A 102 20.12 17.01 -25.52
C ILE A 102 21.31 16.73 -24.59
N HIS A 103 21.17 15.72 -23.74
CA HIS A 103 22.26 15.36 -22.83
C HIS A 103 23.30 14.52 -23.53
N SER A 104 22.88 13.44 -24.18
CA SER A 104 23.80 12.54 -24.85
C SER A 104 23.02 11.77 -25.91
N LYS A 105 23.77 11.07 -26.77
CA LYS A 105 23.20 10.24 -27.82
C LYS A 105 23.32 8.78 -27.40
N VAL A 106 22.18 8.10 -27.31
CA VAL A 106 22.14 6.71 -26.89
C VAL A 106 21.85 5.82 -28.10
N LYS A 107 21.98 4.51 -27.89
CA LYS A 107 21.80 3.52 -28.95
C LYS A 107 20.61 2.63 -28.58
N VAL A 108 19.60 2.62 -29.46
CA VAL A 108 18.40 1.82 -29.28
C VAL A 108 18.24 0.94 -30.51
N ILE A 109 18.07 -0.37 -30.30
CA ILE A 109 17.95 -1.33 -31.39
C ILE A 109 16.51 -1.85 -31.40
N TYR A 110 16.11 -2.38 -32.55
CA TYR A 110 14.77 -2.92 -32.75
C TYR A 110 14.86 -4.45 -32.74
N LYS A 111 14.25 -5.07 -31.73
CA LYS A 111 14.21 -6.53 -31.61
C LYS A 111 12.93 -7.04 -32.26
N ALA A 112 13.04 -7.41 -33.51
CA ALA A 112 11.89 -7.94 -34.23
C ALA A 112 11.76 -9.43 -33.98
N PRO A 113 10.53 -9.96 -33.95
CA PRO A 113 10.38 -11.41 -33.78
C PRO A 113 10.93 -12.16 -34.97
N SER A 114 11.59 -13.28 -34.69
CA SER A 114 12.22 -14.07 -35.74
C SER A 114 11.17 -14.69 -36.67
N GLU A 115 11.64 -15.08 -37.85
CA GLU A 115 10.75 -15.76 -38.80
C GLU A 115 10.31 -17.12 -38.30
N ASN A 116 11.08 -17.74 -37.40
CA ASN A 116 10.69 -19.01 -36.80
C ASN A 116 10.32 -18.78 -35.33
N TRP A 117 9.52 -17.75 -35.07
CA TRP A 117 9.17 -17.41 -33.69
C TRP A 117 8.23 -18.45 -33.08
N ALA A 118 7.31 -19.00 -33.87
CA ALA A 118 6.34 -19.94 -33.32
C ALA A 118 6.98 -21.26 -32.93
N MET A 119 8.16 -21.57 -33.47
CA MET A 119 8.85 -22.82 -33.15
C MET A 119 9.85 -22.67 -32.02
N GLU A 120 10.03 -21.47 -31.48
CA GLU A 120 10.94 -21.25 -30.37
C GLU A 120 10.31 -21.76 -29.07
N GLY A 121 10.95 -21.44 -27.95
CA GLY A 121 10.46 -21.88 -26.65
C GLY A 121 10.79 -23.34 -26.40
N GLY A 122 12.08 -23.65 -26.33
CA GLY A 122 12.58 -24.99 -26.09
C GLY A 122 13.81 -25.04 -25.20
N GLU A 133 31.05 -3.92 -25.51
CA GLU A 133 30.44 -3.51 -24.25
C GLU A 133 29.70 -2.19 -24.41
N ASP A 134 30.47 -1.10 -24.50
CA ASP A 134 29.92 0.22 -24.82
C ASP A 134 28.84 0.62 -23.84
N GLY A 135 29.15 0.53 -22.55
CA GLY A 135 28.19 0.87 -21.52
C GLY A 135 26.95 0.02 -21.59
N LYS A 136 25.80 0.64 -21.88
CA LYS A 136 24.54 -0.07 -21.93
C LYS A 136 23.73 0.33 -23.15
N THR A 137 23.10 -0.66 -23.79
CA THR A 137 22.39 -0.50 -25.04
C THR A 137 20.91 -0.87 -24.86
N TYR A 138 20.05 -0.04 -25.43
CA TYR A 138 18.61 -0.17 -25.29
C TYR A 138 17.97 -0.91 -26.46
N PHE A 139 16.83 -1.55 -26.21
CA PHE A 139 16.06 -2.21 -27.26
C PHE A 139 14.57 -2.07 -26.98
N PHE A 140 13.77 -2.11 -28.05
CA PHE A 140 12.32 -2.10 -27.94
C PHE A 140 11.75 -3.16 -28.88
N GLN A 141 10.60 -3.73 -28.50
CA GLN A 141 9.85 -4.59 -29.39
C GLN A 141 8.38 -4.21 -29.57
N LEU A 142 7.75 -3.52 -28.63
CA LEU A 142 6.31 -3.32 -28.69
C LEU A 142 5.94 -1.89 -28.34
N TRP A 143 4.74 -1.49 -28.75
CA TRP A 143 4.14 -0.20 -28.48
C TRP A 143 3.26 -0.30 -27.26
N TYR A 144 3.34 0.68 -26.38
CA TYR A 144 2.67 0.65 -25.09
C TYR A 144 1.57 1.70 -25.03
N ASN A 145 0.39 1.29 -24.59
CA ASN A 145 -0.75 2.18 -24.38
C ASN A 145 -0.94 2.28 -22.87
N GLN A 146 -0.62 3.47 -22.34
CA GLN A 146 -0.62 3.72 -20.90
C GLN A 146 -2.01 3.69 -20.30
N GLU A 147 -3.03 4.12 -21.05
CA GLU A 147 -4.37 4.24 -20.47
C GLU A 147 -5.01 2.86 -20.31
N TYR A 148 -4.86 2.00 -21.31
CA TYR A 148 -5.50 0.69 -21.31
C TYR A 148 -4.52 -0.44 -20.98
N ALA A 149 -3.25 -0.11 -20.76
CA ALA A 149 -2.21 -1.09 -20.50
C ALA A 149 -2.15 -2.13 -21.62
N ARG A 150 -1.88 -1.67 -22.82
CA ARG A 150 -1.88 -2.54 -24.00
C ARG A 150 -0.51 -2.57 -24.66
N PHE A 151 0.09 -3.76 -24.71
CA PHE A 151 1.33 -4.00 -25.45
C PHE A 151 0.96 -4.56 -26.83
N GLU A 152 1.23 -3.79 -27.88
CA GLU A 152 0.85 -4.16 -29.23
C GLU A 152 2.07 -4.07 -30.15
N SER A 153 2.02 -4.74 -31.29
CA SER A 153 3.14 -4.66 -32.21
C SER A 153 3.19 -3.27 -32.86
N PRO A 154 4.39 -2.76 -33.14
CA PRO A 154 4.50 -1.41 -33.70
C PRO A 154 3.90 -1.36 -35.10
N PRO A 155 3.39 -0.20 -35.50
CA PRO A 155 2.80 -0.07 -36.84
C PRO A 155 3.85 -0.25 -37.94
N LYS A 156 3.39 -0.69 -39.11
CA LYS A 156 4.25 -0.92 -40.26
C LYS A 156 4.23 0.22 -41.27
N THR A 157 3.66 1.37 -40.91
CA THR A 157 3.65 2.50 -41.83
C THR A 157 5.07 3.01 -42.05
N GLN A 158 5.31 3.51 -43.26
CA GLN A 158 6.65 3.94 -43.63
C GLN A 158 6.59 5.35 -44.18
N PRO A 159 7.66 6.12 -43.99
CA PRO A 159 7.68 7.49 -44.49
C PRO A 159 7.85 7.59 -46.00
N THR A 160 7.04 8.45 -46.59
CA THR A 160 7.22 8.84 -47.97
C THR A 160 8.18 10.03 -47.96
N GLU A 161 8.91 10.22 -49.06
CA GLU A 161 9.88 11.30 -49.12
C GLU A 161 9.28 12.63 -48.70
N ASP A 162 7.99 12.85 -49.00
CA ASP A 162 7.39 14.14 -48.68
C ASP A 162 7.29 14.33 -47.17
N ASN A 163 6.96 13.28 -46.43
CA ASN A 163 6.87 13.35 -44.97
C ASN A 163 8.15 12.90 -44.26
N LYS A 164 9.22 12.60 -45.01
CA LYS A 164 10.45 12.09 -44.41
C LYS A 164 11.16 13.11 -43.53
N HIS A 165 10.82 14.40 -43.64
CA HIS A 165 11.47 15.43 -42.85
C HIS A 165 10.86 15.61 -41.47
N LYS A 166 9.60 15.20 -41.27
CA LYS A 166 8.96 15.32 -39.96
C LYS A 166 8.15 14.08 -39.62
N PHE A 167 8.61 12.91 -40.06
CA PHE A 167 7.87 11.67 -39.87
C PHE A 167 7.84 11.31 -38.38
N CYS A 168 6.69 11.49 -37.74
CA CYS A 168 6.49 11.16 -36.34
C CYS A 168 5.24 10.29 -36.22
N LEU A 169 5.44 9.03 -35.81
CA LEU A 169 4.31 8.12 -35.66
C LEU A 169 3.35 8.57 -34.57
N SER A 170 3.84 9.29 -33.57
CA SER A 170 2.95 9.79 -32.51
C SER A 170 2.02 10.86 -33.05
N CYS A 171 2.54 11.78 -33.88
CA CYS A 171 1.69 12.79 -34.47
C CYS A 171 0.68 12.18 -35.43
N ILE A 172 1.07 11.12 -36.15
CA ILE A 172 0.14 10.46 -37.05
C ILE A 172 -0.96 9.77 -36.27
N ARG A 173 -0.59 9.04 -35.21
CA ARG A 173 -1.58 8.34 -34.41
C ARG A 173 -2.55 9.32 -33.76
N LEU A 174 -2.04 10.47 -33.32
CA LEU A 174 -2.89 11.46 -32.66
C LEU A 174 -3.80 12.16 -33.67
N ALA A 175 -3.26 12.48 -34.85
CA ALA A 175 -4.08 13.15 -35.86
C ALA A 175 -5.18 12.23 -36.36
N GLU A 176 -4.87 10.94 -36.58
CA GLU A 176 -5.90 10.02 -37.04
C GLU A 176 -6.94 9.79 -35.94
N LEU A 177 -6.50 9.72 -34.68
CA LEU A 177 -7.44 9.49 -33.58
C LEU A 177 -8.37 10.68 -33.42
N ARG A 178 -7.82 11.90 -33.42
CA ARG A 178 -8.65 13.08 -33.23
C ARG A 178 -9.50 13.41 -34.45
N GLN A 179 -9.10 12.98 -35.65
CA GLN A 179 -9.95 13.16 -36.81
C GLN A 179 -11.11 12.18 -36.80
N LYS A 180 -10.86 10.94 -36.38
CA LYS A 180 -11.95 10.00 -36.18
C LYS A 180 -12.85 10.41 -35.02
N GLU A 181 -12.28 11.09 -34.02
CA GLU A 181 -13.00 11.45 -32.81
C GLU A 181 -13.95 12.63 -33.03
N MET A 182 -13.55 13.59 -33.86
CA MET A 182 -14.33 14.81 -34.00
C MET A 182 -15.60 14.55 -34.81
N PRO A 183 -16.69 15.24 -34.47
CA PRO A 183 -17.90 15.12 -35.29
C PRO A 183 -17.70 15.84 -36.62
N LYS A 184 -18.35 15.31 -37.65
CA LYS A 184 -18.19 15.87 -38.98
C LYS A 184 -19.51 15.77 -39.74
N VAL A 185 -19.85 16.83 -40.44
CA VAL A 185 -21.02 16.85 -41.31
C VAL A 185 -20.59 16.39 -42.69
N LEU A 186 -21.28 15.38 -43.22
CA LEU A 186 -20.98 14.84 -44.54
C LEU A 186 -21.90 15.42 -45.61
N GLU A 187 -23.19 15.16 -45.49
CA GLU A 187 -24.15 15.61 -46.50
C GLU A 187 -25.17 16.55 -45.85
N GLN A 188 -25.15 17.81 -46.27
CA GLN A 188 -26.10 18.82 -45.84
C GLN A 188 -27.27 18.92 -46.83
N ILE A 189 -28.38 19.45 -46.34
CA ILE A 189 -29.61 19.53 -47.13
C ILE A 189 -29.87 20.95 -47.60
N GLU A 190 -30.37 21.80 -46.71
CA GLU A 190 -30.76 23.16 -47.06
C GLU A 190 -30.42 24.12 -45.94
N GLU A 191 -30.12 25.35 -46.31
CA GLU A 191 -29.80 26.42 -45.38
C GLU A 191 -30.97 27.41 -45.37
N VAL A 192 -31.57 27.60 -44.19
CA VAL A 192 -32.75 28.45 -44.06
C VAL A 192 -32.52 29.41 -42.89
N ASP A 193 -32.33 30.69 -43.22
CA ASP A 193 -32.30 31.78 -42.24
C ASP A 193 -31.26 31.52 -41.15
N GLY A 194 -30.05 31.16 -41.57
CA GLY A 194 -28.94 30.99 -40.67
C GLY A 194 -28.77 29.61 -40.06
N ARG A 195 -29.72 28.69 -40.28
CA ARG A 195 -29.64 27.35 -39.73
C ARG A 195 -29.46 26.37 -40.89
N VAL A 196 -28.40 25.56 -40.82
CA VAL A 196 -28.07 24.59 -41.86
C VAL A 196 -28.63 23.23 -41.46
N TYR A 197 -29.30 22.59 -42.42
CA TYR A 197 -29.87 21.26 -42.24
C TYR A 197 -29.00 20.21 -42.93
N CYS A 198 -28.76 19.10 -42.24
CA CYS A 198 -27.87 18.06 -42.70
C CYS A 198 -28.65 16.76 -42.90
N SER A 199 -28.07 15.88 -43.73
CA SER A 199 -28.65 14.57 -43.98
C SER A 199 -27.75 13.41 -43.59
N SER A 200 -26.44 13.62 -43.45
CA SER A 200 -25.53 12.54 -43.10
C SER A 200 -24.37 13.11 -42.30
N ILE A 201 -24.14 12.55 -41.11
CA ILE A 201 -23.06 12.96 -40.23
C ILE A 201 -22.34 11.69 -39.77
N THR A 202 -21.19 11.89 -39.12
CA THR A 202 -20.38 10.76 -38.68
C THR A 202 -19.53 11.18 -37.48
N LYS A 203 -19.18 10.19 -36.66
CA LYS A 203 -18.22 10.43 -35.58
C LYS A 203 -17.80 9.10 -34.99
N ASN A 204 -16.57 9.07 -34.45
CA ASN A 204 -16.00 7.87 -33.85
C ASN A 204 -15.96 6.70 -34.84
N GLY A 205 -15.82 7.02 -36.13
CA GLY A 205 -15.79 6.00 -37.15
C GLY A 205 -17.14 5.40 -37.47
N VAL A 206 -18.22 5.98 -36.95
CA VAL A 206 -19.58 5.48 -37.17
C VAL A 206 -20.31 6.42 -38.12
N VAL A 207 -20.98 5.82 -39.10
CA VAL A 207 -21.74 6.54 -40.13
C VAL A 207 -23.19 6.66 -39.68
N TYR A 208 -23.70 7.89 -39.60
CA TYR A 208 -25.07 8.15 -39.19
C TYR A 208 -25.85 8.77 -40.34
N ARG A 209 -27.02 8.19 -40.62
CA ARG A 209 -27.90 8.58 -41.71
C ARG A 209 -29.29 8.89 -41.17
N LEU A 210 -30.07 9.59 -41.98
CA LEU A 210 -31.47 9.82 -41.65
C LEU A 210 -32.24 8.51 -41.77
N GLY A 211 -33.09 8.24 -40.77
CA GLY A 211 -33.83 6.99 -40.72
C GLY A 211 -33.17 5.88 -39.93
N ASP A 212 -31.93 6.07 -39.50
CA ASP A 212 -31.25 5.11 -38.62
C ASP A 212 -31.63 5.38 -37.17
N SER A 213 -31.34 4.41 -36.31
CA SER A 213 -31.66 4.54 -34.90
C SER A 213 -30.38 4.77 -34.11
N VAL A 214 -30.54 5.42 -32.95
CA VAL A 214 -29.40 5.97 -32.21
C VAL A 214 -29.58 5.73 -30.72
N TYR A 215 -28.48 5.33 -30.06
CA TYR A 215 -28.39 5.17 -28.61
C TYR A 215 -28.17 6.52 -27.94
N LEU A 216 -28.91 6.77 -26.86
CA LEU A 216 -28.83 7.98 -26.08
C LEU A 216 -28.76 7.62 -24.60
N PRO A 217 -28.15 8.48 -23.78
CA PRO A 217 -28.20 8.27 -22.33
C PRO A 217 -29.61 8.37 -21.79
N PRO A 218 -29.87 7.87 -20.59
CA PRO A 218 -31.23 7.94 -20.04
C PRO A 218 -31.71 9.36 -19.77
N GLU A 219 -30.81 10.32 -19.55
CA GLU A 219 -31.19 11.70 -19.31
C GLU A 219 -31.33 12.51 -20.60
N ALA A 220 -31.37 11.84 -21.75
CA ALA A 220 -31.51 12.56 -23.02
C ALA A 220 -32.90 13.17 -23.16
N PHE A 221 -33.94 12.37 -22.91
CA PHE A 221 -35.30 12.86 -22.97
C PHE A 221 -36.19 11.98 -22.08
N THR A 222 -37.43 12.40 -21.93
CA THR A 222 -38.43 11.67 -21.16
C THR A 222 -39.52 11.15 -22.09
N PHE A 223 -40.55 10.56 -21.51
CA PHE A 223 -41.71 10.07 -22.24
C PHE A 223 -42.96 10.82 -21.80
N ASN A 224 -43.95 10.87 -22.68
CA ASN A 224 -45.23 11.46 -22.31
C ASN A 224 -45.93 10.66 -21.22
N ILE A 225 -45.58 9.39 -21.06
CA ILE A 225 -46.07 8.60 -19.94
C ILE A 225 -45.38 9.07 -18.66
N LYS A 226 -46.17 9.56 -17.71
CA LYS A 226 -45.62 10.10 -16.47
C LYS A 226 -45.36 8.97 -15.48
N VAL A 227 -44.09 8.69 -15.20
CA VAL A 227 -43.74 7.71 -14.18
C VAL A 227 -43.54 8.45 -12.87
N ALA A 228 -44.37 8.13 -11.88
CA ALA A 228 -44.42 8.78 -10.59
C ALA A 228 -43.74 7.92 -9.54
N SER A 229 -43.29 8.56 -8.47
CA SER A 229 -42.60 7.87 -7.38
C SER A 229 -43.21 8.31 -6.08
N PRO A 230 -44.37 7.74 -5.71
CA PRO A 230 -45.04 8.14 -4.47
C PRO A 230 -44.31 7.59 -3.26
N VAL A 231 -44.99 7.54 -2.12
CA VAL A 231 -44.29 7.57 -0.83
C VAL A 231 -43.26 6.48 -0.73
N LYS A 232 -42.17 6.79 -0.05
CA LYS A 232 -41.21 5.79 0.35
C LYS A 232 -41.80 5.05 1.54
N ARG A 233 -41.50 3.78 1.62
CA ARG A 233 -42.17 2.92 2.58
C ARG A 233 -42.06 3.51 3.98
N PRO A 234 -43.12 3.46 4.77
CA PRO A 234 -43.07 4.06 6.10
C PRO A 234 -42.30 3.18 7.05
N LYS A 235 -42.27 3.53 8.33
CA LYS A 235 -41.68 2.69 9.36
C LYS A 235 -42.69 1.63 9.74
N LYS A 236 -42.51 0.42 9.21
CA LYS A 236 -43.53 -0.63 9.31
C LYS A 236 -43.94 -0.89 10.76
N ASP A 237 -42.97 -0.94 11.67
CA ASP A 237 -43.23 -1.31 13.06
C ASP A 237 -41.94 -1.32 13.87
N PRO A 238 -41.99 -1.02 15.17
CA PRO A 238 -40.83 -1.28 16.00
C PRO A 238 -40.60 -2.78 16.09
N VAL A 239 -39.32 -3.16 16.17
CA VAL A 239 -38.94 -4.57 16.10
C VAL A 239 -38.82 -5.11 17.52
N ASN A 240 -39.39 -6.28 17.76
CA ASN A 240 -39.29 -6.92 19.07
C ASN A 240 -37.87 -7.46 19.24
N GLU A 241 -37.07 -6.79 20.06
CA GLU A 241 -35.70 -7.22 20.28
C GLU A 241 -35.60 -8.42 21.20
N THR A 242 -36.71 -8.84 21.82
CA THR A 242 -36.73 -10.12 22.52
C THR A 242 -37.02 -11.26 21.56
N LEU A 243 -37.96 -11.05 20.62
CA LEU A 243 -38.24 -12.06 19.61
C LEU A 243 -37.16 -12.09 18.54
N TYR A 244 -36.74 -10.92 18.05
CA TYR A 244 -35.66 -10.82 17.07
C TYR A 244 -34.47 -10.10 17.69
N PRO A 245 -33.61 -10.81 18.43
CA PRO A 245 -32.50 -10.15 19.12
C PRO A 245 -31.29 -9.86 18.26
N GLU A 246 -31.37 -10.09 16.94
CA GLU A 246 -30.25 -9.83 16.03
C GLU A 246 -30.66 -8.91 14.89
N HIS A 247 -31.79 -8.20 15.04
CA HIS A 247 -32.25 -7.28 14.01
C HIS A 247 -31.48 -5.96 14.03
N TYR A 248 -30.95 -5.58 15.20
CA TYR A 248 -30.22 -4.33 15.33
C TYR A 248 -28.95 -4.29 14.49
N ARG A 249 -28.53 -5.43 13.93
CA ARG A 249 -27.36 -5.47 13.06
C ARG A 249 -27.70 -5.15 11.61
N LYS A 250 -28.95 -4.83 11.29
CA LYS A 250 -29.34 -4.47 9.93
C LYS A 250 -29.52 -2.97 9.75
N TYR A 251 -28.80 -2.18 10.55
CA TYR A 251 -28.85 -0.71 10.42
C TYR A 251 -28.16 -0.21 9.17
N SER A 252 -27.41 -1.07 8.46
CA SER A 252 -26.69 -0.64 7.27
C SER A 252 -27.61 -0.25 6.14
N ASP A 253 -28.83 -0.78 6.11
CA ASP A 253 -29.82 -0.51 5.07
C ASP A 253 -29.32 -0.86 3.67
N TYR A 254 -28.35 -1.76 3.57
CA TYR A 254 -27.81 -2.18 2.28
C TYR A 254 -28.34 -3.56 1.94
N ILE A 255 -28.86 -3.71 0.74
CA ILE A 255 -29.44 -4.96 0.27
C ILE A 255 -28.50 -5.55 -0.76
N LYS A 256 -27.92 -6.71 -0.45
CA LYS A 256 -27.05 -7.39 -1.38
C LYS A 256 -27.85 -7.87 -2.59
N GLY A 257 -27.25 -7.73 -3.77
CA GLY A 257 -27.90 -8.19 -4.99
C GLY A 257 -29.16 -7.42 -5.35
N SER A 258 -29.20 -6.13 -5.08
CA SER A 258 -30.37 -5.30 -5.35
C SER A 258 -30.14 -4.45 -6.59
N ASN A 259 -31.12 -4.42 -7.49
CA ASN A 259 -31.06 -3.61 -8.71
C ASN A 259 -31.84 -2.31 -8.57
N LEU A 260 -31.95 -1.76 -7.36
CA LEU A 260 -32.64 -0.49 -7.18
C LEU A 260 -31.82 0.66 -7.75
N ASP A 261 -30.51 0.66 -7.51
CA ASP A 261 -29.62 1.67 -8.06
C ASP A 261 -29.13 1.32 -9.46
N ALA A 262 -29.75 0.36 -10.12
CA ALA A 262 -29.36 -0.02 -11.47
C ALA A 262 -29.83 1.02 -12.47
N PRO A 263 -28.96 1.50 -13.36
CA PRO A 263 -29.38 2.54 -14.32
C PRO A 263 -30.26 1.97 -15.42
N GLU A 264 -31.01 2.87 -16.05
CA GLU A 264 -31.85 2.47 -17.17
C GLU A 264 -31.01 2.19 -18.40
N PRO A 265 -31.47 1.31 -19.30
CA PRO A 265 -30.71 1.03 -20.52
C PRO A 265 -30.71 2.22 -21.47
N TYR A 266 -30.10 2.05 -22.64
CA TYR A 266 -29.99 3.15 -23.60
C TYR A 266 -31.37 3.58 -24.08
N ARG A 267 -31.55 4.89 -24.23
CA ARG A 267 -32.72 5.42 -24.91
C ARG A 267 -32.50 5.28 -26.41
N ILE A 268 -33.51 4.81 -27.13
CA ILE A 268 -33.35 4.59 -28.56
C ILE A 268 -34.27 5.55 -29.29
N GLY A 269 -33.73 6.20 -30.34
CA GLY A 269 -34.54 7.12 -31.11
C GLY A 269 -34.35 6.93 -32.60
N ARG A 270 -35.29 7.48 -33.35
CA ARG A 270 -35.31 7.42 -34.80
C ARG A 270 -35.01 8.81 -35.34
N ILE A 271 -33.89 8.93 -36.04
CA ILE A 271 -33.43 10.21 -36.57
C ILE A 271 -34.35 10.64 -37.71
N LYS A 272 -34.99 11.79 -37.55
CA LYS A 272 -35.83 12.37 -38.59
C LYS A 272 -35.24 13.63 -39.22
N GLU A 273 -34.72 14.54 -38.41
CA GLU A 273 -34.18 15.80 -38.92
C GLU A 273 -32.87 16.11 -38.22
N ILE A 274 -31.93 16.70 -38.97
CA ILE A 274 -30.64 17.11 -38.44
C ILE A 274 -30.45 18.57 -38.79
N HIS A 275 -30.17 19.40 -37.78
CA HIS A 275 -29.91 20.81 -38.00
C HIS A 275 -28.84 21.28 -37.03
N CYS A 276 -28.20 22.39 -37.39
CA CYS A 276 -27.13 22.94 -36.55
C CYS A 276 -26.98 24.43 -36.87
N GLY A 277 -25.87 25.00 -36.45
CA GLY A 277 -25.62 26.43 -36.68
C GLY A 277 -24.44 26.69 -37.58
N LYS A 278 -23.98 27.94 -37.61
CA LYS A 278 -22.85 28.33 -38.43
C LYS A 278 -21.80 29.02 -37.58
N LYS A 279 -20.56 28.96 -38.04
CA LYS A 279 -19.41 29.51 -37.35
C LYS A 279 -18.41 30.00 -38.40
N LYS A 280 -18.18 31.32 -38.42
CA LYS A 280 -17.14 31.92 -39.26
C LYS A 280 -17.36 31.56 -40.74
N GLY A 281 -18.59 31.71 -41.20
CA GLY A 281 -18.92 31.44 -42.59
C GLY A 281 -19.17 29.98 -42.92
N LYS A 282 -18.59 29.07 -42.14
CA LYS A 282 -18.74 27.64 -42.39
C LYS A 282 -19.77 27.04 -41.45
N VAL A 283 -20.12 25.78 -41.71
CA VAL A 283 -21.09 25.10 -40.85
C VAL A 283 -20.43 24.75 -39.53
N ASN A 284 -21.15 24.96 -38.42
CA ASN A 284 -20.63 24.65 -37.09
C ASN A 284 -20.88 23.19 -36.79
N GLU A 285 -19.97 22.35 -37.27
CA GLU A 285 -20.06 20.91 -37.07
C GLU A 285 -19.82 20.49 -35.62
N ALA A 286 -19.32 21.41 -34.78
CA ALA A 286 -19.06 21.06 -33.38
C ALA A 286 -20.34 20.97 -32.56
N ASP A 287 -21.43 21.57 -33.01
CA ASP A 287 -22.70 21.58 -32.28
C ASP A 287 -23.82 21.17 -33.24
N ILE A 288 -24.04 19.86 -33.35
CA ILE A 288 -25.08 19.31 -34.21
C ILE A 288 -26.23 18.84 -33.35
N LYS A 289 -27.45 19.16 -33.77
CA LYS A 289 -28.66 18.81 -33.04
C LYS A 289 -29.40 17.68 -33.74
N LEU A 290 -30.07 16.85 -32.95
CA LEU A 290 -30.83 15.71 -33.46
C LEU A 290 -32.23 15.79 -32.87
N ARG A 291 -33.26 15.80 -33.72
CA ARG A 291 -34.63 15.64 -33.23
C ARG A 291 -35.10 14.25 -33.64
N LEU A 292 -35.67 13.52 -32.68
CA LEU A 292 -35.92 12.11 -32.86
C LEU A 292 -37.35 11.75 -32.50
N TYR A 293 -37.80 10.66 -33.10
CA TYR A 293 -39.00 9.96 -32.69
C TYR A 293 -38.63 8.96 -31.60
N LYS A 294 -39.24 9.11 -30.43
CA LYS A 294 -38.92 8.28 -29.28
C LYS A 294 -39.38 6.85 -29.47
N PHE A 295 -38.51 5.89 -29.17
CA PHE A 295 -38.88 4.50 -29.08
C PHE A 295 -39.25 4.14 -27.65
N TYR A 296 -40.23 3.23 -27.51
CA TYR A 296 -40.76 2.84 -26.22
C TYR A 296 -40.29 1.43 -25.88
N ARG A 297 -39.42 1.32 -24.89
CA ARG A 297 -39.13 0.02 -24.32
C ARG A 297 -40.35 -0.47 -23.53
N PRO A 298 -40.64 -1.78 -23.54
CA PRO A 298 -41.84 -2.27 -22.85
C PRO A 298 -41.90 -1.89 -21.39
N GLU A 299 -40.75 -1.69 -20.74
CA GLU A 299 -40.74 -1.25 -19.35
C GLU A 299 -41.01 0.24 -19.19
N ASN A 300 -41.15 0.98 -20.28
CA ASN A 300 -41.48 2.40 -20.22
C ASN A 300 -42.95 2.70 -20.42
N THR A 301 -43.73 1.75 -20.90
CA THR A 301 -45.15 1.96 -21.15
C THR A 301 -45.91 1.97 -19.82
N HIS A 302 -47.24 1.97 -19.90
CA HIS A 302 -48.05 1.91 -18.69
C HIS A 302 -47.92 0.57 -17.98
N ARG A 303 -47.43 -0.46 -18.67
CA ARG A 303 -47.24 -1.76 -18.06
C ARG A 303 -46.11 -1.76 -17.03
N SER A 304 -45.13 -0.86 -17.18
CA SER A 304 -43.96 -0.77 -16.31
C SER A 304 -43.18 -2.09 -16.43
N TYR A 305 -42.43 -2.45 -15.38
CA TYR A 305 -41.68 -3.71 -15.41
C TYR A 305 -42.61 -4.91 -15.43
N ASN A 306 -43.60 -4.91 -14.53
CA ASN A 306 -44.44 -6.09 -14.30
C ASN A 306 -45.06 -6.65 -15.57
N GLY A 307 -45.25 -5.83 -16.60
CA GLY A 307 -45.77 -6.37 -17.84
C GLY A 307 -44.71 -6.79 -18.85
N SER A 308 -43.46 -6.39 -18.61
CA SER A 308 -42.35 -6.65 -19.53
C SER A 308 -41.47 -7.81 -19.06
N TYR A 309 -42.04 -8.78 -18.34
CA TYR A 309 -41.24 -9.90 -17.87
C TYR A 309 -41.00 -10.91 -18.99
N HIS A 310 -42.02 -11.21 -19.78
CA HIS A 310 -41.94 -12.22 -20.81
C HIS A 310 -41.48 -11.67 -22.15
N THR A 311 -41.48 -10.34 -22.31
CA THR A 311 -41.10 -9.75 -23.58
C THR A 311 -39.61 -9.90 -23.83
N ASP A 312 -39.23 -9.90 -25.11
CA ASP A 312 -37.83 -9.97 -25.47
C ASP A 312 -37.10 -8.70 -25.02
N ILE A 313 -35.78 -8.84 -24.80
CA ILE A 313 -34.98 -7.69 -24.38
C ILE A 313 -34.66 -6.74 -25.51
N ASN A 314 -34.96 -7.13 -26.76
CA ASN A 314 -34.69 -6.28 -27.92
C ASN A 314 -35.96 -5.86 -28.64
N MET A 315 -37.13 -6.08 -28.05
CA MET A 315 -38.39 -5.65 -28.64
C MET A 315 -38.74 -4.25 -28.16
N LEU A 316 -39.04 -3.36 -29.10
CA LEU A 316 -39.37 -1.98 -28.80
C LEU A 316 -40.79 -1.67 -29.27
N TYR A 317 -41.23 -0.44 -29.01
CA TYR A 317 -42.53 0.05 -29.43
C TYR A 317 -42.37 1.42 -30.07
N TRP A 318 -42.91 1.57 -31.27
CA TRP A 318 -42.80 2.84 -31.98
C TRP A 318 -43.72 3.89 -31.37
N SER A 319 -43.31 5.15 -31.47
CA SER A 319 -44.12 6.27 -31.02
C SER A 319 -43.86 7.48 -31.91
N ASP A 320 -44.83 8.38 -31.95
CA ASP A 320 -44.73 9.62 -32.71
C ASP A 320 -44.32 10.80 -31.84
N GLU A 321 -43.93 10.56 -30.58
CA GLU A 321 -43.42 11.63 -29.74
C GLU A 321 -42.08 12.11 -30.27
N GLU A 322 -41.75 13.37 -29.98
CA GLU A 322 -40.57 14.00 -30.52
C GLU A 322 -39.73 14.60 -29.39
N ALA A 323 -38.41 14.66 -29.62
CA ALA A 323 -37.53 15.31 -28.65
C ALA A 323 -36.24 15.73 -29.34
N VAL A 324 -35.63 16.79 -28.82
CA VAL A 324 -34.41 17.35 -29.38
C VAL A 324 -33.27 17.08 -28.42
N VAL A 325 -32.23 16.42 -28.94
CA VAL A 325 -31.03 16.05 -28.21
C VAL A 325 -29.83 16.53 -29.00
N ASN A 326 -28.65 16.38 -28.42
CA ASN A 326 -27.40 16.75 -29.07
C ASN A 326 -26.72 15.56 -29.71
N PHE A 327 -25.97 15.82 -30.79
CA PHE A 327 -25.18 14.78 -31.43
C PHE A 327 -24.00 14.33 -30.57
N SER A 328 -23.58 15.15 -29.61
CA SER A 328 -22.49 14.77 -28.73
C SER A 328 -22.90 13.70 -27.73
N ASP A 329 -24.20 13.51 -27.52
CA ASP A 329 -24.71 12.49 -26.62
C ASP A 329 -24.92 11.15 -27.31
N VAL A 330 -24.63 11.05 -28.60
CA VAL A 330 -24.80 9.79 -29.32
C VAL A 330 -23.79 8.78 -28.82
N GLN A 331 -24.28 7.68 -28.25
CA GLN A 331 -23.40 6.63 -27.74
C GLN A 331 -23.11 5.57 -28.80
N GLY A 332 -24.02 5.36 -29.74
CA GLY A 332 -23.81 4.36 -30.78
C GLY A 332 -25.00 4.31 -31.70
N ARG A 333 -24.85 3.56 -32.78
CA ARG A 333 -25.91 3.38 -33.77
C ARG A 333 -26.47 1.97 -33.66
N CYS A 334 -27.80 1.85 -33.71
CA CYS A 334 -28.45 0.55 -33.62
C CYS A 334 -29.42 0.38 -34.79
N THR A 335 -29.71 -0.88 -35.10
CA THR A 335 -30.56 -1.26 -36.22
C THR A 335 -31.93 -1.66 -35.69
N VAL A 336 -32.95 -0.85 -35.96
CA VAL A 336 -34.32 -1.11 -35.52
C VAL A 336 -35.18 -1.32 -36.77
N GLU A 337 -35.87 -2.45 -36.81
CA GLU A 337 -36.71 -2.76 -37.96
C GLU A 337 -38.15 -3.07 -37.54
N TYR A 338 -39.08 -2.80 -38.44
CA TYR A 338 -40.47 -3.21 -38.25
C TYR A 338 -40.58 -4.72 -38.42
N GLY A 339 -41.54 -5.31 -37.71
CA GLY A 339 -41.59 -6.76 -37.62
C GLY A 339 -41.87 -7.47 -38.93
N GLU A 340 -42.71 -6.88 -39.79
CA GLU A 340 -43.18 -7.59 -40.98
C GLU A 340 -42.30 -7.41 -42.20
N ASP A 341 -41.44 -6.39 -42.24
CA ASP A 341 -40.55 -6.23 -43.39
C ASP A 341 -39.38 -7.20 -43.39
N LEU A 342 -39.30 -8.11 -42.41
CA LEU A 342 -38.16 -9.01 -42.32
C LEU A 342 -38.13 -10.03 -43.46
N LEU A 343 -36.93 -10.29 -43.97
CA LEU A 343 -36.74 -11.36 -44.93
C LEU A 343 -36.56 -12.71 -44.25
N GLU A 344 -36.19 -12.72 -42.97
CA GLU A 344 -36.03 -13.94 -42.17
C GLU A 344 -36.84 -13.79 -40.88
N SER A 345 -36.80 -14.82 -40.05
CA SER A 345 -37.56 -14.81 -38.82
C SER A 345 -36.97 -13.82 -37.81
N ILE A 346 -37.71 -13.58 -36.74
CA ILE A 346 -37.26 -12.65 -35.71
C ILE A 346 -36.07 -13.21 -34.95
N GLN A 347 -36.11 -14.51 -34.62
CA GLN A 347 -35.02 -15.12 -33.86
C GLN A 347 -33.74 -15.17 -34.69
N ASP A 348 -33.86 -15.45 -35.99
CA ASP A 348 -32.70 -15.45 -36.87
C ASP A 348 -32.18 -14.04 -37.11
N TYR A 349 -33.04 -13.02 -37.00
CA TYR A 349 -32.60 -11.64 -37.17
C TYR A 349 -31.90 -11.12 -35.92
N SER A 350 -32.36 -11.54 -34.75
CA SER A 350 -31.75 -11.08 -33.51
C SER A 350 -30.41 -11.76 -33.26
N GLN A 351 -30.29 -13.03 -33.61
CA GLN A 351 -29.05 -13.78 -33.44
C GLN A 351 -28.09 -13.63 -34.61
N GLY A 352 -28.34 -12.69 -35.51
CA GLY A 352 -27.48 -12.49 -36.67
C GLY A 352 -26.45 -11.40 -36.48
N GLY A 353 -26.72 -10.46 -35.58
CA GLY A 353 -25.80 -9.36 -35.33
C GLY A 353 -26.11 -8.60 -34.06
N PRO A 354 -25.21 -7.69 -33.67
CA PRO A 354 -25.41 -6.90 -32.46
C PRO A 354 -26.24 -5.65 -32.70
N ASP A 355 -26.73 -5.08 -31.59
CA ASP A 355 -27.47 -3.82 -31.59
C ASP A 355 -28.72 -3.88 -32.47
N ARG A 356 -29.32 -5.06 -32.57
CA ARG A 356 -30.48 -5.26 -33.45
C ARG A 356 -31.76 -5.30 -32.62
N PHE A 357 -32.66 -4.36 -32.89
CA PHE A 357 -33.97 -4.27 -32.25
C PHE A 357 -35.06 -4.38 -33.31
N TYR A 358 -36.27 -4.68 -32.83
CA TYR A 358 -37.41 -4.88 -33.72
C TYR A 358 -38.66 -4.38 -33.00
N PHE A 359 -39.69 -4.11 -33.79
CA PHE A 359 -40.96 -3.69 -33.21
C PHE A 359 -42.09 -4.16 -34.11
N LEU A 360 -43.17 -4.63 -33.49
CA LEU A 360 -44.36 -5.07 -34.20
C LEU A 360 -45.55 -4.16 -34.04
N GLU A 361 -45.64 -3.45 -32.92
CA GLU A 361 -46.74 -2.54 -32.64
C GLU A 361 -46.21 -1.13 -32.41
N ALA A 362 -47.13 -0.19 -32.18
CA ALA A 362 -46.80 1.16 -31.77
C ALA A 362 -47.63 1.50 -30.55
N TYR A 363 -47.14 2.46 -29.77
CA TYR A 363 -47.72 2.80 -28.47
C TYR A 363 -48.21 4.24 -28.51
N ASN A 364 -49.48 4.44 -28.18
CA ASN A 364 -50.00 5.80 -28.08
C ASN A 364 -50.05 6.19 -26.61
N SER A 365 -49.40 7.31 -26.27
CA SER A 365 -49.24 7.68 -24.88
C SER A 365 -50.55 8.09 -24.23
N LYS A 366 -51.46 8.71 -24.99
CA LYS A 366 -52.72 9.17 -24.42
C LYS A 366 -53.79 8.08 -24.44
N THR A 367 -53.84 7.28 -25.49
CA THR A 367 -54.82 6.21 -25.56
C THR A 367 -54.38 4.97 -24.79
N LYS A 368 -53.08 4.84 -24.50
CA LYS A 368 -52.54 3.71 -23.75
C LYS A 368 -52.88 2.39 -24.44
N ASN A 369 -52.75 2.37 -25.77
CA ASN A 369 -52.99 1.15 -26.53
C ASN A 369 -51.91 0.96 -27.58
N PHE A 370 -51.98 -0.19 -28.22
CA PHE A 370 -50.98 -0.66 -29.19
C PHE A 370 -51.66 -0.84 -30.53
N GLU A 371 -51.14 -0.16 -31.54
CA GLU A 371 -51.68 -0.22 -32.89
C GLU A 371 -50.62 -0.78 -33.84
N ASP A 372 -50.94 -0.77 -35.12
CA ASP A 372 -49.90 -1.00 -36.11
C ASP A 372 -49.26 0.34 -36.46
N PRO A 373 -47.94 0.44 -36.48
CA PRO A 373 -47.29 1.75 -36.61
C PRO A 373 -47.57 2.37 -37.96
N PRO A 374 -47.47 3.69 -38.06
CA PRO A 374 -47.73 4.38 -39.33
C PRO A 374 -46.69 4.02 -40.38
N ASN A 375 -46.95 4.51 -41.59
CA ASN A 375 -46.11 4.18 -42.75
C ASN A 375 -44.76 4.89 -42.75
N HIS A 376 -44.61 5.96 -41.96
CA HIS A 376 -43.32 6.64 -41.91
C HIS A 376 -42.33 5.96 -40.97
N ALA A 377 -42.75 4.91 -40.26
CA ALA A 377 -41.85 4.11 -39.45
C ALA A 377 -41.29 2.89 -40.18
N ARG A 378 -41.83 2.57 -41.36
CA ARG A 378 -41.40 1.38 -42.08
C ARG A 378 -40.09 1.62 -42.83
N SER A 379 -39.40 0.53 -43.12
CA SER A 379 -38.15 0.56 -43.86
C SER A 379 -38.44 0.82 -45.33
N PRO A 380 -37.39 1.14 -46.12
CA PRO A 380 -37.57 1.27 -47.58
C PRO A 380 -38.39 0.14 -48.19
N GLY A 381 -39.51 0.50 -48.81
CA GLY A 381 -40.47 -0.49 -49.28
C GLY A 381 -41.79 -0.38 -48.54
N ASN A 382 -42.15 0.84 -48.16
CA ASN A 382 -43.38 1.07 -47.40
C ASN A 382 -44.56 1.37 -48.32
N LYS A 409 -16.65 -18.91 -45.24
CA LYS A 409 -16.57 -19.85 -44.13
C LYS A 409 -15.39 -19.52 -43.22
N LEU A 410 -15.68 -19.14 -41.99
CA LEU A 410 -14.64 -18.75 -41.05
C LEU A 410 -14.03 -20.00 -40.43
N PRO A 411 -12.72 -20.23 -40.58
CA PRO A 411 -12.12 -21.44 -39.99
C PRO A 411 -12.08 -21.35 -38.47
N LYS A 412 -12.37 -22.48 -37.82
CA LYS A 412 -12.34 -22.54 -36.37
C LYS A 412 -10.91 -22.74 -35.89
N LEU A 413 -10.62 -22.17 -34.72
CA LEU A 413 -9.28 -22.25 -34.14
C LEU A 413 -9.16 -23.55 -33.36
N ARG A 414 -8.10 -24.30 -33.61
CA ARG A 414 -7.78 -25.46 -32.80
C ARG A 414 -7.37 -24.98 -31.42
N THR A 415 -8.20 -25.26 -30.41
CA THR A 415 -8.03 -24.68 -29.09
C THR A 415 -7.73 -25.75 -28.06
N LEU A 416 -6.69 -25.51 -27.25
CA LEU A 416 -6.39 -26.31 -26.07
C LEU A 416 -6.87 -25.57 -24.83
N ASP A 417 -7.65 -26.25 -24.00
CA ASP A 417 -8.28 -25.69 -22.82
C ASP A 417 -7.64 -26.35 -21.59
N VAL A 418 -6.68 -25.67 -20.99
CA VAL A 418 -6.09 -26.15 -19.75
C VAL A 418 -6.99 -25.75 -18.59
N PHE A 419 -7.11 -26.64 -17.60
CA PHE A 419 -8.08 -26.49 -16.52
C PHE A 419 -9.48 -26.26 -17.10
N SER A 420 -9.93 -27.23 -17.89
CA SER A 420 -11.17 -27.06 -18.64
C SER A 420 -12.40 -27.14 -17.74
N GLY A 421 -12.33 -27.90 -16.65
CA GLY A 421 -13.51 -28.05 -15.81
C GLY A 421 -14.64 -28.72 -16.56
N CYS A 422 -15.87 -28.25 -16.32
CA CYS A 422 -17.01 -28.75 -17.07
C CYS A 422 -17.10 -28.18 -18.48
N GLY A 423 -16.35 -27.13 -18.77
CA GLY A 423 -16.27 -26.59 -20.10
C GLY A 423 -16.97 -25.27 -20.38
N GLY A 424 -17.23 -24.44 -19.37
CA GLY A 424 -17.92 -23.19 -19.61
C GLY A 424 -17.16 -22.25 -20.54
N LEU A 425 -15.84 -22.18 -20.38
CA LEU A 425 -15.04 -21.29 -21.21
C LEU A 425 -15.04 -21.74 -22.66
N SER A 426 -14.76 -23.02 -22.90
CA SER A 426 -14.77 -23.53 -24.27
C SER A 426 -16.18 -23.54 -24.86
N GLU A 427 -17.21 -23.65 -24.00
CA GLU A 427 -18.58 -23.57 -24.49
C GLU A 427 -18.88 -22.17 -25.00
N GLY A 428 -18.48 -21.15 -24.23
CA GLY A 428 -18.65 -19.78 -24.69
C GLY A 428 -17.86 -19.50 -25.95
N PHE A 429 -16.68 -20.10 -26.07
CA PHE A 429 -15.90 -19.95 -27.30
C PHE A 429 -16.57 -20.63 -28.49
N HIS A 430 -17.32 -21.70 -28.25
CA HIS A 430 -18.07 -22.32 -29.34
C HIS A 430 -19.33 -21.53 -29.68
N GLN A 431 -19.91 -20.85 -28.70
CA GLN A 431 -21.04 -19.97 -28.99
C GLN A 431 -20.63 -18.77 -29.83
N ALA A 432 -19.35 -18.42 -29.83
CA ALA A 432 -18.82 -17.41 -30.74
C ALA A 432 -18.38 -18.00 -32.08
N GLY A 433 -18.37 -19.34 -32.20
CA GLY A 433 -18.00 -19.97 -33.45
C GLY A 433 -16.57 -19.71 -33.87
N ILE A 434 -15.66 -19.58 -32.93
CA ILE A 434 -14.28 -19.24 -33.24
C ILE A 434 -13.31 -20.37 -32.94
N SER A 435 -13.76 -21.47 -32.34
CA SER A 435 -12.79 -22.46 -31.89
C SER A 435 -13.45 -23.81 -31.76
N GLU A 436 -12.74 -24.84 -32.21
CA GLU A 436 -13.04 -26.21 -31.87
C GLU A 436 -12.00 -26.65 -30.83
N THR A 437 -12.48 -26.96 -29.63
CA THR A 437 -11.62 -27.36 -28.51
C THR A 437 -11.22 -28.81 -28.75
N LEU A 438 -9.98 -29.02 -29.19
CA LEU A 438 -9.57 -30.36 -29.58
C LEU A 438 -8.97 -31.16 -28.43
N TRP A 439 -8.28 -30.50 -27.50
CA TRP A 439 -7.68 -31.14 -26.35
C TRP A 439 -8.10 -30.42 -25.08
N ALA A 440 -8.13 -31.15 -23.97
CA ALA A 440 -8.52 -30.60 -22.68
C ALA A 440 -7.73 -31.29 -21.59
N ILE A 441 -7.32 -30.52 -20.58
CA ILE A 441 -6.59 -31.03 -19.43
C ILE A 441 -7.40 -30.72 -18.18
N GLU A 442 -7.65 -31.74 -17.38
CA GLU A 442 -8.46 -31.59 -16.18
C GLU A 442 -8.15 -32.72 -15.22
N MET A 443 -7.45 -32.40 -14.13
CA MET A 443 -7.03 -33.44 -13.19
C MET A 443 -8.22 -34.01 -12.43
N TRP A 444 -9.21 -33.18 -12.11
CA TRP A 444 -10.40 -33.66 -11.42
C TRP A 444 -11.25 -34.53 -12.36
N ASP A 445 -11.65 -35.71 -11.88
CA ASP A 445 -12.34 -36.65 -12.76
C ASP A 445 -13.76 -36.22 -13.12
N PRO A 446 -14.63 -35.85 -12.17
CA PRO A 446 -16.02 -35.51 -12.57
C PRO A 446 -16.10 -34.35 -13.56
N ALA A 447 -15.22 -33.36 -13.44
CA ALA A 447 -15.23 -32.26 -14.38
C ALA A 447 -14.79 -32.72 -15.76
N ALA A 448 -13.80 -33.62 -15.82
CA ALA A 448 -13.36 -34.14 -17.11
C ALA A 448 -14.46 -34.97 -17.77
N GLN A 449 -15.20 -35.76 -16.97
CA GLN A 449 -16.28 -36.54 -17.53
C GLN A 449 -17.40 -35.65 -18.07
N ALA A 450 -17.78 -34.62 -17.31
CA ALA A 450 -18.80 -33.70 -17.81
C ALA A 450 -18.32 -32.97 -19.06
N PHE A 451 -17.01 -32.71 -19.16
CA PHE A 451 -16.48 -32.07 -20.36
C PHE A 451 -16.59 -33.01 -21.55
N ARG A 452 -16.34 -34.30 -21.33
CA ARG A 452 -16.52 -35.25 -22.42
C ARG A 452 -17.98 -35.36 -22.83
N LEU A 453 -18.89 -35.25 -21.87
CA LEU A 453 -20.31 -35.34 -22.19
C LEU A 453 -20.74 -34.16 -23.06
N ASN A 454 -20.19 -32.97 -22.80
CA ASN A 454 -20.58 -31.82 -23.62
C ASN A 454 -19.70 -31.62 -24.85
N ASN A 455 -18.57 -32.31 -24.95
CA ASN A 455 -17.69 -32.21 -26.11
C ASN A 455 -17.27 -33.60 -26.55
N PRO A 456 -17.94 -34.19 -27.55
CA PRO A 456 -17.58 -35.55 -27.98
C PRO A 456 -16.30 -35.61 -28.79
N GLY A 457 -15.85 -34.51 -29.38
CA GLY A 457 -14.66 -34.53 -30.19
C GLY A 457 -13.47 -33.85 -29.54
N THR A 458 -13.30 -34.05 -28.24
CA THR A 458 -12.20 -33.46 -27.50
C THR A 458 -11.45 -34.54 -26.76
N THR A 459 -10.12 -34.54 -26.89
CA THR A 459 -9.27 -35.45 -26.14
C THR A 459 -9.07 -34.87 -24.74
N VAL A 460 -9.72 -35.47 -23.75
CA VAL A 460 -9.70 -34.94 -22.39
C VAL A 460 -8.67 -35.72 -21.60
N PHE A 461 -7.60 -35.04 -21.19
CA PHE A 461 -6.55 -35.63 -20.38
C PHE A 461 -6.84 -35.38 -18.91
N THR A 462 -6.73 -36.42 -18.09
CA THR A 462 -6.92 -36.30 -16.66
C THR A 462 -5.61 -36.21 -15.90
N GLU A 463 -4.47 -36.26 -16.60
CA GLU A 463 -3.18 -36.17 -15.94
C GLU A 463 -2.92 -34.72 -15.51
N ASP A 464 -1.80 -34.53 -14.81
CA ASP A 464 -1.39 -33.19 -14.41
C ASP A 464 -0.79 -32.46 -15.59
N CYS A 465 -1.03 -31.15 -15.67
CA CYS A 465 -0.56 -30.37 -16.80
C CYS A 465 0.97 -30.36 -16.89
N ASN A 466 1.64 -30.32 -15.74
CA ASN A 466 3.10 -30.37 -15.73
C ASN A 466 3.60 -31.69 -16.31
N VAL A 467 2.98 -32.80 -15.90
CA VAL A 467 3.41 -34.11 -16.38
C VAL A 467 3.17 -34.25 -17.87
N LEU A 468 2.02 -33.76 -18.34
CA LEU A 468 1.68 -33.88 -19.76
C LEU A 468 2.62 -33.05 -20.63
N LEU A 469 2.97 -31.86 -20.15
CA LEU A 469 3.91 -31.04 -20.90
C LEU A 469 5.32 -31.65 -20.87
N LYS A 470 5.69 -32.29 -19.76
CA LYS A 470 6.96 -33.00 -19.73
C LYS A 470 6.95 -34.18 -20.69
N LEU A 471 5.78 -34.76 -20.93
CA LEU A 471 5.71 -35.85 -21.92
C LEU A 471 5.91 -35.32 -23.32
N VAL A 472 5.26 -34.21 -23.66
CA VAL A 472 5.42 -33.68 -25.02
C VAL A 472 6.82 -33.10 -25.23
N MET A 473 7.54 -32.75 -24.16
CA MET A 473 8.90 -32.26 -24.33
C MET A 473 9.91 -33.35 -24.66
N ALA A 474 9.63 -34.60 -24.26
CA ALA A 474 10.52 -35.72 -24.56
C ALA A 474 10.30 -36.30 -25.95
N GLY A 475 9.42 -35.71 -26.76
CA GLY A 475 9.13 -36.20 -28.08
C GLY A 475 8.10 -37.30 -28.16
N GLU A 476 7.51 -37.69 -27.03
CA GLU A 476 6.49 -38.74 -27.04
C GLU A 476 5.23 -38.26 -27.74
N VAL A 477 4.54 -39.19 -28.39
CA VAL A 477 3.36 -38.87 -29.19
C VAL A 477 2.08 -39.05 -28.38
N THR A 478 1.93 -40.19 -27.71
CA THR A 478 0.74 -40.47 -26.92
C THR A 478 1.13 -40.84 -25.49
N ASN A 479 0.15 -40.81 -24.60
CA ASN A 479 0.37 -41.18 -23.20
C ASN A 479 0.21 -42.70 -23.06
N SER A 480 -0.03 -43.16 -21.83
CA SER A 480 -0.24 -44.59 -21.60
C SER A 480 -1.61 -45.05 -22.11
N LEU A 481 -2.58 -44.13 -22.16
CA LEU A 481 -3.93 -44.44 -22.59
C LEU A 481 -4.11 -44.38 -24.10
N GLY A 482 -3.08 -44.03 -24.85
CA GLY A 482 -3.19 -43.91 -26.29
C GLY A 482 -3.77 -42.60 -26.78
N GLN A 483 -3.88 -41.60 -25.92
CA GLN A 483 -4.43 -40.31 -26.31
C GLN A 483 -3.35 -39.45 -26.95
N ARG A 484 -3.61 -38.98 -28.16
CA ARG A 484 -2.61 -38.21 -28.90
C ARG A 484 -2.34 -36.88 -28.21
N LEU A 485 -1.05 -36.55 -28.05
CA LEU A 485 -0.62 -35.31 -27.45
C LEU A 485 -0.43 -34.23 -28.52
N PRO A 486 -0.91 -33.02 -28.27
CA PRO A 486 -0.73 -31.95 -29.25
C PRO A 486 0.74 -31.56 -29.38
N GLN A 487 1.14 -31.23 -30.62
CA GLN A 487 2.49 -30.84 -30.93
C GLN A 487 2.52 -29.38 -31.37
N LYS A 488 3.72 -28.89 -31.71
CA LYS A 488 3.85 -27.53 -32.18
C LYS A 488 3.17 -27.38 -33.53
N GLY A 489 2.28 -26.39 -33.64
CA GLY A 489 1.47 -26.18 -34.82
C GLY A 489 0.05 -26.68 -34.68
N ASP A 490 -0.20 -27.62 -33.77
CA ASP A 490 -1.55 -28.11 -33.57
C ASP A 490 -2.41 -27.10 -32.84
N VAL A 491 -1.86 -26.43 -31.83
CA VAL A 491 -2.62 -25.51 -30.99
C VAL A 491 -2.59 -24.14 -31.65
N GLU A 492 -3.78 -23.63 -31.99
CA GLU A 492 -3.93 -22.27 -32.48
C GLU A 492 -4.39 -21.29 -31.41
N MET A 493 -5.06 -21.77 -30.36
CA MET A 493 -5.43 -20.89 -29.26
C MET A 493 -5.31 -21.66 -27.94
N LEU A 494 -4.70 -21.01 -26.95
CA LEU A 494 -4.53 -21.57 -25.62
C LEU A 494 -5.38 -20.78 -24.64
N CYS A 495 -6.27 -21.46 -23.92
CA CYS A 495 -7.12 -20.78 -22.95
C CYS A 495 -7.18 -21.58 -21.67
N GLY A 496 -7.39 -20.88 -20.55
CA GLY A 496 -7.48 -21.56 -19.28
C GLY A 496 -7.71 -20.63 -18.11
N GLY A 497 -8.23 -21.22 -17.03
CA GLY A 497 -8.44 -20.54 -15.78
C GLY A 497 -7.84 -21.32 -14.64
N PRO A 498 -6.62 -20.98 -14.24
CA PRO A 498 -5.95 -21.69 -13.15
C PRO A 498 -6.71 -21.56 -11.84
N PRO A 499 -6.44 -22.42 -10.86
CA PRO A 499 -7.17 -22.37 -9.59
C PRO A 499 -7.05 -21.01 -8.93
N CYS A 500 -8.20 -20.44 -8.60
CA CYS A 500 -8.29 -19.13 -7.97
C CYS A 500 -8.43 -19.19 -6.45
N GLN A 501 -8.41 -20.39 -5.87
CA GLN A 501 -8.52 -20.51 -4.42
C GLN A 501 -7.32 -19.90 -3.71
N GLY A 502 -6.19 -19.76 -4.40
CA GLY A 502 -5.05 -19.05 -3.82
C GLY A 502 -5.15 -17.55 -3.94
N PHE A 503 -5.90 -17.05 -4.94
CA PHE A 503 -6.12 -15.62 -5.12
C PHE A 503 -7.47 -15.17 -4.60
N SER A 504 -8.34 -16.10 -4.19
CA SER A 504 -9.67 -15.73 -3.72
C SER A 504 -9.57 -14.92 -2.43
N GLY A 505 -10.43 -13.90 -2.30
CA GLY A 505 -10.46 -13.12 -1.09
C GLY A 505 -10.98 -13.87 0.12
N MET A 506 -11.76 -14.93 -0.09
CA MET A 506 -12.32 -15.69 1.01
C MET A 506 -11.31 -16.64 1.65
N ASN A 507 -10.21 -16.93 0.98
CA ASN A 507 -9.19 -17.82 1.53
C ASN A 507 -8.51 -17.13 2.71
N ARG A 508 -8.52 -17.78 3.87
CA ARG A 508 -7.97 -17.17 5.08
C ARG A 508 -6.48 -17.43 5.23
N PHE A 509 -6.05 -18.68 5.12
CA PHE A 509 -4.65 -19.04 5.37
C PHE A 509 -3.82 -18.99 4.08
N ASN A 510 -3.99 -17.91 3.31
CA ASN A 510 -3.30 -17.80 2.02
C ASN A 510 -1.78 -17.78 2.15
N SER A 511 -1.25 -17.65 3.36
CA SER A 511 0.19 -17.66 3.58
C SER A 511 0.66 -19.06 3.99
N TYR A 514 1.49 -20.76 -1.54
CA TYR A 514 2.93 -21.10 -1.58
C TYR A 514 3.65 -20.10 -2.54
N SER A 515 4.75 -19.41 -2.19
CA SER A 515 5.56 -18.56 -3.11
C SER A 515 5.94 -19.18 -4.47
N LYS A 516 7.22 -19.08 -4.82
CA LYS A 516 7.81 -19.70 -6.01
C LYS A 516 6.85 -19.67 -7.19
N PHE A 517 6.53 -18.44 -7.61
CA PHE A 517 5.53 -18.22 -8.64
C PHE A 517 5.97 -18.98 -9.88
N LYS A 518 7.29 -19.06 -10.08
CA LYS A 518 7.87 -19.76 -11.21
C LYS A 518 7.46 -21.23 -11.23
N ASN A 519 6.99 -21.78 -10.11
CA ASN A 519 6.47 -23.14 -10.09
C ASN A 519 4.97 -23.26 -9.87
N SER A 520 4.29 -22.18 -9.49
CA SER A 520 2.83 -22.21 -9.40
C SER A 520 2.24 -22.49 -10.78
N LEU A 521 0.98 -22.95 -10.79
CA LEU A 521 0.35 -23.40 -12.02
C LEU A 521 0.29 -22.33 -13.11
N VAL A 522 0.20 -21.05 -12.73
CA VAL A 522 0.08 -20.02 -13.75
C VAL A 522 1.32 -19.96 -14.65
N VAL A 523 2.48 -20.32 -14.10
CA VAL A 523 3.70 -20.37 -14.93
C VAL A 523 3.75 -21.65 -15.74
N SER A 524 3.19 -22.74 -15.22
CA SER A 524 3.06 -23.94 -16.05
C SER A 524 2.18 -23.65 -17.27
N PHE A 525 1.09 -22.93 -17.06
CA PHE A 525 0.21 -22.51 -18.17
C PHE A 525 0.96 -21.59 -19.12
N LEU A 526 1.86 -20.77 -18.58
CA LEU A 526 2.71 -19.95 -19.44
C LEU A 526 3.74 -20.80 -20.17
N SER A 527 4.16 -21.91 -19.56
CA SER A 527 5.09 -22.82 -20.22
C SER A 527 4.42 -23.50 -21.40
N TYR A 528 3.12 -23.80 -21.29
CA TYR A 528 2.37 -24.26 -22.47
C TYR A 528 2.37 -23.19 -23.55
N CYS A 529 2.12 -21.94 -23.15
CA CYS A 529 2.13 -20.86 -24.14
C CYS A 529 3.51 -20.64 -24.75
N ASP A 530 4.57 -20.96 -24.02
CA ASP A 530 5.92 -20.85 -24.53
C ASP A 530 6.26 -21.98 -25.48
N TYR A 531 5.77 -23.19 -25.19
CA TYR A 531 6.10 -24.35 -26.03
C TYR A 531 5.34 -24.29 -27.34
N TYR A 532 4.01 -24.26 -27.29
CA TYR A 532 3.24 -24.32 -28.53
C TYR A 532 3.28 -22.99 -29.29
N ARG A 533 3.36 -21.87 -28.57
CA ARG A 533 3.29 -20.54 -29.16
C ARG A 533 2.04 -20.39 -30.01
N PRO A 534 0.86 -20.36 -29.39
CA PRO A 534 -0.38 -20.23 -30.16
C PRO A 534 -0.55 -18.82 -30.73
N ARG A 535 -1.56 -18.68 -31.58
CA ARG A 535 -1.88 -17.36 -32.12
C ARG A 535 -2.61 -16.50 -31.10
N PHE A 536 -3.35 -17.10 -30.19
CA PHE A 536 -4.08 -16.36 -29.17
C PHE A 536 -3.95 -17.07 -27.83
N PHE A 537 -4.12 -16.28 -26.76
CA PHE A 537 -3.88 -16.75 -25.40
C PHE A 537 -4.84 -16.03 -24.45
N LEU A 538 -5.50 -16.79 -23.59
CA LEU A 538 -6.45 -16.23 -22.64
C LEU A 538 -6.29 -16.87 -21.27
N LEU A 539 -6.14 -16.03 -20.25
CA LEU A 539 -6.03 -16.48 -18.87
C LEU A 539 -7.13 -15.80 -18.06
N GLU A 540 -7.93 -16.61 -17.37
CA GLU A 540 -9.04 -16.11 -16.58
C GLU A 540 -8.81 -16.44 -15.11
N ASN A 541 -9.14 -15.49 -14.24
CA ASN A 541 -8.99 -15.68 -12.80
C ASN A 541 -9.89 -14.66 -12.11
N VAL A 542 -9.93 -14.71 -10.78
CA VAL A 542 -10.76 -13.78 -10.02
C VAL A 542 -10.18 -12.38 -10.17
N ARG A 543 -10.95 -11.36 -9.78
CA ARG A 543 -10.48 -9.98 -9.90
C ARG A 543 -9.25 -9.75 -9.05
N ASN A 544 -9.23 -10.32 -7.84
CA ASN A 544 -8.15 -10.15 -6.89
C ASN A 544 -6.83 -10.70 -7.44
N PHE A 545 -6.87 -11.29 -8.63
CA PHE A 545 -5.64 -11.74 -9.27
C PHE A 545 -4.73 -10.56 -9.59
N VAL A 546 -5.29 -9.37 -9.79
CA VAL A 546 -4.47 -8.20 -10.12
C VAL A 546 -3.96 -7.48 -8.88
N SER A 547 -4.35 -7.90 -7.68
CA SER A 547 -3.85 -7.29 -6.46
C SER A 547 -3.18 -8.30 -5.53
N TYR A 548 -3.03 -9.55 -5.95
CA TYR A 548 -2.39 -10.56 -5.13
C TYR A 548 -0.89 -10.32 -5.05
N ARG A 549 -0.35 -10.36 -3.82
CA ARG A 549 1.07 -10.13 -3.57
C ARG A 549 1.51 -8.77 -4.11
N ARG A 550 0.73 -7.75 -3.81
CA ARG A 550 0.99 -6.37 -4.25
C ARG A 550 1.15 -6.32 -5.77
N SER A 551 0.25 -7.03 -6.46
CA SER A 551 0.17 -7.05 -7.92
C SER A 551 1.43 -7.62 -8.57
N MET A 552 2.17 -8.47 -7.86
CA MET A 552 3.39 -9.05 -8.41
C MET A 552 3.09 -10.17 -9.41
N VAL A 553 2.04 -10.96 -9.15
CA VAL A 553 1.69 -12.06 -10.06
C VAL A 553 1.31 -11.51 -11.43
N LEU A 554 0.50 -10.44 -11.44
CA LEU A 554 0.09 -9.84 -12.70
C LEU A 554 1.28 -9.26 -13.46
N LYS A 555 2.16 -8.55 -12.75
CA LYS A 555 3.31 -7.93 -13.40
C LYS A 555 4.26 -8.98 -13.94
N LEU A 556 4.37 -10.12 -13.25
CA LEU A 556 5.31 -11.15 -13.71
C LEU A 556 4.74 -11.96 -14.87
N THR A 557 3.43 -12.23 -14.87
CA THR A 557 2.84 -12.91 -16.03
C THR A 557 2.89 -12.02 -17.27
N LEU A 558 2.61 -10.72 -17.10
CA LEU A 558 2.70 -9.81 -18.24
C LEU A 558 4.13 -9.69 -18.74
N ARG A 559 5.10 -9.66 -17.81
CA ARG A 559 6.49 -9.59 -18.22
C ARG A 559 6.91 -10.84 -18.97
N CYS A 560 6.46 -12.00 -18.52
CA CYS A 560 6.80 -13.24 -19.21
C CYS A 560 6.20 -13.27 -20.60
N LEU A 561 5.00 -12.72 -20.78
CA LEU A 561 4.44 -12.61 -22.13
C LEU A 561 5.24 -11.64 -22.99
N VAL A 562 5.70 -10.53 -22.40
CA VAL A 562 6.48 -9.56 -23.17
C VAL A 562 7.81 -10.16 -23.60
N ARG A 563 8.41 -11.00 -22.74
CA ARG A 563 9.70 -11.61 -23.06
C ARG A 563 9.58 -12.56 -24.25
N MET A 564 8.45 -13.25 -24.38
CA MET A 564 8.21 -14.16 -25.49
C MET A 564 7.93 -13.43 -26.81
N GLY A 565 7.84 -12.10 -26.79
CA GLY A 565 7.47 -11.35 -27.96
C GLY A 565 5.98 -11.20 -28.18
N TYR A 566 5.17 -11.61 -27.20
CA TYR A 566 3.72 -11.60 -27.34
C TYR A 566 3.15 -10.21 -27.09
N GLN A 567 2.20 -9.82 -27.93
CA GLN A 567 1.33 -8.70 -27.56
C GLN A 567 0.41 -9.15 -26.44
N CYS A 568 0.13 -8.26 -25.48
CA CYS A 568 -0.68 -8.68 -24.35
C CYS A 568 -1.35 -7.48 -23.71
N THR A 569 -2.36 -7.77 -22.90
CA THR A 569 -3.10 -6.77 -22.15
C THR A 569 -3.92 -7.48 -21.09
N PHE A 570 -4.51 -6.69 -20.19
CA PHE A 570 -5.31 -7.26 -19.11
C PHE A 570 -6.47 -6.32 -18.79
N GLY A 571 -7.40 -6.84 -18.02
CA GLY A 571 -8.58 -6.06 -17.66
C GLY A 571 -9.48 -6.85 -16.73
N VAL A 572 -10.48 -6.15 -16.21
CA VAL A 572 -11.46 -6.74 -15.31
C VAL A 572 -12.83 -6.62 -15.98
N LEU A 573 -13.58 -7.73 -16.00
CA LEU A 573 -14.89 -7.73 -16.62
C LEU A 573 -15.92 -8.26 -15.63
N GLN A 574 -17.08 -7.60 -15.59
CA GLN A 574 -18.20 -8.05 -14.78
C GLN A 574 -19.10 -8.92 -15.65
N ALA A 575 -19.23 -10.20 -15.27
CA ALA A 575 -20.03 -11.11 -16.08
C ALA A 575 -21.50 -10.70 -16.12
N GLY A 576 -22.00 -10.08 -15.05
CA GLY A 576 -23.38 -9.64 -15.02
C GLY A 576 -23.72 -8.62 -16.08
N GLN A 577 -22.71 -7.94 -16.64
CA GLN A 577 -22.92 -6.98 -17.72
C GLN A 577 -23.07 -7.64 -19.08
N TYR A 578 -22.98 -8.97 -19.17
CA TYR A 578 -23.00 -9.63 -20.47
C TYR A 578 -24.11 -10.67 -20.59
N GLY A 579 -25.08 -10.67 -19.69
CA GLY A 579 -26.27 -11.47 -19.89
C GLY A 579 -26.66 -12.43 -18.78
N VAL A 580 -25.99 -12.34 -17.63
CA VAL A 580 -26.30 -13.20 -16.50
C VAL A 580 -26.72 -12.32 -15.33
N ALA A 581 -27.46 -12.93 -14.40
CA ALA A 581 -27.95 -12.24 -13.20
C ALA A 581 -27.04 -12.52 -12.01
N GLN A 582 -25.74 -12.32 -12.17
CA GLN A 582 -24.79 -12.68 -11.14
C GLN A 582 -23.62 -11.71 -11.15
N THR A 583 -23.19 -11.30 -9.96
CA THR A 583 -21.99 -10.50 -9.81
C THR A 583 -20.78 -11.42 -9.89
N ARG A 584 -19.96 -11.24 -10.92
CA ARG A 584 -18.80 -12.11 -11.11
C ARG A 584 -17.72 -11.30 -11.83
N ARG A 585 -16.95 -10.55 -11.04
CA ARG A 585 -15.80 -9.83 -11.58
C ARG A 585 -14.67 -10.82 -11.79
N ARG A 586 -14.12 -10.84 -13.00
CA ARG A 586 -13.04 -11.75 -13.33
C ARG A 586 -11.96 -11.00 -14.09
N ALA A 587 -10.72 -11.18 -13.65
CA ALA A 587 -9.57 -10.63 -14.34
C ALA A 587 -9.22 -11.50 -15.54
N ILE A 588 -9.11 -10.87 -16.70
CA ILE A 588 -8.81 -11.54 -17.96
C ILE A 588 -7.51 -10.98 -18.50
N ILE A 589 -6.61 -11.87 -18.90
CA ILE A 589 -5.33 -11.51 -19.49
C ILE A 589 -5.33 -12.07 -20.91
N LEU A 590 -5.32 -11.18 -21.90
CA LEU A 590 -5.30 -11.54 -23.31
C LEU A 590 -3.90 -11.41 -23.88
N ALA A 591 -3.63 -12.21 -24.90
CA ALA A 591 -2.34 -12.16 -25.58
C ALA A 591 -2.49 -12.65 -27.00
N ALA A 592 -1.76 -12.01 -27.92
CA ALA A 592 -1.82 -12.32 -29.34
C ALA A 592 -0.42 -12.39 -29.91
N ALA A 593 -0.27 -13.23 -30.94
CA ALA A 593 1.00 -13.41 -31.61
C ALA A 593 1.43 -12.12 -32.31
N PRO A 594 2.72 -11.94 -32.55
CA PRO A 594 3.19 -10.71 -33.22
C PRO A 594 2.56 -10.50 -34.59
N GLY A 595 2.29 -11.56 -35.34
CA GLY A 595 1.66 -11.41 -36.64
C GLY A 595 0.16 -11.20 -36.60
N GLU A 596 -0.47 -11.38 -35.45
CA GLU A 596 -1.90 -11.21 -35.29
C GLU A 596 -2.20 -9.81 -34.75
N LYS A 597 -3.46 -9.58 -34.39
CA LYS A 597 -3.91 -8.32 -33.82
C LYS A 597 -4.46 -8.58 -32.43
N LEU A 598 -4.03 -7.78 -31.47
CA LEU A 598 -4.46 -7.96 -30.09
C LEU A 598 -5.92 -7.56 -29.94
N PRO A 599 -6.80 -8.46 -29.50
CA PRO A 599 -8.23 -8.13 -29.42
C PRO A 599 -8.52 -7.14 -28.30
N LEU A 600 -9.71 -6.57 -28.35
CA LEU A 600 -10.20 -5.66 -27.34
C LEU A 600 -11.12 -6.38 -26.37
N PHE A 601 -11.43 -5.71 -25.27
CA PHE A 601 -12.34 -6.33 -24.32
C PHE A 601 -13.79 -6.07 -24.71
N PRO A 602 -14.68 -7.03 -24.43
CA PRO A 602 -16.06 -6.91 -24.92
C PRO A 602 -16.80 -5.74 -24.28
N GLU A 603 -17.46 -4.95 -25.12
CA GLU A 603 -18.26 -3.84 -24.63
C GLU A 603 -19.50 -4.37 -23.90
N PRO A 604 -19.84 -3.81 -22.74
CA PRO A 604 -20.97 -4.34 -21.98
C PRO A 604 -22.26 -4.31 -22.77
N LEU A 605 -23.03 -5.39 -22.66
CA LEU A 605 -24.29 -5.53 -23.36
C LEU A 605 -25.50 -5.21 -22.49
N HIS A 606 -25.45 -5.51 -21.19
CA HIS A 606 -26.55 -5.28 -20.29
C HIS A 606 -26.14 -4.27 -19.22
N VAL A 607 -27.12 -3.54 -18.71
CA VAL A 607 -26.89 -2.65 -17.58
C VAL A 607 -26.80 -3.47 -16.30
N PHE A 608 -26.09 -2.94 -15.30
CA PHE A 608 -25.90 -3.65 -14.04
C PHE A 608 -25.71 -2.63 -12.92
N ALA A 609 -25.82 -3.12 -11.69
CA ALA A 609 -25.68 -2.24 -10.53
C ALA A 609 -24.27 -1.65 -10.48
N PRO A 610 -24.14 -0.34 -10.27
CA PRO A 610 -22.79 0.27 -10.26
C PRO A 610 -21.92 -0.17 -9.11
N ARG A 611 -22.51 -0.71 -8.02
CA ARG A 611 -21.69 -1.19 -6.91
C ARG A 611 -20.76 -2.31 -7.36
N ALA A 612 -21.19 -3.11 -8.33
CA ALA A 612 -20.42 -4.25 -8.81
C ALA A 612 -19.78 -4.01 -10.17
N CYS A 613 -19.76 -2.77 -10.64
CA CYS A 613 -19.17 -2.43 -11.93
C CYS A 613 -17.88 -1.62 -11.75
N GLN A 614 -17.19 -1.84 -10.63
CA GLN A 614 -15.92 -1.20 -10.33
C GLN A 614 -14.80 -2.04 -10.95
N LEU A 615 -14.56 -1.79 -12.24
CA LEU A 615 -13.60 -2.56 -13.03
C LEU A 615 -12.20 -1.95 -13.04
N SER A 616 -11.97 -0.87 -12.31
CA SER A 616 -10.68 -0.21 -12.32
C SER A 616 -9.65 -1.06 -11.59
N VAL A 617 -8.38 -0.89 -11.97
CA VAL A 617 -7.29 -1.61 -11.30
C VAL A 617 -6.12 -0.66 -11.11
N VAL A 618 -5.63 -0.57 -9.88
CA VAL A 618 -4.54 0.34 -9.55
C VAL A 618 -3.32 -0.49 -9.20
N VAL A 619 -2.22 -0.29 -9.94
CA VAL A 619 -0.97 -0.98 -9.70
C VAL A 619 0.13 0.07 -9.61
N ASP A 620 0.83 0.10 -8.47
CA ASP A 620 1.94 1.01 -8.25
C ASP A 620 1.52 2.47 -8.49
N ASP A 621 0.43 2.87 -7.83
CA ASP A 621 -0.11 4.22 -7.85
C ASP A 621 -0.66 4.61 -9.22
N LYS A 622 -0.52 3.75 -10.24
CA LYS A 622 -1.02 4.06 -11.56
C LYS A 622 -2.35 3.34 -11.80
N LYS A 623 -3.35 4.10 -12.23
CA LYS A 623 -4.68 3.55 -12.51
C LYS A 623 -4.75 3.06 -13.95
N PHE A 624 -5.29 1.86 -14.13
CA PHE A 624 -5.48 1.25 -15.43
C PHE A 624 -6.91 0.78 -15.58
N VAL A 625 -7.45 0.93 -16.79
CA VAL A 625 -8.81 0.54 -17.12
C VAL A 625 -8.80 -0.15 -18.47
N SER A 626 -9.88 -0.87 -18.75
CA SER A 626 -10.03 -1.53 -20.04
C SER A 626 -10.48 -0.53 -21.11
N ASN A 627 -10.49 -0.98 -22.36
CA ASN A 627 -10.93 -0.15 -23.48
C ASN A 627 -12.43 0.04 -23.51
N ILE A 628 -13.14 -0.44 -22.50
CA ILE A 628 -14.59 -0.30 -22.45
C ILE A 628 -14.96 1.17 -22.40
N THR A 629 -15.91 1.57 -23.25
CA THR A 629 -16.40 2.94 -23.29
C THR A 629 -17.78 3.10 -22.68
N ARG A 630 -18.53 2.01 -22.50
CA ARG A 630 -19.86 2.06 -21.91
C ARG A 630 -19.70 1.95 -20.39
N LEU A 631 -19.88 3.08 -19.70
CA LEU A 631 -19.79 3.13 -18.25
C LEU A 631 -21.14 3.35 -17.59
N SER A 632 -21.93 4.29 -18.12
CA SER A 632 -23.20 4.66 -17.50
C SER A 632 -24.29 3.64 -17.81
N SER A 633 -24.59 3.44 -19.10
CA SER A 633 -25.73 2.64 -19.53
C SER A 633 -25.29 1.65 -20.60
N GLY A 634 -26.27 0.88 -21.08
CA GLY A 634 -26.03 -0.13 -22.09
C GLY A 634 -27.26 -0.37 -22.95
N PRO A 635 -27.10 -1.17 -24.00
CA PRO A 635 -28.22 -1.36 -24.94
C PRO A 635 -29.36 -2.22 -24.38
N PHE A 636 -29.07 -3.17 -23.50
CA PHE A 636 -30.08 -4.10 -23.01
C PHE A 636 -30.26 -3.95 -21.50
N ARG A 637 -31.45 -4.28 -21.03
CA ARG A 637 -31.76 -4.18 -19.62
C ARG A 637 -31.04 -5.26 -18.82
N THR A 638 -31.08 -5.11 -17.50
CA THR A 638 -30.39 -6.06 -16.63
C THR A 638 -31.15 -7.38 -16.56
N ILE A 639 -30.40 -8.48 -16.57
CA ILE A 639 -30.98 -9.79 -16.33
C ILE A 639 -31.17 -9.99 -14.84
N THR A 640 -32.38 -10.35 -14.43
CA THR A 640 -32.72 -10.46 -13.02
C THR A 640 -32.96 -11.92 -12.64
N VAL A 641 -33.12 -12.15 -11.33
CA VAL A 641 -33.39 -13.50 -10.84
C VAL A 641 -34.68 -14.03 -11.42
N ARG A 642 -35.67 -13.15 -11.60
CA ARG A 642 -36.94 -13.56 -12.20
C ARG A 642 -36.73 -14.13 -13.60
N ASP A 643 -35.94 -13.44 -14.42
CA ASP A 643 -35.60 -13.96 -15.75
C ASP A 643 -34.74 -15.21 -15.70
N THR A 644 -34.27 -15.60 -14.51
CA THR A 644 -33.35 -16.71 -14.35
C THR A 644 -33.97 -17.94 -13.72
N MET A 645 -35.03 -17.79 -12.94
CA MET A 645 -35.57 -18.90 -12.16
C MET A 645 -37.08 -19.03 -12.16
N SER A 646 -37.82 -18.17 -12.88
CA SER A 646 -39.26 -18.14 -12.74
C SER A 646 -39.93 -19.42 -13.28
N ASP A 647 -39.33 -20.06 -14.28
CA ASP A 647 -39.98 -21.20 -14.92
C ASP A 647 -39.72 -22.52 -14.20
N LEU A 648 -38.87 -22.55 -13.19
CA LEU A 648 -38.52 -23.82 -12.57
C LEU A 648 -39.57 -24.22 -11.54
N PRO A 649 -39.92 -25.49 -11.48
CA PRO A 649 -41.00 -25.93 -10.58
C PRO A 649 -40.59 -25.84 -9.10
N GLU A 650 -41.61 -25.89 -8.25
CA GLU A 650 -41.40 -25.79 -6.81
C GLU A 650 -40.99 -27.14 -6.24
N ILE A 651 -39.86 -27.17 -5.54
CA ILE A 651 -39.32 -28.39 -4.97
C ILE A 651 -39.04 -28.17 -3.49
N GLN A 652 -38.92 -29.27 -2.76
CA GLN A 652 -38.65 -29.24 -1.33
C GLN A 652 -37.13 -29.30 -1.08
N ASN A 653 -36.75 -29.00 0.16
CA ASN A 653 -35.35 -29.04 0.54
C ASN A 653 -34.86 -30.47 0.55
N GLY A 654 -33.82 -30.76 -0.22
CA GLY A 654 -33.28 -32.10 -0.34
C GLY A 654 -33.79 -32.90 -1.50
N ALA A 655 -34.23 -32.24 -2.58
CA ALA A 655 -34.74 -32.95 -3.74
C ALA A 655 -33.63 -33.78 -4.38
N SER A 656 -33.99 -35.00 -4.80
CA SER A 656 -33.05 -35.91 -5.42
C SER A 656 -33.48 -36.36 -6.81
N ASN A 657 -34.65 -35.93 -7.27
CA ASN A 657 -35.15 -36.32 -8.59
C ASN A 657 -34.33 -35.58 -9.65
N SER A 658 -33.39 -36.29 -10.27
CA SER A 658 -32.47 -35.66 -11.21
C SER A 658 -33.15 -35.29 -12.54
N GLU A 659 -34.31 -35.86 -12.84
CA GLU A 659 -35.02 -35.56 -14.09
C GLU A 659 -36.50 -35.39 -13.77
N ILE A 660 -36.98 -34.16 -13.77
CA ILE A 660 -38.40 -33.88 -13.56
C ILE A 660 -38.92 -33.11 -14.76
N PRO A 661 -40.21 -33.19 -15.09
CA PRO A 661 -40.70 -32.46 -16.26
C PRO A 661 -40.92 -30.99 -15.97
N TYR A 662 -40.79 -30.18 -17.02
CA TYR A 662 -41.21 -28.78 -16.95
C TYR A 662 -42.71 -28.71 -16.77
N ASN A 663 -43.15 -27.89 -15.82
CA ASN A 663 -44.57 -27.64 -15.62
C ASN A 663 -45.00 -26.32 -16.24
N GLY A 664 -44.61 -26.11 -17.48
CA GLY A 664 -44.95 -24.88 -18.18
C GLY A 664 -43.93 -24.59 -19.27
N GLU A 665 -44.14 -23.46 -19.92
CA GLU A 665 -43.28 -22.97 -20.99
C GLU A 665 -42.33 -21.92 -20.45
N PRO A 666 -41.29 -21.57 -21.20
CA PRO A 666 -40.39 -20.49 -20.75
C PRO A 666 -41.15 -19.19 -20.50
N LEU A 667 -40.76 -18.50 -19.44
CA LEU A 667 -41.45 -17.30 -18.98
C LEU A 667 -40.64 -16.04 -19.18
N SER A 668 -39.51 -16.11 -19.89
CA SER A 668 -38.69 -14.94 -20.13
C SER A 668 -37.81 -15.18 -21.34
N TRP A 669 -37.19 -14.10 -21.83
CA TRP A 669 -36.26 -14.20 -22.94
C TRP A 669 -35.04 -15.04 -22.58
N PHE A 670 -34.54 -14.89 -21.36
CA PHE A 670 -33.36 -15.63 -20.91
C PHE A 670 -33.62 -17.14 -20.94
N GLN A 671 -34.77 -17.55 -20.39
CA GLN A 671 -35.13 -18.96 -20.40
C GLN A 671 -35.37 -19.46 -21.82
N ARG A 672 -35.88 -18.59 -22.70
CA ARG A 672 -36.06 -19.00 -24.09
C ARG A 672 -34.73 -19.17 -24.80
N GLN A 673 -33.70 -18.43 -24.37
CA GLN A 673 -32.37 -18.60 -24.96
C GLN A 673 -31.71 -19.87 -24.46
N LEU A 674 -31.96 -20.26 -23.22
CA LEU A 674 -31.29 -21.44 -22.68
C LEU A 674 -32.03 -22.74 -22.97
N ARG A 675 -33.36 -22.71 -23.05
CA ARG A 675 -34.16 -23.91 -23.30
C ARG A 675 -34.35 -24.20 -24.78
N GLY A 676 -34.03 -23.27 -25.68
CA GLY A 676 -34.16 -23.50 -27.10
C GLY A 676 -35.60 -23.48 -27.58
N SER A 677 -35.79 -23.38 -28.89
CA SER A 677 -37.13 -23.38 -29.46
C SER A 677 -37.71 -24.77 -29.62
N HIS A 678 -36.88 -25.81 -29.58
CA HIS A 678 -37.35 -27.18 -29.73
C HIS A 678 -38.07 -27.64 -28.47
N TYR A 679 -38.87 -28.69 -28.63
CA TYR A 679 -39.66 -29.24 -27.52
C TYR A 679 -38.75 -30.08 -26.65
N GLN A 680 -38.54 -29.63 -25.42
CA GLN A 680 -37.75 -30.36 -24.43
C GLN A 680 -38.50 -30.33 -23.10
N PRO A 681 -39.20 -31.41 -22.75
CA PRO A 681 -40.01 -31.41 -21.53
C PRO A 681 -39.25 -31.78 -20.26
N ILE A 682 -38.07 -32.33 -20.39
CA ILE A 682 -37.33 -32.83 -19.23
C ILE A 682 -36.39 -31.76 -18.72
N LEU A 683 -36.51 -31.43 -17.44
CA LEU A 683 -35.62 -30.54 -16.72
C LEU A 683 -34.68 -31.40 -15.88
N ARG A 684 -33.38 -31.21 -16.09
CA ARG A 684 -32.34 -32.00 -15.44
C ARG A 684 -31.57 -31.15 -14.44
N ASP A 685 -31.07 -31.82 -13.40
CA ASP A 685 -30.18 -31.21 -12.40
C ASP A 685 -30.89 -30.10 -11.61
N HIS A 686 -32.15 -30.33 -11.27
CA HIS A 686 -32.89 -29.40 -10.42
C HIS A 686 -33.02 -29.99 -9.02
N ILE A 687 -31.90 -30.20 -8.36
CA ILE A 687 -31.84 -30.89 -7.07
C ILE A 687 -31.25 -29.95 -6.03
N CYS A 688 -31.76 -30.04 -4.81
CA CYS A 688 -31.31 -29.22 -3.69
C CYS A 688 -30.63 -30.10 -2.64
N LYS A 689 -29.69 -29.50 -1.92
CA LYS A 689 -28.95 -30.24 -0.90
C LYS A 689 -29.84 -30.52 0.30
N ASP A 690 -29.71 -31.72 0.86
CA ASP A 690 -30.50 -32.11 2.02
C ASP A 690 -29.90 -31.46 3.26
N MET A 691 -30.60 -30.48 3.81
CA MET A 691 -30.14 -29.76 4.99
C MET A 691 -30.57 -30.50 6.26
N SER A 692 -29.81 -30.28 7.34
CA SER A 692 -30.15 -30.85 8.61
C SER A 692 -31.46 -30.25 9.11
N PRO A 693 -32.19 -30.95 9.99
CA PRO A 693 -33.45 -30.40 10.51
C PRO A 693 -33.29 -29.03 11.16
N LEU A 694 -32.13 -28.76 11.75
CA LEU A 694 -31.88 -27.46 12.35
C LEU A 694 -31.77 -26.38 11.27
N VAL A 695 -30.95 -26.63 10.25
CA VAL A 695 -30.79 -25.67 9.16
C VAL A 695 -32.11 -25.50 8.41
N ALA A 696 -32.88 -26.59 8.27
CA ALA A 696 -34.15 -26.49 7.58
C ALA A 696 -35.13 -25.60 8.33
N ALA A 697 -35.17 -25.72 9.66
CA ALA A 697 -36.03 -24.84 10.44
C ALA A 697 -35.56 -23.39 10.33
N ARG A 698 -34.24 -23.19 10.32
CA ARG A 698 -33.71 -21.84 10.14
C ARG A 698 -34.19 -21.25 8.83
N MET A 699 -34.12 -22.03 7.75
CA MET A 699 -34.55 -21.52 6.45
C MET A 699 -36.05 -21.26 6.43
N ARG A 700 -36.84 -22.06 7.16
CA ARG A 700 -38.28 -21.79 7.19
C ARG A 700 -38.57 -20.49 7.91
N HIS A 701 -37.70 -20.07 8.83
CA HIS A 701 -37.94 -18.82 9.55
C HIS A 701 -37.24 -17.61 8.92
N ILE A 702 -36.83 -17.70 7.66
CA ILE A 702 -36.20 -16.59 6.95
C ILE A 702 -37.27 -15.85 6.15
N PRO A 703 -37.51 -14.56 6.42
CA PRO A 703 -38.55 -13.83 5.67
C PRO A 703 -38.24 -13.75 4.18
N LEU A 704 -39.30 -13.63 3.39
CA LEU A 704 -39.18 -13.57 1.93
C LEU A 704 -38.85 -12.18 1.40
N PHE A 705 -38.86 -11.15 2.25
CA PHE A 705 -38.63 -9.80 1.78
C PHE A 705 -37.18 -9.63 1.33
N PRO A 706 -36.94 -8.80 0.32
CA PRO A 706 -35.57 -8.64 -0.20
C PRO A 706 -34.63 -8.10 0.88
N GLY A 707 -33.44 -8.68 0.92
CA GLY A 707 -32.43 -8.29 1.89
C GLY A 707 -32.49 -9.02 3.21
N SER A 708 -33.52 -9.85 3.43
CA SER A 708 -33.62 -10.58 4.68
C SER A 708 -32.56 -11.66 4.74
N ASP A 709 -32.02 -11.88 5.94
CA ASP A 709 -31.03 -12.92 6.15
C ASP A 709 -31.13 -13.42 7.59
N TRP A 710 -30.04 -13.98 8.11
CA TRP A 710 -30.08 -14.61 9.43
C TRP A 710 -30.41 -13.62 10.53
N ARG A 711 -30.12 -12.34 10.32
CA ARG A 711 -30.38 -11.32 11.33
C ARG A 711 -31.85 -11.12 11.61
N ASP A 712 -32.74 -11.67 10.77
CA ASP A 712 -34.18 -11.62 11.00
C ASP A 712 -34.71 -12.85 11.71
N LEU A 713 -33.84 -13.78 12.11
CA LEU A 713 -34.30 -15.02 12.70
C LEU A 713 -34.84 -14.76 14.11
N PRO A 714 -35.94 -15.41 14.49
CA PRO A 714 -36.45 -15.26 15.85
C PRO A 714 -35.72 -16.16 16.83
N ASN A 715 -35.65 -15.71 18.08
CA ASN A 715 -35.02 -16.48 19.15
C ASN A 715 -36.12 -17.25 19.88
N ILE A 716 -36.54 -18.35 19.26
CA ILE A 716 -37.62 -19.19 19.76
C ILE A 716 -37.12 -20.63 19.83
N GLN A 717 -37.96 -21.48 20.41
CA GLN A 717 -37.69 -22.91 20.51
C GLN A 717 -38.55 -23.66 19.51
N VAL A 718 -37.92 -24.53 18.71
CA VAL A 718 -38.56 -25.24 17.62
C VAL A 718 -38.33 -26.73 17.78
N ARG A 719 -39.40 -27.52 17.66
CA ARG A 719 -39.29 -28.97 17.67
C ARG A 719 -38.82 -29.45 16.29
N LEU A 720 -37.73 -30.22 16.25
CA LEU A 720 -37.15 -30.65 15.00
C LEU A 720 -37.46 -32.14 14.73
N GLY A 721 -36.70 -32.74 13.83
CA GLY A 721 -36.94 -34.13 13.47
C GLY A 721 -36.80 -35.06 14.68
N ASP A 722 -37.69 -36.06 14.73
CA ASP A 722 -37.76 -37.03 15.84
C ASP A 722 -38.04 -36.25 17.13
N GLY A 723 -37.26 -36.44 18.19
CA GLY A 723 -37.51 -35.71 19.43
C GLY A 723 -36.52 -34.60 19.65
N VAL A 724 -35.85 -34.15 18.58
CA VAL A 724 -34.87 -33.08 18.71
C VAL A 724 -35.57 -31.75 18.96
N ILE A 725 -34.96 -30.92 19.80
CA ILE A 725 -35.53 -29.63 20.19
C ILE A 725 -34.45 -28.56 19.98
N ALA A 726 -34.79 -27.51 19.24
CA ALA A 726 -33.87 -26.41 19.04
C ALA A 726 -33.98 -25.42 20.20
N HIS A 727 -32.88 -25.24 20.93
CA HIS A 727 -32.88 -24.39 22.10
C HIS A 727 -32.86 -22.93 21.67
N LYS A 728 -33.11 -22.04 22.64
CA LYS A 728 -33.01 -20.62 22.40
C LYS A 728 -31.60 -20.14 22.70
N LEU A 729 -31.20 -19.06 22.03
CA LEU A 729 -29.89 -18.48 22.26
C LEU A 729 -29.93 -17.61 23.50
N GLN A 730 -28.91 -17.72 24.33
CA GLN A 730 -28.84 -17.03 25.61
C GLN A 730 -27.74 -15.98 25.58
N TYR A 731 -28.07 -14.75 25.96
CA TYR A 731 -27.14 -13.64 26.00
C TYR A 731 -26.78 -13.40 27.46
N THR A 732 -25.64 -13.95 27.88
CA THR A 732 -25.18 -13.84 29.27
C THR A 732 -23.89 -13.03 29.39
N PHE A 733 -23.56 -12.25 28.36
CA PHE A 733 -22.33 -11.46 28.37
C PHE A 733 -22.63 -10.05 27.86
N HIS A 734 -21.88 -9.08 28.37
CA HIS A 734 -21.99 -7.71 27.91
C HIS A 734 -21.22 -7.55 26.61
N ASP A 735 -21.80 -6.81 25.67
CA ASP A 735 -21.15 -6.49 24.41
C ASP A 735 -20.71 -5.04 24.46
N VAL A 736 -19.42 -4.82 24.70
CA VAL A 736 -18.91 -3.46 24.91
C VAL A 736 -19.02 -2.61 23.65
N LYS A 737 -19.09 -3.23 22.47
CA LYS A 737 -19.20 -2.48 21.23
C LYS A 737 -20.65 -2.16 20.87
N ASN A 738 -21.56 -3.10 21.12
CA ASN A 738 -22.96 -2.94 20.72
C ASN A 738 -23.87 -2.50 21.87
N GLY A 739 -23.40 -2.55 23.10
CA GLY A 739 -24.21 -2.07 24.21
C GLY A 739 -25.43 -2.94 24.48
N TYR A 740 -26.39 -2.36 25.18
CA TYR A 740 -27.60 -3.04 25.58
C TYR A 740 -28.68 -2.89 24.51
N SER A 741 -29.69 -3.74 24.59
CA SER A 741 -30.82 -3.70 23.67
C SER A 741 -31.92 -2.79 24.23
N SER A 742 -33.00 -2.64 23.46
CA SER A 742 -34.11 -1.80 23.90
C SER A 742 -34.83 -2.39 25.09
N THR A 743 -34.82 -3.72 25.23
CA THR A 743 -35.42 -4.40 26.37
C THR A 743 -34.48 -4.50 27.56
N GLY A 744 -33.29 -3.90 27.48
CA GLY A 744 -32.30 -4.04 28.52
C GLY A 744 -31.51 -5.33 28.48
N ALA A 745 -31.87 -6.27 27.61
CA ALA A 745 -31.17 -7.53 27.50
C ALA A 745 -29.76 -7.32 26.95
N LEU A 746 -28.91 -8.31 27.19
CA LEU A 746 -27.53 -8.25 26.73
C LEU A 746 -27.45 -8.64 25.25
N ARG A 747 -26.30 -8.32 24.64
CA ARG A 747 -26.08 -8.60 23.24
C ARG A 747 -24.79 -9.37 23.00
N GLY A 748 -24.24 -9.99 24.04
CA GLY A 748 -23.03 -10.80 23.93
C GLY A 748 -23.33 -12.25 24.22
N VAL A 749 -22.59 -13.14 23.56
CA VAL A 749 -22.75 -14.58 23.74
C VAL A 749 -21.49 -15.24 24.28
N CYS A 750 -20.36 -14.55 24.30
CA CYS A 750 -19.10 -15.10 24.78
C CYS A 750 -18.37 -14.03 25.57
N SER A 751 -17.30 -14.44 26.26
CA SER A 751 -16.52 -13.51 27.05
C SER A 751 -15.76 -12.51 26.19
N CYS A 752 -15.48 -12.85 24.93
CA CYS A 752 -14.73 -11.94 24.07
C CYS A 752 -15.53 -10.69 23.73
N ALA A 753 -16.85 -10.70 23.95
CA ALA A 753 -17.64 -9.50 23.78
C ALA A 753 -17.36 -8.46 24.86
N GLU A 754 -16.74 -8.85 25.96
CA GLU A 754 -16.36 -7.93 27.02
C GLU A 754 -14.91 -7.49 26.93
N GLY A 755 -14.20 -7.90 25.88
CA GLY A 755 -12.78 -7.62 25.76
C GLY A 755 -11.88 -8.71 26.28
N LYS A 756 -12.44 -9.77 26.84
CA LYS A 756 -11.68 -10.88 27.39
C LYS A 756 -11.33 -11.88 26.29
N ALA A 757 -10.68 -12.98 26.68
CA ALA A 757 -10.38 -14.05 25.75
C ALA A 757 -11.59 -14.99 25.61
N CYS A 758 -11.61 -15.72 24.50
CA CYS A 758 -12.71 -16.63 24.22
C CYS A 758 -12.79 -17.73 25.27
N ASP A 759 -13.99 -17.94 25.80
CA ASP A 759 -14.23 -18.93 26.83
C ASP A 759 -14.93 -20.14 26.23
N PRO A 760 -14.25 -21.29 26.08
CA PRO A 760 -14.98 -22.51 25.75
C PRO A 760 -15.95 -22.88 26.88
N GLU A 761 -16.94 -23.69 26.53
CA GLU A 761 -18.12 -24.06 27.30
C GLU A 761 -19.17 -22.94 27.30
N SER A 762 -18.82 -21.74 26.85
CA SER A 762 -19.82 -20.71 26.58
C SER A 762 -20.45 -20.87 25.22
N ARG A 763 -20.03 -21.89 24.45
CA ARG A 763 -20.54 -22.14 23.12
C ARG A 763 -21.87 -22.90 23.21
N GLN A 764 -22.91 -22.32 22.62
CA GLN A 764 -24.24 -22.95 22.64
C GLN A 764 -24.45 -23.77 21.38
N PHE A 765 -25.21 -24.85 21.52
CA PHE A 765 -25.44 -25.81 20.45
C PHE A 765 -26.92 -25.96 20.17
N SER A 766 -27.24 -26.32 18.92
CA SER A 766 -28.60 -26.63 18.48
C SER A 766 -29.55 -25.46 18.73
N THR A 767 -29.05 -24.25 18.52
CA THR A 767 -29.86 -23.05 18.62
C THR A 767 -30.32 -22.61 17.24
N LEU A 768 -31.52 -22.00 17.19
CA LEU A 768 -32.05 -21.56 15.91
C LEU A 768 -31.15 -20.49 15.29
N ILE A 769 -30.82 -19.45 16.05
CA ILE A 769 -29.85 -18.45 15.62
C ILE A 769 -28.45 -19.05 15.78
N PRO A 770 -27.68 -19.22 14.70
CA PRO A 770 -26.34 -19.80 14.84
C PRO A 770 -25.47 -18.97 15.77
N TRP A 771 -24.81 -19.65 16.70
CA TRP A 771 -24.03 -18.98 17.73
C TRP A 771 -22.81 -18.25 17.17
N CYS A 772 -22.18 -18.85 16.15
CA CYS A 772 -20.94 -18.29 15.63
C CYS A 772 -21.14 -16.99 14.90
N LEU A 773 -22.37 -16.63 14.54
CA LEU A 773 -22.60 -15.43 13.75
C LEU A 773 -22.60 -14.20 14.65
N PRO A 774 -23.33 -14.18 15.78
CA PRO A 774 -23.13 -13.08 16.73
C PRO A 774 -21.81 -13.19 17.47
N HIS A 775 -21.15 -14.36 17.45
CA HIS A 775 -19.86 -14.46 18.11
C HIS A 775 -18.83 -13.55 17.46
N THR A 776 -18.59 -13.72 16.17
CA THR A 776 -17.58 -12.96 15.44
C THR A 776 -18.18 -11.94 14.48
N GLY A 777 -19.41 -11.47 14.76
CA GLY A 777 -20.10 -10.62 13.79
C GLY A 777 -19.51 -9.23 13.68
N ASN A 778 -19.04 -8.66 14.79
CA ASN A 778 -18.59 -7.27 14.79
C ASN A 778 -17.44 -7.02 13.82
N ARG A 779 -16.56 -8.01 13.63
CA ARG A 779 -15.41 -7.86 12.75
C ARG A 779 -15.59 -8.59 11.43
N HIS A 780 -16.83 -8.94 11.08
CA HIS A 780 -17.11 -9.57 9.79
C HIS A 780 -18.35 -8.96 9.15
N ASN A 781 -18.57 -7.66 9.34
CA ASN A 781 -19.70 -6.94 8.78
C ASN A 781 -21.04 -7.58 9.18
N HIS A 782 -21.10 -8.04 10.44
CA HIS A 782 -22.28 -8.69 11.01
C HIS A 782 -22.71 -9.93 10.23
N TRP A 783 -21.79 -10.49 9.43
CA TRP A 783 -22.07 -11.65 8.59
C TRP A 783 -23.30 -11.40 7.72
N ALA A 784 -23.26 -10.30 6.96
CA ALA A 784 -24.37 -9.94 6.09
C ALA A 784 -24.51 -10.95 4.96
N GLY A 785 -25.75 -11.27 4.62
CA GLY A 785 -26.04 -12.21 3.56
C GLY A 785 -26.17 -13.65 4.00
N LEU A 786 -25.59 -14.02 5.13
CA LEU A 786 -25.68 -15.40 5.60
C LEU A 786 -27.13 -15.76 5.90
N TYR A 787 -27.56 -16.92 5.42
CA TYR A 787 -28.97 -17.32 5.43
C TYR A 787 -29.85 -16.28 4.76
N GLY A 788 -29.30 -15.61 3.75
CA GLY A 788 -30.01 -14.57 3.04
C GLY A 788 -30.68 -15.08 1.79
N ARG A 789 -31.69 -14.33 1.35
CA ARG A 789 -32.48 -14.71 0.19
C ARG A 789 -32.18 -13.81 -0.99
N LEU A 790 -32.24 -14.40 -2.19
CA LEU A 790 -32.26 -13.60 -3.39
C LEU A 790 -33.63 -12.96 -3.55
N GLU A 791 -33.68 -11.85 -4.28
CA GLU A 791 -34.94 -11.21 -4.61
C GLU A 791 -35.19 -11.32 -6.11
N TRP A 792 -36.47 -11.41 -6.45
CA TRP A 792 -36.84 -11.60 -7.86
C TRP A 792 -36.34 -10.46 -8.72
N ASP A 793 -36.48 -9.22 -8.25
CA ASP A 793 -36.01 -8.06 -8.98
C ASP A 793 -34.50 -7.85 -8.87
N GLY A 794 -33.79 -8.72 -8.15
CA GLY A 794 -32.37 -8.55 -7.96
C GLY A 794 -31.51 -9.52 -8.75
N PHE A 795 -30.36 -9.89 -8.20
CA PHE A 795 -29.43 -10.77 -8.92
C PHE A 795 -28.68 -11.62 -7.90
N PHE A 796 -27.92 -12.58 -8.43
CA PHE A 796 -27.12 -13.48 -7.62
C PHE A 796 -25.84 -12.81 -7.16
N SER A 797 -25.34 -13.26 -6.01
CA SER A 797 -23.94 -13.02 -5.69
C SER A 797 -23.07 -14.01 -6.45
N THR A 798 -21.76 -13.92 -6.27
CA THR A 798 -20.83 -14.76 -7.02
C THR A 798 -21.11 -16.24 -6.76
N THR A 799 -21.42 -16.97 -7.82
CA THR A 799 -21.74 -18.39 -7.70
C THR A 799 -20.49 -19.16 -7.29
N VAL A 800 -20.58 -19.83 -6.14
CA VAL A 800 -19.42 -20.54 -5.58
C VAL A 800 -19.56 -22.03 -5.86
N THR A 801 -18.64 -22.82 -5.31
CA THR A 801 -18.59 -24.26 -5.57
C THR A 801 -19.46 -25.06 -4.61
N ASN A 802 -19.92 -24.48 -3.51
CA ASN A 802 -20.74 -25.19 -2.53
C ASN A 802 -21.62 -24.17 -1.82
N PRO A 803 -22.91 -24.11 -2.17
CA PRO A 803 -23.81 -23.16 -1.52
C PRO A 803 -24.15 -23.59 -0.09
N GLU A 804 -23.71 -22.80 0.88
CA GLU A 804 -23.99 -23.06 2.29
C GLU A 804 -24.42 -21.76 2.94
N PRO A 805 -25.57 -21.73 3.61
CA PRO A 805 -26.06 -20.47 4.19
C PRO A 805 -25.18 -19.92 5.31
N MET A 806 -24.27 -20.72 5.87
CA MET A 806 -23.37 -20.25 6.91
C MET A 806 -21.95 -20.01 6.39
N GLY A 807 -21.76 -19.98 5.08
CA GLY A 807 -20.50 -19.60 4.50
C GLY A 807 -20.38 -18.08 4.36
N LYS A 808 -19.22 -17.65 3.85
CA LYS A 808 -19.01 -16.22 3.63
C LYS A 808 -20.03 -15.65 2.66
N GLN A 809 -20.12 -16.24 1.47
CA GLN A 809 -21.19 -15.91 0.52
C GLN A 809 -22.35 -16.85 0.82
N GLY A 810 -23.19 -16.44 1.77
CA GLY A 810 -24.24 -17.29 2.28
C GLY A 810 -25.66 -16.95 1.87
N ARG A 811 -25.86 -16.07 0.90
CA ARG A 811 -27.21 -15.74 0.43
C ARG A 811 -27.56 -16.66 -0.75
N VAL A 812 -27.90 -17.90 -0.41
CA VAL A 812 -28.24 -18.92 -1.39
C VAL A 812 -29.66 -19.45 -1.18
N LEU A 813 -30.47 -18.75 -0.41
CA LEU A 813 -31.84 -19.18 -0.17
C LEU A 813 -32.75 -18.73 -1.31
N HIS A 814 -33.74 -19.56 -1.62
CA HIS A 814 -34.69 -19.25 -2.67
C HIS A 814 -35.53 -18.05 -2.27
N PRO A 815 -35.92 -17.20 -3.23
CA PRO A 815 -36.75 -16.03 -2.89
C PRO A 815 -38.07 -16.39 -2.23
N GLU A 816 -38.59 -17.59 -2.48
CA GLU A 816 -39.89 -17.99 -1.92
C GLU A 816 -39.77 -19.31 -1.19
N GLN A 817 -39.14 -20.30 -1.80
CA GLN A 817 -39.04 -21.63 -1.22
C GLN A 817 -38.01 -21.66 -0.10
N HIS A 818 -38.19 -22.61 0.82
CA HIS A 818 -37.32 -22.75 1.99
C HIS A 818 -36.25 -23.80 1.68
N ARG A 819 -35.28 -23.40 0.86
CA ARG A 819 -34.23 -24.33 0.43
C ARG A 819 -33.07 -23.50 -0.12
N VAL A 820 -31.96 -24.20 -0.37
CA VAL A 820 -30.82 -23.56 -1.02
C VAL A 820 -31.01 -23.73 -2.52
N VAL A 821 -30.23 -22.96 -3.30
CA VAL A 821 -30.37 -22.99 -4.75
C VAL A 821 -29.98 -24.36 -5.29
N SER A 822 -30.60 -24.74 -6.41
CA SER A 822 -30.35 -26.03 -7.01
C SER A 822 -29.19 -25.96 -8.00
N VAL A 823 -28.80 -27.12 -8.52
CA VAL A 823 -27.74 -27.17 -9.52
C VAL A 823 -28.17 -26.44 -10.78
N ARG A 824 -29.43 -26.62 -11.18
CA ARG A 824 -29.92 -25.93 -12.38
C ARG A 824 -29.97 -24.43 -12.16
N GLU A 825 -30.40 -23.97 -10.98
CA GLU A 825 -30.42 -22.53 -10.72
C GLU A 825 -29.02 -21.95 -10.69
N CYS A 826 -28.03 -22.73 -10.24
CA CYS A 826 -26.65 -22.26 -10.27
C CYS A 826 -26.13 -22.18 -11.70
N ALA A 827 -26.43 -23.19 -12.52
CA ALA A 827 -26.05 -23.11 -13.93
C ALA A 827 -26.79 -21.97 -14.64
N ARG A 828 -28.01 -21.68 -14.23
CA ARG A 828 -28.75 -20.54 -14.76
C ARG A 828 -28.05 -19.24 -14.42
N SER A 829 -27.65 -19.07 -13.16
CA SER A 829 -26.94 -17.86 -12.77
C SER A 829 -25.58 -17.76 -13.47
N GLN A 830 -25.01 -18.88 -13.89
CA GLN A 830 -23.76 -18.88 -14.64
C GLN A 830 -23.97 -18.77 -16.14
N GLY A 831 -25.22 -18.70 -16.61
CA GLY A 831 -25.47 -18.59 -18.03
C GLY A 831 -25.38 -19.88 -18.80
N PHE A 832 -25.38 -21.02 -18.11
CA PHE A 832 -25.28 -22.31 -18.79
C PHE A 832 -26.60 -22.63 -19.50
N PRO A 833 -26.54 -23.12 -20.73
CA PRO A 833 -27.76 -23.62 -21.37
C PRO A 833 -28.31 -24.82 -20.61
N ASP A 834 -29.63 -24.95 -20.62
CA ASP A 834 -30.25 -26.07 -19.93
C ASP A 834 -29.90 -27.42 -20.55
N SER A 835 -29.47 -27.43 -21.81
CA SER A 835 -29.04 -28.65 -22.46
C SER A 835 -27.63 -29.08 -22.05
N TYR A 836 -26.89 -28.24 -21.33
CA TYR A 836 -25.56 -28.59 -20.90
C TYR A 836 -25.61 -29.65 -19.81
N ARG A 837 -24.73 -30.65 -19.91
CA ARG A 837 -24.74 -31.79 -19.02
C ARG A 837 -23.58 -31.71 -18.03
N PHE A 838 -23.80 -32.26 -16.84
CA PHE A 838 -22.80 -32.34 -15.79
C PHE A 838 -22.58 -33.80 -15.42
N PHE A 839 -21.78 -34.03 -14.38
CA PHE A 839 -21.46 -35.38 -13.94
C PHE A 839 -21.11 -35.36 -12.47
N GLY A 840 -21.40 -36.46 -11.80
CA GLY A 840 -21.11 -36.60 -10.38
C GLY A 840 -22.35 -36.44 -9.51
N ASN A 841 -22.09 -36.34 -8.21
CA ASN A 841 -23.16 -36.13 -7.24
C ASN A 841 -23.52 -34.65 -7.22
N ILE A 842 -24.35 -34.24 -6.25
CA ILE A 842 -24.81 -32.86 -6.22
C ILE A 842 -23.66 -31.90 -5.91
N LEU A 843 -22.72 -32.32 -5.06
CA LEU A 843 -21.58 -31.46 -4.73
C LEU A 843 -20.57 -31.39 -5.87
N ASP A 844 -20.37 -32.50 -6.58
CA ASP A 844 -19.46 -32.50 -7.72
C ASP A 844 -20.00 -31.60 -8.82
N ARG A 845 -21.30 -31.66 -9.08
CA ARG A 845 -21.92 -30.85 -10.11
C ARG A 845 -21.90 -29.37 -9.71
N HIS A 846 -22.13 -29.10 -8.43
CA HIS A 846 -22.04 -27.73 -7.93
C HIS A 846 -20.64 -27.15 -8.15
N ARG A 847 -19.61 -27.93 -7.82
CA ARG A 847 -18.24 -27.44 -8.01
C ARG A 847 -17.91 -27.26 -9.48
N GLN A 848 -18.47 -28.10 -10.36
CA GLN A 848 -18.27 -27.87 -11.79
C GLN A 848 -18.90 -26.56 -12.23
N VAL A 849 -20.09 -26.24 -11.70
CA VAL A 849 -20.78 -25.01 -12.11
C VAL A 849 -20.05 -23.78 -11.59
N GLY A 850 -19.65 -23.80 -10.32
CA GLY A 850 -19.04 -22.61 -9.73
C GLY A 850 -17.71 -22.24 -10.33
N ASN A 851 -16.87 -23.24 -10.60
CA ASN A 851 -15.53 -23.00 -11.14
C ASN A 851 -15.55 -22.54 -12.59
N ALA A 852 -16.66 -22.71 -13.29
CA ALA A 852 -16.69 -22.50 -14.74
C ALA A 852 -16.78 -21.02 -15.09
N VAL A 853 -16.22 -20.68 -16.25
CA VAL A 853 -16.39 -19.35 -16.81
C VAL A 853 -17.78 -19.25 -17.43
N PRO A 854 -18.57 -18.23 -17.09
CA PRO A 854 -19.92 -18.10 -17.66
C PRO A 854 -19.87 -18.05 -19.17
N PRO A 855 -20.63 -18.93 -19.84
CA PRO A 855 -20.63 -18.97 -21.31
C PRO A 855 -20.97 -17.63 -21.94
N PRO A 856 -21.88 -16.83 -21.37
CA PRO A 856 -22.07 -15.47 -21.93
C PRO A 856 -20.80 -14.63 -21.91
N LEU A 857 -20.03 -14.65 -20.81
CA LEU A 857 -18.81 -13.87 -20.75
C LEU A 857 -17.74 -14.41 -21.69
N ALA A 858 -17.63 -15.74 -21.76
CA ALA A 858 -16.68 -16.33 -22.69
C ALA A 858 -17.06 -16.05 -24.13
N LYS A 859 -18.36 -16.01 -24.43
CA LYS A 859 -18.84 -15.66 -25.76
C LYS A 859 -18.55 -14.20 -26.07
N ALA A 860 -18.72 -13.32 -25.08
CA ALA A 860 -18.43 -11.91 -25.28
C ALA A 860 -16.94 -11.71 -25.61
N ILE A 861 -16.07 -12.45 -24.92
CA ILE A 861 -14.65 -12.38 -25.26
C ILE A 861 -14.37 -13.01 -26.62
N GLY A 862 -15.03 -14.14 -26.91
CA GLY A 862 -14.79 -14.83 -28.16
C GLY A 862 -15.20 -14.03 -29.39
N LEU A 863 -16.24 -13.20 -29.26
CA LEU A 863 -16.63 -12.36 -30.39
C LEU A 863 -15.53 -11.33 -30.70
N GLU A 864 -14.96 -10.74 -29.65
CA GLU A 864 -13.86 -9.80 -29.85
C GLU A 864 -12.63 -10.50 -30.40
N ILE A 865 -12.47 -11.78 -30.09
CA ILE A 865 -11.38 -12.55 -30.72
C ILE A 865 -11.71 -12.82 -32.18
N LYS A 866 -12.99 -12.99 -32.51
CA LYS A 866 -13.39 -13.23 -33.90
C LYS A 866 -13.11 -12.02 -34.77
N LEU A 867 -13.24 -10.81 -34.22
CA LEU A 867 -12.95 -9.62 -35.02
C LEU A 867 -11.50 -9.54 -35.50
N CYS A 868 -10.58 -10.21 -34.80
CA CYS A 868 -9.18 -10.18 -35.23
C CYS A 868 -8.86 -11.22 -36.30
N LEU A 869 -9.65 -12.30 -36.39
CA LEU A 869 -9.42 -13.30 -37.43
C LEU A 869 -9.61 -12.71 -38.82
N LEU A 870 -10.45 -11.69 -38.95
CA LEU A 870 -10.62 -10.99 -40.23
C LEU A 870 -9.60 -9.86 -40.34
N SER A 871 -9.06 -9.68 -41.55
CA SER A 871 -8.06 -8.66 -41.83
C SER A 871 -6.84 -8.78 -40.91
N ASP B 3 30.81 -20.82 -24.41
CA ASP B 3 30.93 -22.16 -24.99
C ASP B 3 32.16 -22.87 -24.43
N ARG B 4 33.26 -22.81 -25.18
CA ARG B 4 34.52 -23.38 -24.78
C ARG B 4 35.35 -22.34 -24.05
N ILE B 5 35.96 -22.75 -22.93
CA ILE B 5 36.71 -21.86 -22.06
C ILE B 5 38.18 -22.18 -22.19
N SER B 6 38.99 -21.15 -22.48
CA SER B 6 40.44 -21.36 -22.60
C SER B 6 41.18 -20.31 -21.79
N TRP B 7 42.17 -20.75 -21.02
CA TRP B 7 42.94 -19.85 -20.17
C TRP B 7 43.98 -19.10 -20.99
N LEU B 8 44.25 -17.85 -20.58
CA LEU B 8 45.18 -16.97 -21.28
C LEU B 8 46.30 -16.56 -20.32
N GLY B 9 47.53 -16.85 -20.70
CA GLY B 9 48.68 -16.43 -19.93
C GLY B 9 49.14 -17.46 -18.91
N GLN B 10 50.09 -17.02 -18.09
CA GLN B 10 50.64 -17.90 -17.07
C GLN B 10 49.70 -17.95 -15.86
N PRO B 11 49.55 -19.11 -15.24
CA PRO B 11 48.69 -19.22 -14.06
C PRO B 11 49.31 -18.47 -12.89
N MET B 12 48.44 -17.99 -12.02
CA MET B 12 48.85 -17.30 -10.81
C MET B 12 48.94 -18.31 -9.67
N LYS B 13 49.55 -17.87 -8.57
CA LYS B 13 49.83 -18.68 -7.39
C LYS B 13 48.76 -19.72 -7.13
N ILE B 14 49.16 -20.99 -7.24
CA ILE B 14 48.27 -22.12 -7.08
C ILE B 14 48.29 -22.59 -5.64
N GLU B 15 47.11 -22.81 -5.07
CA GLU B 15 46.95 -23.38 -3.74
C GLU B 15 46.32 -24.76 -3.88
N GLU B 16 46.12 -25.43 -2.74
CA GLU B 16 45.91 -26.87 -2.67
C GLU B 16 45.00 -27.45 -3.74
N ASN B 17 43.78 -26.92 -3.89
CA ASN B 17 42.80 -27.49 -4.80
C ASN B 17 42.44 -26.60 -5.99
N ARG B 18 42.98 -25.39 -6.08
CA ARG B 18 42.60 -24.46 -7.13
C ARG B 18 43.83 -23.84 -7.76
N THR B 19 43.73 -23.52 -9.04
CA THR B 19 44.82 -22.91 -9.81
C THR B 19 44.35 -21.55 -10.32
N TYR B 20 44.77 -20.49 -9.65
CA TYR B 20 44.33 -19.15 -10.00
C TYR B 20 44.95 -18.72 -11.33
N TYR B 21 44.14 -18.09 -12.18
CA TYR B 21 44.58 -17.52 -13.44
C TYR B 21 44.35 -16.01 -13.42
N GLN B 22 44.92 -15.34 -14.42
CA GLN B 22 44.77 -13.89 -14.60
C GLN B 22 43.89 -13.50 -15.76
N LYS B 23 43.95 -14.20 -16.89
CA LYS B 23 43.15 -13.87 -18.05
C LYS B 23 42.49 -15.11 -18.62
N VAL B 24 41.38 -14.91 -19.34
CA VAL B 24 40.59 -16.03 -19.85
C VAL B 24 39.85 -15.61 -21.11
N SER B 25 39.51 -16.58 -21.94
CA SER B 25 38.80 -16.36 -23.19
C SER B 25 37.56 -17.25 -23.23
N ILE B 26 36.41 -16.61 -23.45
CA ILE B 26 35.12 -17.28 -23.57
C ILE B 26 34.41 -16.66 -24.76
N ASP B 27 34.03 -17.49 -25.72
CA ASP B 27 33.28 -17.06 -26.90
C ASP B 27 34.01 -15.93 -27.64
N GLU B 28 35.29 -16.16 -27.88
CA GLU B 28 36.17 -15.25 -28.63
C GLU B 28 36.33 -13.90 -27.93
N GLU B 29 36.00 -13.80 -26.65
CA GLU B 29 36.16 -12.56 -25.91
C GLU B 29 37.38 -12.63 -25.00
N MET B 30 37.79 -11.49 -24.48
CA MET B 30 38.92 -11.38 -23.56
C MET B 30 38.40 -10.96 -22.20
N LEU B 31 38.94 -11.57 -21.14
CA LEU B 31 38.51 -11.21 -19.78
C LEU B 31 39.71 -11.18 -18.85
N GLU B 32 39.74 -10.13 -18.02
CA GLU B 32 40.83 -9.83 -17.10
C GLU B 32 40.24 -9.46 -15.75
N VAL B 33 40.99 -9.79 -14.68
CA VAL B 33 40.54 -9.50 -13.33
C VAL B 33 40.40 -8.00 -13.13
N GLY B 34 39.24 -7.58 -12.64
CA GLY B 34 38.90 -6.18 -12.50
C GLY B 34 37.77 -5.75 -13.41
N ASP B 35 37.56 -6.45 -14.53
CA ASP B 35 36.44 -6.16 -15.40
C ASP B 35 35.14 -6.66 -14.78
N CYS B 36 34.04 -6.48 -15.50
CA CYS B 36 32.73 -6.85 -15.00
C CYS B 36 32.04 -7.82 -15.94
N VAL B 37 31.03 -8.51 -15.41
CA VAL B 37 30.35 -9.59 -16.11
C VAL B 37 28.88 -9.56 -15.72
N SER B 38 28.02 -9.76 -16.72
CA SER B 38 26.58 -9.86 -16.52
C SER B 38 26.17 -11.33 -16.46
N VAL B 39 25.18 -11.62 -15.62
CA VAL B 39 24.67 -12.98 -15.44
C VAL B 39 23.14 -12.93 -15.37
N ILE B 40 22.50 -13.90 -16.01
CA ILE B 40 21.06 -14.00 -16.06
C ILE B 40 20.56 -14.78 -14.84
N PRO B 41 19.60 -14.26 -14.09
CA PRO B 41 19.09 -14.97 -12.91
C PRO B 41 17.99 -15.96 -13.25
N ASP B 42 17.74 -16.86 -12.30
CA ASP B 42 16.69 -17.86 -12.42
C ASP B 42 15.77 -17.93 -11.22
N ASP B 43 16.13 -17.32 -10.09
CA ASP B 43 15.33 -17.40 -8.87
C ASP B 43 14.82 -16.04 -8.39
N SER B 44 15.54 -14.96 -8.64
CA SER B 44 15.13 -13.66 -8.12
C SER B 44 14.12 -13.01 -9.05
N SER B 45 13.37 -12.06 -8.50
CA SER B 45 12.45 -11.27 -9.31
C SER B 45 13.18 -10.29 -10.22
N LYS B 46 14.45 -9.99 -9.92
CA LYS B 46 15.22 -9.08 -10.75
C LYS B 46 15.55 -9.75 -12.09
N PRO B 47 15.50 -9.01 -13.20
CA PRO B 47 15.76 -9.61 -14.51
C PRO B 47 17.23 -9.78 -14.87
N LEU B 48 18.16 -9.18 -14.14
CA LEU B 48 19.56 -9.24 -14.52
C LEU B 48 20.44 -8.96 -13.30
N TYR B 49 21.64 -9.54 -13.30
CA TYR B 49 22.62 -9.27 -12.25
C TYR B 49 23.96 -8.91 -12.86
N LEU B 50 24.71 -8.05 -12.16
CA LEU B 50 26.01 -7.56 -12.61
C LEU B 50 27.04 -7.74 -11.50
N ALA B 51 28.26 -8.14 -11.86
CA ALA B 51 29.29 -8.36 -10.86
C ALA B 51 30.66 -8.04 -11.46
N ARG B 52 31.69 -8.17 -10.63
CA ARG B 52 33.06 -7.92 -11.01
C ARG B 52 33.90 -9.15 -10.70
N VAL B 53 34.78 -9.52 -11.64
CA VAL B 53 35.61 -10.72 -11.49
C VAL B 53 36.81 -10.39 -10.62
N THR B 54 37.04 -11.20 -9.59
CA THR B 54 38.22 -11.05 -8.75
C THR B 54 39.18 -12.22 -8.81
N ALA B 55 38.68 -13.44 -8.98
CA ALA B 55 39.52 -14.63 -9.07
C ALA B 55 39.11 -15.46 -10.27
N LEU B 56 40.05 -16.25 -10.78
CA LEU B 56 39.83 -17.08 -11.96
C LEU B 56 40.51 -18.43 -11.78
N TRP B 57 40.21 -19.10 -10.67
CA TRP B 57 40.82 -20.38 -10.38
C TRP B 57 40.13 -21.49 -11.16
N GLU B 58 40.80 -22.63 -11.23
CA GLU B 58 40.22 -23.84 -11.82
C GLU B 58 40.20 -24.93 -10.74
N ASP B 59 39.01 -25.42 -10.43
CA ASP B 59 38.81 -26.41 -9.39
C ASP B 59 39.38 -27.77 -9.80
N LYS B 60 39.68 -28.58 -8.79
CA LYS B 60 40.17 -29.94 -9.04
C LYS B 60 39.11 -30.87 -9.59
N ASN B 61 37.83 -30.46 -9.57
CA ASN B 61 36.79 -31.28 -10.17
C ASN B 61 36.86 -31.27 -11.69
N GLY B 62 37.60 -30.34 -12.28
CA GLY B 62 37.73 -30.23 -13.72
C GLY B 62 37.03 -29.03 -14.33
N GLN B 63 36.08 -28.44 -13.62
CA GLN B 63 35.33 -27.30 -14.11
C GLN B 63 36.09 -26.00 -13.83
N MET B 64 35.75 -24.96 -14.59
CA MET B 64 36.39 -23.66 -14.50
C MET B 64 35.49 -22.71 -13.72
N MET B 65 36.02 -22.20 -12.61
CA MET B 65 35.27 -21.35 -11.68
C MET B 65 35.85 -19.93 -11.70
N PHE B 66 35.11 -19.01 -11.08
CA PHE B 66 35.55 -17.64 -10.92
C PHE B 66 34.74 -17.00 -9.80
N HIS B 67 35.35 -15.99 -9.16
CA HIS B 67 34.73 -15.29 -8.04
C HIS B 67 34.16 -13.96 -8.50
N ALA B 68 32.89 -13.72 -8.17
CA ALA B 68 32.14 -12.55 -8.63
C ALA B 68 31.68 -11.76 -7.42
N HIS B 69 32.12 -10.50 -7.35
CA HIS B 69 31.64 -9.54 -6.36
C HIS B 69 30.47 -8.77 -6.99
N TRP B 70 29.27 -9.02 -6.49
CA TRP B 70 28.06 -8.48 -7.11
C TRP B 70 27.93 -6.98 -6.88
N PHE B 71 27.32 -6.30 -7.86
CA PHE B 71 26.89 -4.92 -7.71
C PHE B 71 25.43 -4.88 -7.27
N CYS B 72 24.93 -3.66 -7.04
CA CYS B 72 23.54 -3.45 -6.66
C CYS B 72 22.99 -2.29 -7.47
N ALA B 73 22.00 -2.57 -8.31
CA ALA B 73 21.35 -1.53 -9.08
C ALA B 73 20.60 -0.58 -8.16
N GLY B 74 20.47 0.68 -8.60
CA GLY B 74 19.75 1.67 -7.81
C GLY B 74 18.31 1.29 -7.54
N THR B 75 17.72 0.50 -8.44
CA THR B 75 16.36 0.03 -8.23
C THR B 75 16.27 -0.98 -7.08
N ASP B 76 17.32 -1.77 -6.88
CA ASP B 76 17.36 -2.72 -5.79
C ASP B 76 17.64 -2.08 -4.43
N THR B 77 18.05 -0.81 -4.42
CA THR B 77 18.36 -0.13 -3.18
C THR B 77 17.10 0.53 -2.61
N VAL B 78 17.27 1.35 -1.57
CA VAL B 78 16.15 2.11 -1.04
C VAL B 78 15.73 3.20 -2.02
N LEU B 79 16.63 3.60 -2.93
CA LEU B 79 16.31 4.63 -3.90
C LEU B 79 15.18 4.18 -4.82
N GLY B 80 15.24 2.93 -5.30
CA GLY B 80 14.19 2.41 -6.15
C GLY B 80 14.22 2.97 -7.56
N ALA B 81 13.04 3.27 -8.08
CA ALA B 81 12.92 3.73 -9.46
C ALA B 81 13.48 5.13 -9.66
N THR B 82 13.61 5.92 -8.60
CA THR B 82 14.13 7.28 -8.75
C THR B 82 15.62 7.31 -9.05
N SER B 83 16.35 6.23 -8.74
CA SER B 83 17.79 6.24 -8.89
C SER B 83 18.19 6.34 -10.37
N ASP B 84 19.40 6.82 -10.59
CA ASP B 84 19.96 6.92 -11.92
C ASP B 84 20.17 5.51 -12.48
N PRO B 85 19.61 5.19 -13.66
CA PRO B 85 19.76 3.82 -14.19
C PRO B 85 21.19 3.47 -14.55
N LEU B 86 22.10 4.44 -14.68
CA LEU B 86 23.49 4.17 -14.98
C LEU B 86 24.34 4.01 -13.72
N GLU B 87 23.76 4.19 -12.53
CA GLU B 87 24.52 4.18 -11.29
C GLU B 87 24.35 2.84 -10.58
N LEU B 88 25.46 2.28 -10.11
CA LEU B 88 25.48 1.05 -9.35
C LEU B 88 26.09 1.31 -7.97
N PHE B 89 25.95 0.34 -7.08
CA PHE B 89 26.46 0.48 -5.72
C PHE B 89 27.15 -0.81 -5.30
N LEU B 90 28.16 -0.67 -4.44
CA LEU B 90 28.86 -1.83 -3.90
C LEU B 90 28.10 -2.41 -2.72
N VAL B 91 28.14 -3.75 -2.61
CA VAL B 91 27.48 -4.47 -1.52
C VAL B 91 28.41 -5.58 -1.03
N GLY B 92 28.04 -6.17 0.10
CA GLY B 92 28.81 -7.27 0.66
C GLY B 92 28.34 -8.62 0.16
N GLU B 93 27.92 -8.67 -1.10
CA GLU B 93 27.46 -9.89 -1.74
C GLU B 93 28.54 -10.41 -2.68
N CYS B 94 28.85 -11.70 -2.59
CA CYS B 94 29.87 -12.30 -3.41
C CYS B 94 29.58 -13.79 -3.55
N GLU B 95 30.05 -14.38 -4.63
CA GLU B 95 29.82 -15.81 -4.83
C GLU B 95 30.77 -16.38 -5.87
N ASN B 96 31.00 -17.69 -5.75
CA ASN B 96 31.77 -18.44 -6.73
C ASN B 96 30.83 -19.04 -7.76
N MET B 97 31.24 -19.05 -9.03
CA MET B 97 30.36 -19.53 -10.07
C MET B 97 31.19 -19.96 -11.26
N GLN B 98 30.60 -20.78 -12.12
CA GLN B 98 31.29 -21.23 -13.32
C GLN B 98 31.15 -20.19 -14.42
N LEU B 99 32.13 -20.19 -15.34
CA LEU B 99 32.12 -19.25 -16.45
C LEU B 99 31.04 -19.56 -17.48
N SER B 100 30.32 -20.67 -17.32
CA SER B 100 29.28 -21.03 -18.29
C SER B 100 28.06 -20.10 -18.19
N TYR B 101 27.91 -19.37 -17.10
CA TYR B 101 26.78 -18.47 -16.90
C TYR B 101 27.08 -17.03 -17.31
N ILE B 102 28.26 -16.76 -17.86
CA ILE B 102 28.63 -15.41 -18.25
C ILE B 102 27.87 -15.01 -19.51
N HIS B 103 27.02 -13.98 -19.40
CA HIS B 103 26.27 -13.50 -20.56
C HIS B 103 27.12 -12.58 -21.42
N SER B 104 27.70 -11.55 -20.84
CA SER B 104 28.50 -10.59 -21.58
C SER B 104 29.43 -9.86 -20.63
N LYS B 105 30.36 -9.11 -21.20
CA LYS B 105 31.31 -8.31 -20.44
C LYS B 105 30.93 -6.84 -20.53
N VAL B 106 30.64 -6.24 -19.39
CA VAL B 106 30.25 -4.83 -19.33
C VAL B 106 31.40 -4.01 -18.75
N LYS B 107 31.28 -2.70 -18.85
CA LYS B 107 32.30 -1.76 -18.40
C LYS B 107 31.72 -0.88 -17.31
N VAL B 108 32.34 -0.90 -16.13
CA VAL B 108 31.93 -0.08 -15.00
C VAL B 108 33.12 0.76 -14.56
N ILE B 109 32.91 2.07 -14.46
CA ILE B 109 33.97 3.00 -14.10
C ILE B 109 33.70 3.56 -12.71
N TYR B 110 34.75 4.09 -12.09
CA TYR B 110 34.68 4.66 -10.76
C TYR B 110 34.71 6.18 -10.86
N LYS B 111 33.61 6.82 -10.47
CA LYS B 111 33.51 8.28 -10.48
C LYS B 111 33.89 8.79 -9.10
N ALA B 112 35.15 9.19 -8.94
CA ALA B 112 35.64 9.70 -7.68
C ALA B 112 35.33 11.19 -7.53
N PRO B 113 35.11 11.67 -6.31
CA PRO B 113 34.87 13.11 -6.11
C PRO B 113 36.12 13.91 -6.45
N SER B 114 35.89 15.06 -7.08
CA SER B 114 36.99 15.90 -7.53
C SER B 114 37.76 16.47 -6.35
N GLU B 115 38.99 16.93 -6.63
CA GLU B 115 39.78 17.58 -5.60
C GLU B 115 39.17 18.90 -5.16
N ASN B 116 38.38 19.53 -6.03
CA ASN B 116 37.65 20.75 -5.70
C ASN B 116 36.15 20.44 -5.61
N TRP B 117 35.80 19.35 -4.92
CA TRP B 117 34.41 18.94 -4.86
C TRP B 117 33.58 19.90 -4.01
N ALA B 118 34.17 20.43 -2.94
CA ALA B 118 33.42 21.30 -2.02
C ALA B 118 33.06 22.64 -2.65
N MET B 119 33.75 23.05 -3.71
CA MET B 119 33.50 24.33 -4.35
C MET B 119 32.53 24.22 -5.53
N GLU B 120 32.06 23.02 -5.86
CA GLU B 120 31.09 22.84 -6.94
C GLU B 120 29.71 23.27 -6.48
N GLY B 121 28.68 22.87 -7.23
CA GLY B 121 27.33 23.24 -6.85
C GLY B 121 26.85 24.58 -7.38
N GLY B 122 26.67 24.66 -8.69
CA GLY B 122 26.21 25.87 -9.33
C GLY B 122 25.08 25.58 -10.30
N THR B 137 28.60 4.79 -19.70
CA THR B 137 28.68 3.44 -19.17
C THR B 137 28.07 3.36 -17.79
N TYR B 138 28.35 2.27 -17.07
CA TYR B 138 27.87 2.13 -15.71
C TYR B 138 28.92 2.70 -14.77
N PHE B 139 28.47 3.26 -13.65
CA PHE B 139 29.40 3.79 -12.68
C PHE B 139 28.86 3.55 -11.28
N PHE B 140 29.78 3.52 -10.34
CA PHE B 140 29.47 3.40 -8.92
C PHE B 140 30.29 4.45 -8.20
N GLN B 141 29.74 5.00 -7.13
CA GLN B 141 30.52 5.88 -6.27
C GLN B 141 30.52 5.48 -4.82
N LEU B 142 29.52 4.75 -4.34
CA LEU B 142 29.37 4.52 -2.91
C LEU B 142 29.02 3.07 -2.67
N TRP B 143 29.25 2.65 -1.44
CA TRP B 143 28.95 1.33 -0.92
C TRP B 143 27.59 1.37 -0.25
N TYR B 144 26.78 0.34 -0.50
CA TYR B 144 25.42 0.29 -0.02
C TYR B 144 25.27 -0.81 1.00
N ASN B 145 24.67 -0.46 2.15
CA ASN B 145 24.36 -1.41 3.21
C ASN B 145 22.85 -1.58 3.23
N GLN B 146 22.40 -2.76 2.80
CA GLN B 146 20.97 -3.06 2.63
C GLN B 146 20.23 -3.09 3.96
N GLU B 147 20.88 -3.55 5.02
CA GLU B 147 20.19 -3.73 6.29
C GLU B 147 19.91 -2.40 6.96
N TYR B 148 20.89 -1.49 6.94
CA TYR B 148 20.76 -0.20 7.60
C TYR B 148 20.50 0.94 6.63
N ALA B 149 20.45 0.65 5.33
CA ALA B 149 20.28 1.65 4.27
C ALA B 149 21.35 2.74 4.39
N ARG B 150 22.60 2.32 4.24
CA ARG B 150 23.74 3.23 4.42
C ARG B 150 24.53 3.35 3.12
N PHE B 151 24.61 4.57 2.59
CA PHE B 151 25.49 4.90 1.46
C PHE B 151 26.77 5.49 2.05
N GLU B 152 27.88 4.76 1.88
CA GLU B 152 29.15 5.13 2.48
C GLU B 152 30.23 5.14 1.39
N SER B 153 31.35 5.80 1.67
CA SER B 153 32.43 5.82 0.70
C SER B 153 33.10 4.44 0.62
N PRO B 154 33.58 4.06 -0.55
CA PRO B 154 34.18 2.74 -0.70
C PRO B 154 35.44 2.62 0.13
N PRO B 155 35.77 1.42 0.57
CA PRO B 155 36.98 1.24 1.38
C PRO B 155 38.24 1.55 0.58
N LYS B 156 39.29 1.93 1.31
CA LYS B 156 40.58 2.24 0.72
C LYS B 156 41.54 1.07 0.80
N THR B 157 41.04 -0.11 1.16
CA THR B 157 41.87 -1.29 1.22
C THR B 157 42.30 -1.71 -0.19
N GLN B 158 43.52 -2.24 -0.29
CA GLN B 158 44.11 -2.58 -1.57
C GLN B 158 44.65 -4.00 -1.58
N PRO B 159 44.72 -4.66 -2.74
CA PRO B 159 45.38 -5.97 -2.76
C PRO B 159 46.88 -5.78 -2.61
N THR B 160 47.47 -6.59 -1.72
CA THR B 160 48.90 -6.49 -1.44
C THR B 160 49.73 -7.42 -2.32
N GLU B 161 49.99 -8.62 -1.83
CA GLU B 161 50.78 -9.57 -2.61
C GLU B 161 50.05 -10.88 -2.82
N ASP B 162 49.88 -11.65 -1.74
CA ASP B 162 49.28 -12.98 -1.85
C ASP B 162 47.82 -12.90 -2.20
N ASN B 163 47.13 -11.86 -1.74
CA ASN B 163 45.70 -11.74 -1.95
C ASN B 163 45.33 -11.20 -3.31
N LYS B 164 46.31 -10.93 -4.19
CA LYS B 164 46.00 -10.36 -5.48
C LYS B 164 45.26 -11.33 -6.40
N HIS B 165 45.31 -12.63 -6.11
CA HIS B 165 44.62 -13.60 -6.95
C HIS B 165 43.16 -13.80 -6.55
N LYS B 166 42.81 -13.51 -5.29
CA LYS B 166 41.44 -13.68 -4.82
C LYS B 166 41.00 -12.48 -3.99
N PHE B 167 41.48 -11.29 -4.34
CA PHE B 167 41.16 -10.09 -3.58
C PHE B 167 39.68 -9.75 -3.78
N CYS B 168 38.88 -9.98 -2.74
CA CYS B 168 37.45 -9.67 -2.77
C CYS B 168 37.14 -8.84 -1.54
N LEU B 169 36.75 -7.57 -1.75
CA LEU B 169 36.42 -6.71 -0.63
C LEU B 169 35.20 -7.25 0.13
N SER B 170 34.33 -7.98 -0.56
CA SER B 170 33.19 -8.59 0.13
C SER B 170 33.66 -9.68 1.08
N CYS B 171 34.61 -10.50 0.64
CA CYS B 171 35.16 -11.55 1.51
C CYS B 171 35.90 -10.94 2.69
N ILE B 172 36.59 -9.83 2.47
CA ILE B 172 37.32 -9.17 3.56
C ILE B 172 36.34 -8.62 4.58
N ARG B 173 35.31 -7.91 4.11
CA ARG B 173 34.33 -7.33 5.03
C ARG B 173 33.61 -8.42 5.81
N LEU B 174 33.34 -9.56 5.15
CA LEU B 174 32.61 -10.65 5.81
C LEU B 174 33.48 -11.34 6.84
N ALA B 175 34.75 -11.60 6.50
CA ALA B 175 35.63 -12.28 7.45
C ALA B 175 35.90 -11.41 8.66
N GLU B 176 36.13 -10.11 8.46
CA GLU B 176 36.38 -9.22 9.59
C GLU B 176 35.14 -9.06 10.45
N LEU B 177 33.95 -9.04 9.83
CA LEU B 177 32.73 -8.86 10.61
C LEU B 177 32.46 -10.07 11.50
N ARG B 178 32.50 -11.28 10.91
CA ARG B 178 32.20 -12.44 11.75
C ARG B 178 33.31 -12.78 12.73
N GLN B 179 34.55 -12.37 12.44
CA GLN B 179 35.62 -12.60 13.41
C GLN B 179 35.51 -11.62 14.58
N LYS B 180 35.14 -10.37 14.31
CA LYS B 180 34.88 -9.43 15.39
C LYS B 180 33.65 -9.83 16.21
N GLU B 181 32.66 -10.47 15.57
CA GLU B 181 31.43 -10.79 16.28
C GLU B 181 31.58 -12.01 17.20
N MET B 182 32.37 -13.00 16.79
CA MET B 182 32.44 -14.25 17.54
C MET B 182 33.23 -14.06 18.84
N PRO B 183 32.85 -14.79 19.88
CA PRO B 183 33.61 -14.71 21.14
C PRO B 183 34.95 -15.42 21.04
N LYS B 184 35.92 -14.91 21.79
CA LYS B 184 37.28 -15.43 21.77
C LYS B 184 37.89 -15.29 23.16
N VAL B 185 38.60 -16.32 23.57
CA VAL B 185 39.33 -16.30 24.85
C VAL B 185 40.74 -15.80 24.60
N LEU B 186 41.16 -14.79 25.36
CA LEU B 186 42.49 -14.22 25.23
C LEU B 186 43.45 -14.78 26.28
N GLU B 187 43.14 -14.59 27.56
CA GLU B 187 44.05 -15.00 28.62
C GLU B 187 43.42 -16.10 29.46
N GLN B 188 44.02 -17.28 29.43
CA GLN B 188 43.60 -18.40 30.25
C GLN B 188 44.39 -18.42 31.55
N ILE B 189 43.81 -19.05 32.57
CA ILE B 189 44.43 -19.10 33.89
C ILE B 189 44.94 -20.51 34.12
N GLU B 190 44.05 -21.41 34.52
CA GLU B 190 44.41 -22.80 34.76
C GLU B 190 43.24 -23.70 34.36
N GLU B 191 43.55 -24.92 34.00
CA GLU B 191 42.57 -25.92 33.60
C GLU B 191 42.43 -26.94 34.71
N VAL B 192 41.21 -27.11 35.22
CA VAL B 192 40.94 -27.98 36.36
C VAL B 192 39.79 -28.91 36.00
N ASP B 193 40.10 -30.20 35.84
CA ASP B 193 39.10 -31.25 35.69
C ASP B 193 38.13 -30.98 34.54
N GLY B 194 38.68 -30.65 33.38
CA GLY B 194 37.89 -30.46 32.18
C GLY B 194 37.32 -29.07 31.99
N ARG B 195 37.44 -28.20 32.98
CA ARG B 195 36.94 -26.84 32.91
C ARG B 195 38.11 -25.87 32.88
N VAL B 196 38.14 -25.01 31.87
CA VAL B 196 39.20 -24.02 31.71
C VAL B 196 38.73 -22.71 32.33
N TYR B 197 39.58 -22.12 33.17
CA TYR B 197 39.29 -20.84 33.80
C TYR B 197 40.04 -19.75 33.06
N CYS B 198 39.36 -18.66 32.74
CA CYS B 198 39.87 -17.57 31.94
C CYS B 198 39.89 -16.29 32.75
N SER B 199 40.71 -15.34 32.29
CA SER B 199 40.76 -14.02 32.90
C SER B 199 40.41 -12.90 31.93
N SER B 200 40.48 -13.13 30.62
CA SER B 200 40.16 -12.08 29.66
C SER B 200 39.58 -12.73 28.40
N ILE B 201 38.39 -12.28 28.03
CA ILE B 201 37.66 -12.72 26.84
C ILE B 201 37.22 -11.48 26.09
N THR B 202 36.70 -11.67 24.88
CA THR B 202 36.29 -10.52 24.07
C THR B 202 35.19 -10.93 23.10
N LYS B 203 34.38 -9.94 22.71
CA LYS B 203 33.41 -10.14 21.63
C LYS B 203 32.85 -8.80 21.20
N ASN B 204 32.44 -8.72 19.93
CA ASN B 204 31.88 -7.50 19.35
C ASN B 204 32.85 -6.33 19.47
N GLY B 205 34.15 -6.63 19.45
CA GLY B 205 35.15 -5.60 19.58
C GLY B 205 35.33 -5.06 20.99
N VAL B 206 34.70 -5.68 21.99
CA VAL B 206 34.78 -5.24 23.37
C VAL B 206 35.64 -6.24 24.14
N VAL B 207 36.57 -5.70 24.93
CA VAL B 207 37.48 -6.48 25.75
C VAL B 207 36.87 -6.59 27.15
N TYR B 208 36.68 -7.82 27.63
CA TYR B 208 36.12 -8.08 28.94
C TYR B 208 37.18 -8.73 29.82
N ARG B 209 37.39 -8.16 31.00
CA ARG B 209 38.40 -8.60 31.94
C ARG B 209 37.76 -8.87 33.29
N LEU B 210 38.49 -9.57 34.15
CA LEU B 210 38.02 -9.80 35.51
C LEU B 210 37.99 -8.49 36.28
N GLY B 211 36.92 -8.28 37.03
CA GLY B 211 36.71 -7.05 37.76
C GLY B 211 35.94 -5.99 37.02
N ASP B 212 35.65 -6.19 35.75
CA ASP B 212 34.80 -5.30 34.98
C ASP B 212 33.33 -5.66 35.19
N SER B 213 32.45 -4.72 34.85
CA SER B 213 31.02 -4.93 34.99
C SER B 213 30.37 -5.07 33.62
N VAL B 214 29.23 -5.76 33.60
CA VAL B 214 28.62 -6.22 32.36
C VAL B 214 27.11 -6.03 32.40
N TYR B 215 26.56 -5.57 31.27
CA TYR B 215 25.14 -5.43 31.04
C TYR B 215 24.53 -6.78 30.67
N LEU B 216 23.39 -7.09 31.27
CA LEU B 216 22.63 -8.31 31.06
C LEU B 216 21.18 -7.95 30.84
N PRO B 217 20.43 -8.78 30.12
CA PRO B 217 18.98 -8.57 30.03
C PRO B 217 18.32 -8.73 31.39
N PRO B 218 17.11 -8.21 31.58
CA PRO B 218 16.45 -8.34 32.89
C PRO B 218 16.12 -9.77 33.27
N GLU B 219 15.95 -10.67 32.30
CA GLU B 219 15.66 -12.07 32.57
C GLU B 219 16.92 -12.91 32.74
N ALA B 220 18.08 -12.27 32.93
CA ALA B 220 19.32 -13.01 33.13
C ALA B 220 19.32 -13.70 34.49
N PHE B 221 18.96 -12.95 35.54
CA PHE B 221 18.85 -13.51 36.88
C PHE B 221 17.86 -12.68 37.68
N THR B 222 17.54 -13.17 38.87
CA THR B 222 16.65 -12.47 39.79
C THR B 222 17.43 -12.02 41.02
N PHE B 223 16.72 -11.48 41.99
CA PHE B 223 17.31 -11.07 43.26
C PHE B 223 16.69 -11.87 44.39
N ASN B 224 17.45 -12.06 45.47
CA ASN B 224 16.91 -12.70 46.66
C ASN B 224 15.83 -11.85 47.32
N ILE B 225 15.79 -10.55 47.03
CA ILE B 225 14.69 -9.71 47.51
C ILE B 225 13.44 -10.08 46.74
N LYS B 226 12.42 -10.51 47.47
CA LYS B 226 11.17 -10.96 46.84
C LYS B 226 10.34 -9.72 46.49
N VAL B 227 10.13 -9.51 45.20
CA VAL B 227 9.32 -8.39 44.72
C VAL B 227 7.86 -8.82 44.75
N ALA B 228 7.02 -8.02 45.39
CA ALA B 228 5.63 -8.41 45.60
C ALA B 228 4.76 -7.88 44.47
N SER B 229 3.82 -8.71 44.04
CA SER B 229 2.90 -8.37 42.95
C SER B 229 1.56 -9.05 43.21
N PRO B 230 0.75 -8.53 44.13
CA PRO B 230 -0.54 -9.17 44.41
C PRO B 230 -1.59 -8.87 43.36
N VAL B 231 -2.84 -9.24 43.66
CA VAL B 231 -3.95 -8.95 42.75
C VAL B 231 -4.25 -7.46 42.72
N LYS B 232 -4.62 -6.95 41.56
CA LYS B 232 -5.21 -5.62 41.41
C LYS B 232 -6.71 -5.70 41.51
N ARG B 233 -7.32 -4.77 42.25
CA ARG B 233 -8.77 -4.78 42.42
C ARG B 233 -9.45 -4.50 41.08
N PRO B 234 -10.46 -5.29 40.69
CA PRO B 234 -11.11 -5.09 39.37
C PRO B 234 -12.37 -4.25 39.42
N LYS B 235 -12.33 -3.04 38.85
CA LYS B 235 -13.49 -2.15 38.74
C LYS B 235 -14.31 -2.20 40.03
N LYS B 236 -13.73 -1.63 41.09
CA LYS B 236 -14.26 -1.83 42.43
C LYS B 236 -15.72 -1.38 42.51
N ASP B 237 -16.05 -0.28 41.83
CA ASP B 237 -17.42 0.16 41.86
C ASP B 237 -17.98 0.19 40.45
N PRO B 238 -19.22 -0.24 40.26
CA PRO B 238 -19.89 -0.01 38.96
C PRO B 238 -20.23 1.46 38.77
N VAL B 239 -20.18 1.89 37.51
CA VAL B 239 -20.33 3.29 37.14
C VAL B 239 -21.77 3.58 36.75
N ASN B 240 -22.28 4.71 37.26
CA ASN B 240 -23.62 5.17 36.95
C ASN B 240 -23.66 5.70 35.52
N GLU B 241 -24.33 4.96 34.63
CA GLU B 241 -24.39 5.34 33.22
C GLU B 241 -25.34 6.50 32.96
N THR B 242 -26.09 6.95 33.97
CA THR B 242 -26.85 8.19 33.83
C THR B 242 -25.99 9.40 34.18
N LEU B 243 -25.20 9.29 35.24
CA LEU B 243 -24.30 10.38 35.61
C LEU B 243 -23.10 10.45 34.67
N TYR B 244 -22.50 9.30 34.36
CA TYR B 244 -21.39 9.24 33.42
C TYR B 244 -21.83 8.48 32.18
N PRO B 245 -22.52 9.12 31.24
CA PRO B 245 -23.07 8.42 30.08
C PRO B 245 -22.08 8.15 28.96
N GLU B 246 -20.79 8.47 29.15
CA GLU B 246 -19.78 8.24 28.12
C GLU B 246 -18.61 7.40 28.63
N HIS B 247 -18.80 6.69 29.74
CA HIS B 247 -17.74 5.83 30.26
C HIS B 247 -17.62 4.53 29.49
N TYR B 248 -18.71 4.08 28.84
CA TYR B 248 -18.70 2.83 28.10
C TYR B 248 -17.73 2.84 26.94
N ARG B 249 -17.16 4.00 26.60
CA ARG B 249 -16.16 4.09 25.54
C ARG B 249 -14.75 3.77 26.04
N LYS B 250 -14.60 3.43 27.32
CA LYS B 250 -13.31 3.07 27.89
C LYS B 250 -13.13 1.56 28.05
N TYR B 251 -13.78 0.77 27.20
CA TYR B 251 -13.64 -0.67 27.24
C TYR B 251 -12.28 -1.15 26.76
N SER B 252 -11.49 -0.28 26.14
CA SER B 252 -10.19 -0.68 25.61
C SER B 252 -9.19 -1.04 26.70
N ASP B 253 -9.37 -0.51 27.91
CA ASP B 253 -8.48 -0.74 29.04
C ASP B 253 -7.03 -0.33 28.74
N TYR B 254 -6.85 0.58 27.79
CA TYR B 254 -5.53 1.06 27.40
C TYR B 254 -5.31 2.47 27.93
N ILE B 255 -4.18 2.68 28.59
CA ILE B 255 -3.83 3.97 29.19
C ILE B 255 -2.70 4.59 28.37
N LYS B 256 -2.98 5.75 27.76
CA LYS B 256 -1.95 6.46 27.02
C LYS B 256 -0.86 6.96 27.96
N GLY B 257 0.38 6.87 27.49
CA GLY B 257 1.51 7.35 28.28
C GLY B 257 1.74 6.58 29.57
N SER B 258 1.49 5.28 29.55
CA SER B 258 1.63 4.44 30.74
C SER B 258 2.90 3.60 30.62
N ASN B 259 3.67 3.55 31.70
CA ASN B 259 4.89 2.76 31.77
C ASN B 259 4.68 1.43 32.47
N LEU B 260 3.47 0.88 32.40
CA LEU B 260 3.22 -0.43 32.99
C LEU B 260 3.90 -1.53 32.20
N ASP B 261 3.82 -1.47 30.88
CA ASP B 261 4.50 -2.42 30.00
C ASP B 261 5.93 -2.01 29.68
N ALA B 262 6.47 -1.04 30.41
CA ALA B 262 7.85 -0.61 30.17
C ALA B 262 8.82 -1.65 30.71
N PRO B 263 9.81 -2.09 29.93
CA PRO B 263 10.72 -3.12 30.41
C PRO B 263 11.71 -2.57 31.43
N GLU B 264 12.26 -3.50 32.22
CA GLU B 264 13.26 -3.12 33.21
C GLU B 264 14.59 -2.81 32.53
N PRO B 265 15.40 -1.93 33.13
CA PRO B 265 16.70 -1.61 32.53
C PRO B 265 17.68 -2.78 32.59
N TYR B 266 18.90 -2.55 32.10
CA TYR B 266 19.89 -3.61 32.07
C TYR B 266 20.26 -4.07 33.48
N ARG B 267 20.43 -5.37 33.65
CA ARG B 267 21.01 -5.94 34.86
C ARG B 267 22.52 -5.74 34.82
N ILE B 268 23.10 -5.31 35.93
CA ILE B 268 24.53 -5.05 35.96
C ILE B 268 25.18 -6.02 36.92
N GLY B 269 26.30 -6.62 36.49
CA GLY B 269 27.01 -7.55 37.35
C GLY B 269 28.50 -7.32 37.34
N ARG B 270 29.16 -7.87 38.36
CA ARG B 270 30.61 -7.75 38.54
C ARG B 270 31.24 -9.11 38.28
N ILE B 271 32.04 -9.18 37.22
CA ILE B 271 32.67 -10.44 36.82
C ILE B 271 33.72 -10.82 37.87
N LYS B 272 33.56 -11.99 38.47
CA LYS B 272 34.60 -12.47 39.38
C LYS B 272 35.41 -13.61 38.79
N GLU B 273 34.75 -14.58 38.17
CA GLU B 273 35.44 -15.70 37.54
C GLU B 273 34.78 -15.98 36.20
N ILE B 274 35.60 -16.40 35.25
CA ILE B 274 35.15 -16.76 33.90
C ILE B 274 35.65 -18.17 33.64
N HIS B 275 34.75 -19.06 33.23
CA HIS B 275 35.16 -20.43 32.94
C HIS B 275 34.33 -20.99 31.80
N CYS B 276 34.84 -22.05 31.21
CA CYS B 276 34.16 -22.72 30.10
C CYS B 276 34.65 -24.16 30.03
N GLY B 277 34.33 -24.83 28.92
CA GLY B 277 34.69 -26.21 28.72
C GLY B 277 35.66 -26.39 27.58
N LYS B 278 35.79 -27.63 27.13
CA LYS B 278 36.71 -27.99 26.06
C LYS B 278 35.96 -28.71 24.95
N LYS B 279 36.49 -28.62 23.74
CA LYS B 279 35.87 -29.25 22.57
C LYS B 279 36.99 -29.67 21.62
N LYS B 280 37.17 -30.98 21.47
CA LYS B 280 38.16 -31.55 20.54
C LYS B 280 39.57 -31.03 20.83
N GLY B 281 39.94 -31.10 22.11
CA GLY B 281 41.27 -30.68 22.55
C GLY B 281 41.44 -29.19 22.79
N LYS B 282 40.68 -28.35 22.09
CA LYS B 282 40.78 -26.91 22.23
C LYS B 282 39.63 -26.39 23.09
N VAL B 283 39.76 -25.12 23.52
CA VAL B 283 38.74 -24.51 24.37
C VAL B 283 37.50 -24.19 23.55
N ASN B 284 36.34 -24.45 24.14
CA ASN B 284 35.05 -24.16 23.50
C ASN B 284 34.69 -22.71 23.78
N GLU B 285 35.24 -21.80 22.97
CA GLU B 285 34.97 -20.38 23.14
C GLU B 285 33.55 -19.99 22.77
N ALA B 286 32.81 -20.89 22.11
CA ALA B 286 31.43 -20.58 21.75
C ALA B 286 30.49 -20.63 22.95
N ASP B 287 30.89 -21.30 24.03
CA ASP B 287 30.08 -21.45 25.24
C ASP B 287 30.94 -21.07 26.44
N ILE B 288 30.98 -19.78 26.75
CA ILE B 288 31.74 -19.24 27.88
C ILE B 288 30.76 -18.83 28.97
N LYS B 289 31.08 -19.19 30.22
CA LYS B 289 30.24 -18.90 31.37
C LYS B 289 30.83 -17.75 32.18
N LEU B 290 29.95 -16.98 32.82
CA LEU B 290 30.35 -15.83 33.63
C LEU B 290 29.68 -15.93 34.99
N ARG B 291 30.46 -15.81 36.05
CA ARG B 291 29.91 -15.71 37.40
C ARG B 291 30.07 -14.29 37.92
N LEU B 292 28.97 -13.73 38.43
CA LEU B 292 28.90 -12.32 38.73
C LEU B 292 28.41 -12.07 40.16
N TYR B 293 28.83 -10.93 40.66
CA TYR B 293 28.29 -10.32 41.87
C TYR B 293 27.13 -9.44 41.44
N LYS B 294 25.94 -9.72 41.99
CA LYS B 294 24.74 -8.98 41.62
C LYS B 294 24.81 -7.55 42.13
N PHE B 295 24.54 -6.59 41.25
CA PHE B 295 24.38 -5.21 41.66
C PHE B 295 22.91 -4.90 41.88
N TYR B 296 22.63 -4.05 42.85
CA TYR B 296 21.27 -3.70 43.24
C TYR B 296 20.96 -2.28 42.77
N ARG B 297 20.08 -2.16 41.79
CA ARG B 297 19.53 -0.87 41.46
C ARG B 297 18.61 -0.42 42.61
N PRO B 298 18.57 0.89 42.89
CA PRO B 298 17.73 1.35 44.02
C PRO B 298 16.28 0.92 43.91
N GLU B 299 15.78 0.72 42.69
CA GLU B 299 14.43 0.23 42.49
C GLU B 299 14.30 -1.28 42.68
N ASN B 300 15.42 -1.98 42.90
CA ASN B 300 15.40 -3.42 43.17
C ASN B 300 15.44 -3.76 44.65
N THR B 301 15.82 -2.80 45.51
CA THR B 301 15.93 -3.06 46.93
C THR B 301 14.52 -3.14 47.55
N HIS B 302 14.47 -3.18 48.87
CA HIS B 302 13.18 -3.19 49.56
C HIS B 302 12.44 -1.87 49.40
N ARG B 303 13.13 -0.79 49.02
CA ARG B 303 12.47 0.49 48.78
C ARG B 303 11.64 0.45 47.50
N SER B 304 12.03 -0.37 46.53
CA SER B 304 11.34 -0.48 45.23
C SER B 304 11.45 0.90 44.57
N TYR B 305 10.46 1.26 43.76
CA TYR B 305 10.47 2.56 43.10
C TYR B 305 10.36 3.70 44.11
N ASN B 306 9.45 3.55 45.06
CA ASN B 306 9.04 4.65 45.94
C ASN B 306 10.23 5.35 46.57
N GLY B 307 11.35 4.65 46.77
CA GLY B 307 12.55 5.25 47.29
C GLY B 307 13.52 5.75 46.25
N SER B 308 13.33 5.36 44.98
CA SER B 308 14.25 5.68 43.91
C SER B 308 13.80 6.88 43.09
N TYR B 309 13.03 7.78 43.70
CA TYR B 309 12.58 8.98 42.99
C TYR B 309 13.69 10.04 42.93
N HIS B 310 14.38 10.26 44.04
CA HIS B 310 15.39 11.30 44.13
C HIS B 310 16.79 10.83 43.82
N THR B 311 17.04 9.52 43.79
CA THR B 311 18.37 9.00 43.57
C THR B 311 18.81 9.21 42.13
N ASP B 312 20.13 9.26 41.94
CA ASP B 312 20.69 9.35 40.59
C ASP B 312 20.36 8.09 39.79
N ILE B 313 20.30 8.24 38.46
CA ILE B 313 20.02 7.09 37.61
C ILE B 313 21.21 6.17 37.42
N ASN B 314 22.39 6.58 37.87
CA ASN B 314 23.59 5.76 37.73
C ASN B 314 24.16 5.32 39.08
N MET B 315 23.43 5.51 40.17
CA MET B 315 23.86 5.06 41.49
C MET B 315 23.33 3.65 41.72
N LEU B 316 24.22 2.74 42.09
CA LEU B 316 23.88 1.35 42.34
C LEU B 316 24.24 0.99 43.78
N TYR B 317 23.95 -0.26 44.15
CA TYR B 317 24.25 -0.77 45.47
C TYR B 317 24.94 -2.12 45.33
N TRP B 318 26.08 -2.27 46.01
CA TRP B 318 26.84 -3.51 45.94
C TRP B 318 26.14 -4.62 46.73
N SER B 319 26.34 -5.85 46.28
CA SER B 319 25.84 -7.01 47.00
C SER B 319 26.81 -8.17 46.79
N ASP B 320 26.79 -9.11 47.72
CA ASP B 320 27.62 -10.29 47.64
C ASP B 320 26.86 -11.50 47.10
N GLU B 321 25.64 -11.28 46.60
CA GLU B 321 24.92 -12.34 45.93
C GLU B 321 25.63 -12.71 44.63
N GLU B 322 25.47 -13.96 44.21
CA GLU B 322 26.19 -14.46 43.05
C GLU B 322 25.20 -15.07 42.06
N ALA B 323 25.59 -15.06 40.78
CA ALA B 323 24.76 -15.68 39.76
C ALA B 323 25.62 -16.05 38.56
N VAL B 324 25.21 -17.11 37.86
CA VAL B 324 25.94 -17.63 36.72
C VAL B 324 25.10 -17.36 35.47
N VAL B 325 25.70 -16.66 34.51
CA VAL B 325 25.07 -16.33 33.24
C VAL B 325 25.99 -16.79 32.12
N ASN B 326 25.50 -16.68 30.90
CA ASN B 326 26.28 -17.03 29.73
C ASN B 326 26.93 -15.78 29.14
N PHE B 327 28.10 -15.97 28.51
CA PHE B 327 28.75 -14.85 27.84
C PHE B 327 28.00 -14.42 26.59
N SER B 328 27.11 -15.27 26.07
CA SER B 328 26.31 -14.90 24.92
C SER B 328 25.21 -13.90 25.26
N ASP B 329 24.86 -13.77 26.54
CA ASP B 329 23.87 -12.80 26.97
C ASP B 329 24.49 -11.44 27.31
N VAL B 330 25.81 -11.30 27.17
CA VAL B 330 26.46 -10.03 27.45
C VAL B 330 26.08 -9.02 26.38
N GLN B 331 25.43 -7.93 26.79
CA GLN B 331 25.04 -6.89 25.86
C GLN B 331 26.08 -5.78 25.75
N GLY B 332 26.85 -5.54 26.79
CA GLY B 332 27.87 -4.50 26.74
C GLY B 332 28.63 -4.45 28.05
N ARG B 333 29.69 -3.63 28.03
CA ARG B 333 30.53 -3.43 29.21
C ARG B 333 30.23 -2.06 29.81
N CYS B 334 30.17 -2.01 31.15
CA CYS B 334 29.97 -0.75 31.84
C CYS B 334 31.05 -0.57 32.89
N THR B 335 31.28 0.69 33.26
CA THR B 335 32.33 1.06 34.20
C THR B 335 31.68 1.38 35.55
N VAL B 336 31.90 0.53 36.54
CA VAL B 336 31.35 0.70 37.88
C VAL B 336 32.50 0.98 38.82
N GLU B 337 32.41 2.09 39.55
CA GLU B 337 33.47 2.43 40.49
C GLU B 337 32.88 2.66 41.88
N TYR B 338 33.71 2.40 42.89
CA TYR B 338 33.34 2.69 44.26
C TYR B 338 33.37 4.19 44.50
N GLY B 339 32.49 4.65 45.40
CA GLY B 339 32.30 6.09 45.56
C GLY B 339 33.52 6.80 46.09
N GLU B 340 34.23 6.19 47.03
CA GLU B 340 35.33 6.87 47.70
C GLU B 340 36.67 6.65 47.01
N ASP B 341 36.81 5.60 46.20
CA ASP B 341 38.04 5.40 45.45
C ASP B 341 38.17 6.34 44.26
N LEU B 342 37.18 7.19 44.03
CA LEU B 342 37.20 8.09 42.90
C LEU B 342 38.25 9.18 43.12
N LEU B 343 38.97 9.52 42.04
CA LEU B 343 39.91 10.62 42.09
C LEU B 343 39.24 11.97 41.87
N GLU B 344 38.04 11.98 41.29
CA GLU B 344 37.28 13.19 41.05
C GLU B 344 35.90 13.04 41.66
N SER B 345 35.08 14.08 41.52
CA SER B 345 33.75 14.09 42.11
C SER B 345 32.83 13.12 41.37
N ILE B 346 31.65 12.89 41.96
CA ILE B 346 30.68 11.98 41.36
C ILE B 346 30.11 12.58 40.08
N GLN B 347 29.81 13.87 40.09
CA GLN B 347 29.22 14.50 38.92
C GLN B 347 30.20 14.56 37.74
N ASP B 348 31.48 14.86 38.01
CA ASP B 348 32.45 14.91 36.92
C ASP B 348 32.71 13.52 36.35
N TYR B 349 32.63 12.50 37.20
CA TYR B 349 32.83 11.13 36.75
C TYR B 349 31.62 10.61 35.99
N SER B 350 30.42 11.02 36.39
CA SER B 350 29.22 10.58 35.71
C SER B 350 29.04 11.29 34.38
N GLN B 351 29.37 12.59 34.32
CA GLN B 351 29.28 13.37 33.10
C GLN B 351 30.57 13.32 32.28
N GLY B 352 31.49 12.40 32.62
CA GLY B 352 32.71 12.30 31.85
C GLY B 352 32.67 11.27 30.75
N GLY B 353 31.74 10.32 30.84
CA GLY B 353 31.63 9.27 29.84
C GLY B 353 30.34 8.48 29.95
N PRO B 354 30.09 7.63 28.96
CA PRO B 354 28.88 6.80 28.97
C PRO B 354 29.07 5.52 29.77
N ASP B 355 27.94 4.89 30.11
CA ASP B 355 27.90 3.61 30.80
C ASP B 355 28.66 3.64 32.13
N ARG B 356 28.70 4.79 32.78
CA ARG B 356 29.45 4.97 34.01
C ARG B 356 28.51 4.96 35.21
N PHE B 357 28.71 4.01 36.11
CA PHE B 357 27.94 3.89 37.34
C PHE B 357 28.88 3.98 38.55
N TYR B 358 28.28 4.27 39.70
CA TYR B 358 29.04 4.46 40.92
C TYR B 358 28.24 3.91 42.08
N PHE B 359 28.94 3.58 43.17
CA PHE B 359 28.24 3.10 44.36
C PHE B 359 29.04 3.46 45.60
N LEU B 360 28.33 3.88 46.65
CA LEU B 360 28.93 4.20 47.94
C LEU B 360 28.56 3.24 49.07
N GLU B 361 27.41 2.59 49.00
CA GLU B 361 26.98 1.63 50.02
C GLU B 361 26.78 0.25 49.40
N ALA B 362 26.42 -0.71 50.25
CA ALA B 362 26.07 -2.05 49.83
C ALA B 362 24.75 -2.44 50.48
N TYR B 363 24.07 -3.40 49.87
CA TYR B 363 22.73 -3.80 50.27
C TYR B 363 22.73 -5.26 50.70
N ASN B 364 22.24 -5.54 51.90
CA ASN B 364 22.11 -6.92 52.34
C ASN B 364 20.65 -7.35 52.20
N SER B 365 20.42 -8.45 51.47
CA SER B 365 19.06 -8.84 51.15
C SER B 365 18.32 -9.41 52.35
N LYS B 366 19.02 -10.07 53.27
CA LYS B 366 18.37 -10.70 54.42
C LYS B 366 18.19 -9.71 55.57
N THR B 367 19.17 -8.83 55.78
CA THR B 367 19.03 -7.82 56.83
C THR B 367 18.21 -6.62 56.36
N LYS B 368 18.08 -6.45 55.05
CA LYS B 368 17.30 -5.36 54.45
C LYS B 368 17.81 -4.00 54.94
N ASN B 369 19.13 -3.87 55.00
CA ASN B 369 19.77 -2.61 55.38
C ASN B 369 20.96 -2.37 54.47
N PHE B 370 21.60 -1.21 54.69
CA PHE B 370 22.69 -0.71 53.85
C PHE B 370 23.93 -0.62 54.71
N GLU B 371 25.01 -1.27 54.26
CA GLU B 371 26.28 -1.31 54.95
C GLU B 371 27.35 -0.64 54.09
N ASP B 372 28.58 -0.69 54.58
CA ASP B 372 29.73 -0.31 53.76
C ASP B 372 30.28 -1.54 53.05
N PRO B 373 30.53 -1.46 51.75
CA PRO B 373 30.89 -2.66 50.98
C PRO B 373 32.25 -3.18 51.40
N PRO B 374 32.50 -4.47 51.18
CA PRO B 374 33.82 -5.04 51.54
C PRO B 374 34.92 -4.47 50.65
N ASN B 375 36.15 -4.83 51.00
CA ASN B 375 37.32 -4.30 50.32
C ASN B 375 37.54 -4.92 48.95
N HIS B 376 36.93 -6.08 48.67
CA HIS B 376 37.07 -6.72 47.37
C HIS B 376 36.15 -6.14 46.31
N ALA B 377 35.27 -5.21 46.69
CA ALA B 377 34.47 -4.46 45.73
C ALA B 377 35.16 -3.19 45.28
N ARG B 378 36.22 -2.79 45.98
CA ARG B 378 36.97 -1.58 45.67
C ARG B 378 37.94 -1.86 44.53
N SER B 379 38.33 -0.79 43.83
CA SER B 379 39.23 -0.90 42.69
C SER B 379 40.66 -1.15 43.16
N PRO B 380 41.57 -1.54 42.23
CA PRO B 380 42.99 -1.65 42.58
C PRO B 380 43.49 -0.45 43.37
N GLY B 381 44.00 -0.71 44.56
CA GLY B 381 44.26 0.34 45.53
C GLY B 381 43.32 0.15 46.70
N ASN B 382 43.01 -1.11 46.98
CA ASN B 382 42.07 -1.48 48.02
C ASN B 382 42.76 -1.68 49.36
N LYS B 409 42.32 19.13 22.68
CA LYS B 409 41.17 20.00 22.50
C LYS B 409 40.56 19.84 21.11
N LEU B 410 39.33 19.34 21.06
CA LEU B 410 38.67 19.10 19.78
C LEU B 410 38.04 20.38 19.26
N PRO B 411 38.38 20.84 18.07
CA PRO B 411 37.77 22.08 17.55
C PRO B 411 36.31 21.88 17.22
N LYS B 412 35.51 22.90 17.51
CA LYS B 412 34.09 22.86 17.22
C LYS B 412 33.85 23.19 15.76
N LEU B 413 32.80 22.60 15.20
CA LEU B 413 32.46 22.79 13.79
C LEU B 413 31.63 24.06 13.63
N ARG B 414 32.01 24.87 12.66
CA ARG B 414 31.20 26.02 12.28
C ARG B 414 29.91 25.48 11.67
N THR B 415 28.79 25.69 12.37
CA THR B 415 27.53 25.08 12.00
C THR B 415 26.50 26.15 11.62
N LEU B 416 25.87 25.94 10.47
CA LEU B 416 24.72 26.73 10.04
C LEU B 416 23.46 25.94 10.33
N ASP B 417 22.51 26.59 11.01
CA ASP B 417 21.26 25.96 11.45
C ASP B 417 20.11 26.62 10.69
N VAL B 418 19.66 25.96 9.62
CA VAL B 418 18.50 26.44 8.90
C VAL B 418 17.24 25.96 9.62
N PHE B 419 16.22 26.80 9.66
CA PHE B 419 15.03 26.57 10.47
C PHE B 419 15.43 26.30 11.92
N SER B 420 16.16 27.26 12.49
CA SER B 420 16.76 27.05 13.81
C SER B 420 15.71 27.10 14.91
N GLY B 421 14.62 27.84 14.70
CA GLY B 421 13.64 27.98 15.76
C GLY B 421 14.23 28.65 16.98
N CYS B 422 13.83 28.19 18.16
CA CYS B 422 14.43 28.68 19.39
C CYS B 422 15.82 28.11 19.63
N GLY B 423 16.21 27.07 18.91
CA GLY B 423 17.55 26.54 18.97
C GLY B 423 17.76 25.22 19.68
N GLY B 424 16.74 24.38 19.80
CA GLY B 424 16.91 23.11 20.50
C GLY B 424 17.93 22.20 19.82
N LEU B 425 17.93 22.17 18.50
CA LEU B 425 18.85 21.31 17.77
C LEU B 425 20.29 21.79 17.97
N SER B 426 20.52 23.09 17.78
CA SER B 426 21.84 23.65 17.99
C SER B 426 22.23 23.61 19.46
N GLU B 427 21.25 23.64 20.36
CA GLU B 427 21.55 23.49 21.78
C GLU B 427 22.10 22.10 22.07
N GLY B 428 21.45 21.08 21.53
CA GLY B 428 21.98 19.73 21.70
C GLY B 428 23.34 19.56 21.05
N PHE B 429 23.57 20.22 19.92
CA PHE B 429 24.88 20.17 19.29
C PHE B 429 25.95 20.87 20.12
N HIS B 430 25.57 21.90 20.88
CA HIS B 430 26.53 22.55 21.77
C HIS B 430 26.76 21.74 23.04
N GLN B 431 25.74 21.00 23.50
CA GLN B 431 25.93 20.12 24.65
C GLN B 431 26.87 18.96 24.34
N ALA B 432 27.06 18.62 23.07
CA ALA B 432 28.07 17.66 22.66
C ALA B 432 29.43 18.31 22.44
N GLY B 433 29.50 19.64 22.46
CA GLY B 433 30.76 20.34 22.29
C GLY B 433 31.42 20.14 20.94
N ILE B 434 30.62 19.98 19.89
CA ILE B 434 31.16 19.71 18.55
C ILE B 434 30.92 20.84 17.59
N SER B 435 30.18 21.88 17.97
CA SER B 435 29.81 22.88 17.00
C SER B 435 29.50 24.20 17.68
N GLU B 436 29.99 25.28 17.09
CA GLU B 436 29.54 26.63 17.38
C GLU B 436 28.64 27.06 16.23
N THR B 437 27.37 27.30 16.54
CA THR B 437 26.37 27.70 15.55
C THR B 437 26.58 29.18 15.24
N LEU B 438 27.20 29.45 14.09
CA LEU B 438 27.55 30.83 13.78
C LEU B 438 26.47 31.55 12.98
N TRP B 439 25.67 30.80 12.22
CA TRP B 439 24.64 31.38 11.37
C TRP B 439 23.32 30.74 11.71
N ALA B 440 22.24 31.51 11.54
CA ALA B 440 20.92 31.00 11.87
C ALA B 440 19.89 31.62 10.94
N ILE B 441 18.94 30.81 10.49
CA ILE B 441 17.84 31.24 9.63
C ILE B 441 16.53 30.89 10.31
N GLU B 442 15.66 31.87 10.47
CA GLU B 442 14.37 31.66 11.14
C GLU B 442 13.44 32.79 10.74
N MET B 443 12.44 32.48 9.91
CA MET B 443 11.54 33.52 9.40
C MET B 443 10.61 34.03 10.50
N TRP B 444 10.18 33.16 11.41
CA TRP B 444 9.33 33.60 12.50
C TRP B 444 10.13 34.45 13.47
N ASP B 445 9.58 35.62 13.82
CA ASP B 445 10.35 36.57 14.63
C ASP B 445 10.52 36.11 16.08
N PRO B 446 9.48 35.70 16.81
CA PRO B 446 9.71 35.31 18.21
C PRO B 446 10.69 34.17 18.37
N ALA B 447 10.71 33.22 17.42
CA ALA B 447 11.69 32.14 17.50
C ALA B 447 13.10 32.66 17.27
N ALA B 448 13.26 33.62 16.36
CA ALA B 448 14.58 34.19 16.13
C ALA B 448 15.06 34.98 17.35
N GLN B 449 14.15 35.70 18.01
CA GLN B 449 14.52 36.45 19.21
C GLN B 449 14.92 35.50 20.33
N ALA B 450 14.14 34.43 20.52
CA ALA B 450 14.48 33.43 21.53
C ALA B 450 15.81 32.75 21.19
N PHE B 451 16.13 32.63 19.91
CA PHE B 451 17.41 32.08 19.52
C PHE B 451 18.55 33.03 19.86
N ARG B 452 18.34 34.33 19.63
CA ARG B 452 19.38 35.30 19.97
C ARG B 452 19.62 35.39 21.47
N LEU B 453 18.58 35.22 22.27
CA LEU B 453 18.76 35.28 23.72
C LEU B 453 19.65 34.15 24.21
N ASN B 454 19.52 32.96 23.63
CA ASN B 454 20.30 31.81 24.06
C ASN B 454 21.63 31.66 23.33
N ASN B 455 21.84 32.39 22.23
CA ASN B 455 23.09 32.34 21.48
C ASN B 455 23.54 33.76 21.16
N PRO B 456 24.42 34.33 21.99
CA PRO B 456 24.86 35.72 21.72
C PRO B 456 25.85 35.85 20.58
N GLY B 457 26.52 34.78 20.19
CA GLY B 457 27.50 34.85 19.11
C GLY B 457 27.05 34.21 17.82
N THR B 458 25.78 34.37 17.47
CA THR B 458 25.22 33.78 16.26
C THR B 458 24.55 34.86 15.43
N THR B 459 24.85 34.89 14.13
CA THR B 459 24.20 35.79 13.20
C THR B 459 22.85 35.19 12.81
N VAL B 460 21.76 35.78 13.30
CA VAL B 460 20.42 35.25 13.11
C VAL B 460 19.75 36.02 11.98
N PHE B 461 19.47 35.33 10.88
CA PHE B 461 18.76 35.91 9.76
C PHE B 461 17.28 35.58 9.87
N THR B 462 16.44 36.59 9.68
CA THR B 462 14.98 36.40 9.72
C THR B 462 14.34 36.33 8.34
N GLU B 463 15.12 36.46 7.27
CA GLU B 463 14.57 36.42 5.92
C GLU B 463 14.20 34.99 5.54
N ASP B 464 13.61 34.85 4.35
CA ASP B 464 13.27 33.54 3.81
C ASP B 464 14.52 32.84 3.31
N CYS B 465 14.55 31.51 3.47
CA CYS B 465 15.75 30.75 3.11
C CYS B 465 16.03 30.83 1.61
N ASN B 466 14.99 30.84 0.79
CA ASN B 466 15.20 30.97 -0.65
C ASN B 466 15.80 32.32 -1.00
N VAL B 467 15.29 33.38 -0.39
CA VAL B 467 15.81 34.72 -0.66
C VAL B 467 17.24 34.85 -0.15
N LEU B 468 17.51 34.28 1.02
CA LEU B 468 18.84 34.38 1.60
C LEU B 468 19.87 33.64 0.76
N LEU B 469 19.49 32.48 0.20
CA LEU B 469 20.40 31.77 -0.69
C LEU B 469 20.57 32.52 -2.00
N LYS B 470 19.51 33.18 -2.48
CA LYS B 470 19.62 33.97 -3.70
C LYS B 470 20.58 35.14 -3.52
N LEU B 471 20.71 35.65 -2.29
CA LEU B 471 21.67 36.73 -2.06
C LEU B 471 23.10 36.23 -2.16
N VAL B 472 23.42 35.08 -1.55
CA VAL B 472 24.78 34.59 -1.61
C VAL B 472 25.11 34.06 -3.00
N MET B 473 24.10 33.69 -3.80
CA MET B 473 24.39 33.28 -5.16
C MET B 473 24.68 34.48 -6.07
N ALA B 474 24.16 35.65 -5.73
CA ALA B 474 24.41 36.87 -6.49
C ALA B 474 25.72 37.55 -6.14
N GLY B 475 26.53 36.96 -5.26
CA GLY B 475 27.78 37.56 -4.86
C GLY B 475 27.69 38.58 -3.75
N GLU B 476 26.51 38.82 -3.19
CA GLU B 476 26.36 39.79 -2.13
C GLU B 476 27.08 39.36 -0.87
N VAL B 477 27.61 40.34 -0.14
CA VAL B 477 28.38 40.07 1.08
C VAL B 477 27.50 40.16 2.32
N THR B 478 26.71 41.23 2.43
CA THR B 478 25.83 41.44 3.56
C THR B 478 24.42 41.70 3.06
N ASN B 479 23.46 41.61 3.98
CA ASN B 479 22.06 41.88 3.66
C ASN B 479 21.80 43.38 3.81
N SER B 480 20.53 43.78 3.93
CA SER B 480 20.21 45.18 4.15
C SER B 480 20.56 45.61 5.57
N LEU B 481 20.57 44.68 6.51
CA LEU B 481 20.87 44.98 7.90
C LEU B 481 22.35 45.00 8.21
N GLY B 482 23.21 44.75 7.22
CA GLY B 482 24.64 44.72 7.43
C GLY B 482 25.18 43.42 7.98
N GLN B 483 24.38 42.36 8.00
CA GLN B 483 24.82 41.07 8.50
C GLN B 483 25.54 40.29 7.42
N ARG B 484 26.77 39.88 7.72
CA ARG B 484 27.59 39.18 6.73
C ARG B 484 26.99 37.81 6.38
N LEU B 485 26.95 37.52 5.09
CA LEU B 485 26.42 36.25 4.60
C LEU B 485 27.53 35.19 4.54
N PRO B 486 27.24 33.97 4.99
CA PRO B 486 28.26 32.92 4.92
C PRO B 486 28.55 32.53 3.49
N GLN B 487 29.82 32.23 3.22
CA GLN B 487 30.28 31.86 1.88
C GLN B 487 30.75 30.40 1.90
N LYS B 488 31.22 29.95 0.74
CA LYS B 488 31.73 28.59 0.63
C LYS B 488 33.00 28.44 1.46
N GLY B 489 33.03 27.43 2.32
CA GLY B 489 34.11 27.22 3.25
C GLY B 489 33.79 27.64 4.67
N ASP B 490 32.83 28.55 4.86
CA ASP B 490 32.46 28.96 6.20
C ASP B 490 31.70 27.86 6.92
N VAL B 491 30.78 27.20 6.23
CA VAL B 491 29.93 26.19 6.84
C VAL B 491 30.65 24.85 6.81
N GLU B 492 30.92 24.31 8.00
CA GLU B 492 31.45 22.96 8.13
C GLU B 492 30.37 21.93 8.43
N MET B 493 29.25 22.36 9.01
CA MET B 493 28.12 21.45 9.20
C MET B 493 26.82 22.19 8.98
N LEU B 494 25.91 21.56 8.24
CA LEU B 494 24.59 22.10 7.95
C LEU B 494 23.55 21.23 8.64
N CYS B 495 22.72 21.86 9.47
CA CYS B 495 21.69 21.12 10.18
C CYS B 495 20.38 21.90 10.13
N GLY B 496 19.29 21.16 10.19
CA GLY B 496 17.99 21.80 10.17
C GLY B 496 16.84 20.81 10.22
N GLY B 497 15.70 21.34 10.63
CA GLY B 497 14.47 20.60 10.66
C GLY B 497 13.39 21.37 9.94
N PRO B 498 13.15 21.02 8.68
CA PRO B 498 12.15 21.74 7.87
C PRO B 498 10.76 21.58 8.45
N PRO B 499 9.83 22.45 8.07
CA PRO B 499 8.47 22.37 8.62
C PRO B 499 7.83 21.02 8.34
N CYS B 500 7.34 20.38 9.39
CA CYS B 500 6.68 19.08 9.31
C CYS B 500 5.17 19.21 9.25
N GLN B 501 4.65 20.43 9.18
CA GLN B 501 3.21 20.64 9.12
C GLN B 501 2.58 20.04 7.86
N GLY B 502 3.37 19.85 6.80
CA GLY B 502 2.88 19.17 5.62
C GLY B 502 2.98 17.66 5.70
N PHE B 503 3.91 17.16 6.51
CA PHE B 503 4.11 15.73 6.68
C PHE B 503 3.50 15.19 7.97
N SER B 504 2.98 16.05 8.83
CA SER B 504 2.44 15.60 10.12
C SER B 504 1.26 14.67 9.92
N GLY B 505 1.16 13.66 10.79
CA GLY B 505 0.03 12.75 10.74
C GLY B 505 -1.29 13.39 11.11
N MET B 506 -1.25 14.48 11.88
CA MET B 506 -2.46 15.17 12.30
C MET B 506 -2.99 16.11 11.24
N ASN B 507 -2.20 16.43 10.21
CA ASN B 507 -2.64 17.36 9.18
C ASN B 507 -3.77 16.74 8.35
N ARG B 508 -4.87 17.46 8.23
CA ARG B 508 -6.06 17.00 7.51
C ARG B 508 -5.99 17.36 6.03
N PHE B 509 -5.67 18.62 5.71
CA PHE B 509 -5.72 19.13 4.35
C PHE B 509 -4.41 18.93 3.60
N ASN B 510 -3.91 17.69 3.58
CA ASN B 510 -2.65 17.38 2.90
C ASN B 510 -2.77 17.65 1.39
N SER B 515 4.04 21.81 -2.14
CA SER B 515 2.99 21.46 -3.09
C SER B 515 3.55 20.66 -4.27
N LYS B 516 4.80 20.95 -4.63
CA LYS B 516 5.58 20.15 -5.56
C LYS B 516 6.99 20.09 -5.00
N PHE B 517 7.70 18.99 -5.27
CA PHE B 517 8.98 18.74 -4.60
C PHE B 517 10.00 19.84 -4.88
N LYS B 518 10.16 20.21 -6.15
CA LYS B 518 11.22 21.15 -6.50
C LYS B 518 11.06 22.48 -5.81
N ASN B 519 9.89 22.75 -5.24
CA ASN B 519 9.63 23.99 -4.54
C ASN B 519 9.52 23.83 -3.03
N SER B 520 9.34 22.61 -2.55
CA SER B 520 9.23 22.40 -1.12
C SER B 520 10.52 22.81 -0.40
N LEU B 521 10.37 23.18 0.88
CA LEU B 521 11.49 23.74 1.63
C LEU B 521 12.64 22.76 1.77
N VAL B 522 12.35 21.45 1.81
CA VAL B 522 13.43 20.47 2.00
C VAL B 522 14.39 20.49 0.82
N VAL B 523 13.93 20.92 -0.36
CA VAL B 523 14.83 21.01 -1.51
C VAL B 523 15.66 22.29 -1.45
N SER B 524 15.09 23.38 -0.93
CA SER B 524 15.92 24.56 -0.66
C SER B 524 16.99 24.25 0.38
N PHE B 525 16.60 23.52 1.43
CA PHE B 525 17.55 23.09 2.44
C PHE B 525 18.63 22.19 1.84
N LEU B 526 18.28 21.43 0.81
CA LEU B 526 19.28 20.67 0.07
C LEU B 526 20.15 21.54 -0.80
N SER B 527 19.60 22.63 -1.33
CA SER B 527 20.40 23.55 -2.14
C SER B 527 21.45 24.23 -1.30
N TYR B 528 21.15 24.47 -0.01
CA TYR B 528 22.20 24.94 0.90
C TYR B 528 23.33 23.94 1.00
N CYS B 529 23.00 22.65 1.12
CA CYS B 529 24.03 21.61 1.17
C CYS B 529 24.77 21.48 -0.15
N ASP B 530 24.11 21.82 -1.25
CA ASP B 530 24.76 21.76 -2.56
C ASP B 530 25.72 22.93 -2.77
N TYR B 531 25.35 24.11 -2.26
CA TYR B 531 26.19 25.30 -2.42
C TYR B 531 27.40 25.26 -1.51
N TYR B 532 27.16 25.22 -0.19
CA TYR B 532 28.27 25.28 0.76
C TYR B 532 29.06 23.98 0.79
N ARG B 533 28.39 22.85 0.57
CA ARG B 533 28.99 21.53 0.66
C ARG B 533 29.65 21.36 2.02
N PRO B 534 28.89 21.25 3.09
CA PRO B 534 29.50 21.09 4.42
C PRO B 534 30.11 19.70 4.57
N ARG B 535 30.84 19.53 5.68
CA ARG B 535 31.40 18.23 5.99
C ARG B 535 30.34 17.27 6.51
N PHE B 536 29.32 17.80 7.19
CA PHE B 536 28.25 16.99 7.73
C PHE B 536 26.91 17.68 7.47
N PHE B 537 25.86 16.86 7.46
CA PHE B 537 24.53 17.31 7.05
C PHE B 537 23.48 16.54 7.85
N LEU B 538 22.53 17.26 8.42
CA LEU B 538 21.48 16.63 9.22
C LEU B 538 20.12 17.25 8.91
N LEU B 539 19.16 16.38 8.61
CA LEU B 539 17.78 16.78 8.34
C LEU B 539 16.87 16.05 9.30
N GLU B 540 16.06 16.82 10.03
CA GLU B 540 15.15 16.25 11.02
C GLU B 540 13.70 16.52 10.63
N ASN B 541 12.85 15.53 10.84
CA ASN B 541 11.42 15.67 10.53
C ASN B 541 10.66 14.62 11.33
N VAL B 542 9.33 14.62 11.20
CA VAL B 542 8.51 13.65 11.93
C VAL B 542 8.70 12.27 11.34
N ARG B 543 8.18 11.25 12.03
CA ARG B 543 8.29 9.87 11.55
C ARG B 543 7.64 9.70 10.18
N ASN B 544 6.45 10.28 10.01
CA ASN B 544 5.69 10.12 8.77
C ASN B 544 6.41 10.75 7.58
N PHE B 545 7.55 11.41 7.84
CA PHE B 545 8.34 11.95 6.74
C PHE B 545 8.87 10.84 5.84
N VAL B 546 9.08 9.64 6.40
CA VAL B 546 9.62 8.54 5.58
C VAL B 546 8.52 7.77 4.85
N SER B 547 7.26 8.11 5.06
CA SER B 547 6.15 7.44 4.39
C SER B 547 5.25 8.40 3.62
N TYR B 548 5.61 9.68 3.53
CA TYR B 548 4.76 10.64 2.83
C TYR B 548 4.81 10.36 1.33
N ARG B 549 3.63 10.23 0.72
CA ARG B 549 3.47 9.92 -0.69
C ARG B 549 4.27 8.66 -1.08
N ARG B 550 4.05 7.60 -0.31
CA ARG B 550 4.72 6.31 -0.53
C ARG B 550 6.24 6.45 -0.53
N SER B 551 6.74 7.21 0.45
CA SER B 551 8.19 7.38 0.68
C SER B 551 8.90 8.04 -0.50
N MET B 552 8.18 8.85 -1.28
CA MET B 552 8.81 9.50 -2.43
C MET B 552 9.70 10.64 -1.99
N VAL B 553 9.30 11.40 -0.96
CA VAL B 553 10.11 12.50 -0.47
C VAL B 553 11.44 11.98 0.06
N LEU B 554 11.39 10.88 0.82
CA LEU B 554 12.61 10.30 1.38
C LEU B 554 13.53 9.81 0.27
N LYS B 555 12.97 9.11 -0.73
CA LYS B 555 13.81 8.57 -1.79
C LYS B 555 14.42 9.68 -2.61
N LEU B 556 13.72 10.80 -2.75
CA LEU B 556 14.26 11.89 -3.56
C LEU B 556 15.33 12.68 -2.80
N THR B 557 15.15 12.87 -1.49
CA THR B 557 16.20 13.52 -0.72
C THR B 557 17.46 12.67 -0.68
N LEU B 558 17.30 11.34 -0.52
CA LEU B 558 18.46 10.46 -0.53
C LEU B 558 19.13 10.46 -1.90
N ARG B 559 18.34 10.50 -2.98
CA ARG B 559 18.94 10.54 -4.31
C ARG B 559 19.72 11.82 -4.52
N CYS B 560 19.19 12.96 -4.05
CA CYS B 560 19.92 14.21 -4.19
C CYS B 560 21.22 14.19 -3.40
N LEU B 561 21.21 13.56 -2.23
CA LEU B 561 22.45 13.44 -1.48
C LEU B 561 23.46 12.54 -2.20
N VAL B 562 22.97 11.45 -2.81
CA VAL B 562 23.86 10.54 -3.52
C VAL B 562 24.46 11.20 -4.76
N ARG B 563 23.66 12.00 -5.47
CA ARG B 563 24.14 12.64 -6.70
C ARG B 563 25.24 13.66 -6.41
N MET B 564 25.16 14.36 -5.29
CA MET B 564 26.20 15.32 -4.93
C MET B 564 27.49 14.65 -4.45
N GLY B 565 27.51 13.33 -4.37
CA GLY B 565 28.65 12.61 -3.85
C GLY B 565 28.65 12.41 -2.36
N TYR B 566 27.56 12.74 -1.67
CA TYR B 566 27.51 12.65 -0.22
C TYR B 566 27.20 11.23 0.22
N GLN B 567 27.91 10.78 1.25
CA GLN B 567 27.46 9.61 1.98
C GLN B 567 26.21 9.97 2.77
N CYS B 568 25.27 9.04 2.87
CA CYS B 568 24.01 9.37 3.51
C CYS B 568 23.33 8.12 4.08
N THR B 569 22.39 8.36 4.98
CA THR B 569 21.60 7.30 5.60
C THR B 569 20.42 7.95 6.30
N PHE B 570 19.48 7.12 6.75
CA PHE B 570 18.29 7.62 7.43
C PHE B 570 17.88 6.63 8.52
N GLY B 571 16.99 7.09 9.39
CA GLY B 571 16.51 6.25 10.48
C GLY B 571 15.50 7.01 11.30
N VAL B 572 14.86 6.29 12.21
CA VAL B 572 13.85 6.86 13.11
C VAL B 572 14.32 6.68 14.53
N LEU B 573 14.23 7.75 15.33
CA LEU B 573 14.67 7.70 16.72
C LEU B 573 13.55 8.20 17.63
N GLN B 574 13.38 7.50 18.74
CA GLN B 574 12.43 7.89 19.79
C GLN B 574 13.16 8.71 20.84
N ALA B 575 12.74 9.97 21.01
CA ALA B 575 13.42 10.85 21.96
C ALA B 575 13.33 10.32 23.39
N GLY B 576 12.25 9.62 23.72
CA GLY B 576 12.11 9.06 25.06
C GLY B 576 13.19 8.07 25.43
N GLN B 577 13.88 7.50 24.45
CA GLN B 577 14.99 6.60 24.70
C GLN B 577 16.29 7.33 25.02
N TYR B 578 16.29 8.66 24.99
CA TYR B 578 17.51 9.43 25.17
C TYR B 578 17.41 10.45 26.31
N GLY B 579 16.39 10.36 27.16
CA GLY B 579 16.40 11.12 28.39
C GLY B 579 15.21 12.02 28.65
N VAL B 580 14.16 11.93 27.85
CA VAL B 580 12.98 12.76 28.05
C VAL B 580 11.78 11.85 28.32
N ALA B 581 10.79 12.42 29.00
CA ALA B 581 9.56 11.71 29.35
C ALA B 581 8.46 12.00 28.34
N GLN B 582 8.78 11.85 27.06
CA GLN B 582 7.87 12.23 25.99
C GLN B 582 8.06 11.31 24.80
N THR B 583 6.95 10.87 24.21
CA THR B 583 6.99 10.09 22.98
C THR B 583 7.19 11.04 21.81
N ARG B 584 8.33 10.89 21.12
CA ARG B 584 8.64 11.80 20.01
C ARG B 584 9.51 11.05 19.01
N ARG B 585 8.86 10.30 18.12
CA ARG B 585 9.56 9.65 17.02
C ARG B 585 9.86 10.67 15.94
N ARG B 586 11.13 10.76 15.55
CA ARG B 586 11.57 11.72 14.54
C ARG B 586 12.49 11.02 13.56
N ALA B 587 12.22 11.22 12.27
CA ALA B 587 13.07 10.73 11.19
C ALA B 587 14.29 11.63 11.06
N ILE B 588 15.47 11.02 11.05
CA ILE B 588 16.75 11.69 10.96
C ILE B 588 17.44 11.21 9.69
N ILE B 589 17.91 12.17 8.90
CA ILE B 589 18.66 11.90 7.67
C ILE B 589 20.06 12.48 7.88
N LEU B 590 21.05 11.59 7.93
CA LEU B 590 22.44 11.95 8.10
C LEU B 590 23.18 11.91 6.77
N ALA B 591 24.21 12.75 6.66
CA ALA B 591 25.03 12.78 5.47
C ALA B 591 26.42 13.29 5.84
N ALA B 592 27.44 12.73 5.20
CA ALA B 592 28.82 13.06 5.46
C ALA B 592 29.57 13.23 4.14
N ALA B 593 30.59 14.09 4.18
CA ALA B 593 31.40 14.38 3.01
C ALA B 593 32.18 13.15 2.59
N PRO B 594 32.59 13.07 1.31
CA PRO B 594 33.34 11.90 0.85
C PRO B 594 34.64 11.66 1.62
N GLY B 595 35.31 12.73 2.04
CA GLY B 595 36.53 12.58 2.83
C GLY B 595 36.32 12.28 4.29
N GLU B 596 35.09 12.41 4.79
CA GLU B 596 34.77 12.19 6.19
C GLU B 596 34.24 10.77 6.39
N LYS B 597 33.71 10.52 7.59
CA LYS B 597 33.14 9.22 7.95
C LYS B 597 31.67 9.39 8.27
N LEU B 598 30.84 8.54 7.69
CA LEU B 598 29.40 8.63 7.92
C LEU B 598 29.06 8.15 9.33
N PRO B 599 28.45 8.97 10.17
CA PRO B 599 28.19 8.56 11.56
C PRO B 599 27.10 7.50 11.65
N LEU B 600 27.03 6.88 12.82
CA LEU B 600 26.01 5.91 13.16
C LEU B 600 24.93 6.58 14.01
N PHE B 601 23.83 5.86 14.18
CA PHE B 601 22.75 6.42 15.00
C PHE B 601 23.00 6.14 16.48
N PRO B 602 22.60 7.07 17.36
CA PRO B 602 22.92 6.92 18.79
C PRO B 602 22.20 5.73 19.40
N GLU B 603 22.95 4.93 20.16
CA GLU B 603 22.37 3.80 20.85
C GLU B 603 21.49 4.28 22.00
N PRO B 604 20.30 3.71 22.18
CA PRO B 604 19.39 4.19 23.22
C PRO B 604 20.01 4.12 24.61
N LEU B 605 19.79 5.17 25.39
CA LEU B 605 20.31 5.25 26.74
C LEU B 605 19.30 4.88 27.82
N HIS B 606 18.03 5.16 27.60
CA HIS B 606 16.99 4.87 28.57
C HIS B 606 16.01 3.85 28.01
N VAL B 607 15.41 3.08 28.90
CA VAL B 607 14.33 2.18 28.51
C VAL B 607 13.08 3.01 28.27
N PHE B 608 12.19 2.49 27.42
CA PHE B 608 10.97 3.21 27.08
C PHE B 608 9.88 2.19 26.75
N ALA B 609 8.64 2.66 26.71
CA ALA B 609 7.52 1.78 26.44
C ALA B 609 7.67 1.19 25.04
N PRO B 610 7.51 -0.13 24.87
CA PRO B 610 7.68 -0.73 23.54
C PRO B 610 6.61 -0.29 22.55
N ARG B 611 5.49 0.25 23.04
CA ARG B 611 4.45 0.74 22.13
C ARG B 611 4.98 1.87 21.25
N ALA B 612 5.91 2.68 21.78
CA ALA B 612 6.41 3.86 21.09
C ALA B 612 7.83 3.68 20.57
N CYS B 613 8.34 2.45 20.52
CA CYS B 613 9.68 2.19 20.03
C CYS B 613 9.68 1.44 18.70
N GLN B 614 8.66 1.66 17.88
CA GLN B 614 8.57 1.05 16.55
C GLN B 614 9.35 1.93 15.58
N LEU B 615 10.65 1.70 15.50
CA LEU B 615 11.54 2.50 14.67
C LEU B 615 11.74 1.91 13.27
N SER B 616 11.04 0.84 12.93
CA SER B 616 11.20 0.20 11.63
C SER B 616 10.61 1.08 10.54
N VAL B 617 11.14 0.95 9.32
CA VAL B 617 10.65 1.72 8.18
C VAL B 617 10.59 0.82 6.97
N VAL B 618 9.44 0.79 6.29
CA VAL B 618 9.25 -0.08 5.13
C VAL B 618 9.13 0.79 3.89
N VAL B 619 10.00 0.54 2.92
CA VAL B 619 10.01 1.23 1.64
C VAL B 619 10.02 0.19 0.53
N ASP B 620 8.97 0.19 -0.29
CA ASP B 620 8.86 -0.71 -1.44
C ASP B 620 9.04 -2.17 -1.03
N ASP B 621 8.26 -2.59 -0.03
CA ASP B 621 8.23 -3.95 0.47
C ASP B 621 9.53 -4.36 1.17
N LYS B 622 10.54 -3.49 1.15
CA LYS B 622 11.81 -3.78 1.80
C LYS B 622 11.85 -3.07 3.16
N LYS B 623 12.16 -3.83 4.21
CA LYS B 623 12.24 -3.28 5.55
C LYS B 623 13.65 -2.78 5.83
N PHE B 624 13.73 -1.58 6.40
CA PHE B 624 14.98 -0.94 6.77
C PHE B 624 14.91 -0.53 8.22
N VAL B 625 16.04 -0.68 8.91
CA VAL B 625 16.17 -0.33 10.32
C VAL B 625 17.51 0.39 10.51
N SER B 626 17.63 1.08 11.64
CA SER B 626 18.88 1.74 11.97
C SER B 626 19.88 0.72 12.51
N ASN B 627 21.12 1.17 12.69
CA ASN B 627 22.19 0.33 13.24
C ASN B 627 22.04 0.08 14.74
N ILE B 628 20.94 0.54 15.34
CA ILE B 628 20.71 0.35 16.76
C ILE B 628 20.63 -1.15 17.07
N THR B 629 21.36 -1.57 18.09
CA THR B 629 21.36 -2.96 18.53
C THR B 629 20.58 -3.21 19.82
N ARG B 630 20.28 -2.17 20.59
CA ARG B 630 19.54 -2.30 21.83
C ARG B 630 18.05 -2.19 21.53
N LEU B 631 17.34 -3.32 21.59
CA LEU B 631 15.91 -3.36 21.33
C LEU B 631 15.07 -3.59 22.58
N SER B 632 15.47 -4.57 23.41
CA SER B 632 14.65 -4.92 24.57
C SER B 632 14.84 -3.93 25.72
N SER B 633 16.07 -3.77 26.20
CA SER B 633 16.34 -3.01 27.40
C SER B 633 17.47 -2.01 27.15
N GLY B 634 17.81 -1.26 28.18
CA GLY B 634 18.84 -0.25 28.10
C GLY B 634 19.54 -0.04 29.44
N PRO B 635 20.59 0.78 29.44
CA PRO B 635 21.38 0.94 30.66
C PRO B 635 20.67 1.74 31.75
N PHE B 636 19.84 2.71 31.39
CA PHE B 636 19.22 3.58 32.37
C PHE B 636 17.70 3.41 32.37
N ARG B 637 17.09 3.69 33.52
CA ARG B 637 15.65 3.55 33.65
C ARG B 637 14.93 4.64 32.87
N THR B 638 13.62 4.48 32.74
CA THR B 638 12.82 5.44 31.98
C THR B 638 12.66 6.72 32.77
N ILE B 639 12.73 7.85 32.06
CA ILE B 639 12.45 9.15 32.67
C ILE B 639 10.93 9.34 32.71
N THR B 640 10.41 9.66 33.89
CA THR B 640 8.98 9.76 34.10
C THR B 640 8.55 11.20 34.33
N VAL B 641 7.23 11.40 34.35
CA VAL B 641 6.68 12.73 34.62
C VAL B 641 7.09 13.22 36.00
N ARG B 642 7.16 12.30 36.97
CA ARG B 642 7.58 12.66 38.31
C ARG B 642 8.99 13.26 38.30
N ASP B 643 9.91 12.63 37.58
CA ASP B 643 11.25 13.19 37.43
C ASP B 643 11.26 14.47 36.61
N THR B 644 10.13 14.86 36.01
CA THR B 644 10.05 15.99 35.10
C THR B 644 9.32 17.20 35.66
N MET B 645 8.38 16.99 36.59
CA MET B 645 7.51 18.09 37.02
C MET B 645 7.27 18.14 38.53
N SER B 646 7.86 17.25 39.32
CA SER B 646 7.50 17.19 40.74
C SER B 646 7.99 18.42 41.52
N ASP B 647 9.07 19.07 41.06
CA ASP B 647 9.66 20.17 41.80
C ASP B 647 8.97 21.51 41.54
N LEU B 648 8.07 21.58 40.57
CA LEU B 648 7.49 22.86 40.20
C LEU B 648 6.33 23.21 41.13
N PRO B 649 6.21 24.47 41.53
CA PRO B 649 5.17 24.84 42.50
C PRO B 649 3.78 24.75 41.89
N GLU B 650 2.79 24.70 42.79
CA GLU B 650 1.40 24.58 42.37
C GLU B 650 0.84 25.93 41.98
N ILE B 651 0.27 26.00 40.77
CA ILE B 651 -0.29 27.24 40.24
C ILE B 651 -1.72 27.01 39.80
N GLN B 652 -2.46 28.10 39.66
CA GLN B 652 -3.85 28.06 39.25
C GLN B 652 -3.94 28.21 37.72
N ASN B 653 -5.12 27.94 37.19
CA ASN B 653 -5.36 28.05 35.75
C ASN B 653 -5.30 29.51 35.33
N GLY B 654 -4.42 29.82 34.38
CA GLY B 654 -4.26 31.17 33.89
C GLY B 654 -3.15 31.98 34.52
N ALA B 655 -2.13 31.34 35.07
CA ALA B 655 -1.03 32.07 35.70
C ALA B 655 -0.29 32.92 34.68
N SER B 656 0.06 34.15 35.07
CA SER B 656 0.74 35.07 34.18
C SER B 656 2.05 35.60 34.73
N ASN B 657 2.41 35.28 35.98
CA ASN B 657 3.68 35.72 36.57
C ASN B 657 4.80 34.91 35.95
N SER B 658 5.54 35.53 35.03
CA SER B 658 6.57 34.83 34.27
C SER B 658 7.79 34.47 35.12
N GLU B 659 7.95 35.06 36.31
CA GLU B 659 9.08 34.77 37.18
C GLU B 659 8.58 34.57 38.60
N ILE B 660 8.57 33.32 39.05
CA ILE B 660 8.17 33.01 40.42
C ILE B 660 9.32 32.25 41.08
N PRO B 661 9.47 32.27 42.41
CA PRO B 661 10.58 31.56 43.02
C PRO B 661 10.29 30.07 43.17
N TYR B 662 11.38 29.29 43.13
CA TYR B 662 11.29 27.87 43.47
C TYR B 662 10.91 27.71 44.95
N ASN B 663 9.95 26.83 45.21
CA ASN B 663 9.59 26.49 46.59
C ASN B 663 10.19 25.16 47.01
N GLY B 664 11.48 25.00 46.75
CA GLY B 664 12.18 23.77 47.12
C GLY B 664 13.37 23.54 46.22
N GLU B 665 14.04 22.42 46.48
CA GLU B 665 15.22 21.97 45.76
C GLU B 665 14.84 20.93 44.71
N PRO B 666 15.72 20.64 43.76
CA PRO B 666 15.43 19.59 42.77
C PRO B 666 15.15 18.25 43.45
N LEU B 667 14.16 17.54 42.92
CA LEU B 667 13.68 16.30 43.52
C LEU B 667 14.01 15.06 42.69
N SER B 668 14.85 15.19 41.67
CA SER B 668 15.20 14.04 40.86
C SER B 668 16.50 14.33 40.12
N TRP B 669 17.07 13.27 39.55
CA TRP B 669 18.29 13.42 38.75
C TRP B 669 18.04 14.29 37.53
N PHE B 670 16.88 14.13 36.88
CA PHE B 670 16.55 14.91 35.70
C PHE B 670 16.49 16.41 36.01
N GLN B 671 15.79 16.75 37.10
CA GLN B 671 15.70 18.15 37.50
C GLN B 671 17.05 18.69 37.95
N ARG B 672 17.89 17.84 38.56
CA ARG B 672 19.23 18.28 38.94
C ARG B 672 20.10 18.52 37.71
N GLN B 673 19.86 17.80 36.63
CA GLN B 673 20.62 18.04 35.41
C GLN B 673 20.17 19.31 34.71
N LEU B 674 18.88 19.65 34.81
CA LEU B 674 18.41 20.85 34.12
C LEU B 674 18.57 22.13 34.94
N ARG B 675 18.50 22.04 36.27
CA ARG B 675 18.63 23.22 37.12
C ARG B 675 20.08 23.54 37.49
N GLY B 676 21.01 22.63 37.23
CA GLY B 676 22.42 22.90 37.49
C GLY B 676 22.79 22.86 38.96
N SER B 677 24.09 22.80 39.25
CA SER B 677 24.56 22.77 40.63
C SER B 677 24.63 24.16 41.25
N HIS B 678 24.61 25.21 40.44
CA HIS B 678 24.66 26.56 40.95
C HIS B 678 23.31 26.95 41.56
N TYR B 679 23.35 27.97 42.41
CA TYR B 679 22.15 28.43 43.11
C TYR B 679 21.33 29.30 42.17
N GLN B 680 20.14 28.82 41.82
CA GLN B 680 19.21 29.56 40.97
C GLN B 680 17.81 29.50 41.57
N PRO B 681 17.37 30.54 42.26
CA PRO B 681 16.07 30.51 42.93
C PRO B 681 14.89 30.91 42.06
N ILE B 682 15.12 31.51 40.90
CA ILE B 682 14.06 32.04 40.07
C ILE B 682 13.65 30.99 39.03
N LEU B 683 12.37 30.66 39.00
CA LEU B 683 11.77 29.80 37.99
C LEU B 683 11.04 30.67 36.98
N ARG B 684 11.41 30.53 35.72
CA ARG B 684 10.89 31.35 34.63
C ARG B 684 10.01 30.51 33.71
N ASP B 685 9.02 31.17 33.09
CA ASP B 685 8.16 30.57 32.08
C ASP B 685 7.32 29.43 32.66
N HIS B 686 6.80 29.63 33.87
CA HIS B 686 5.91 28.65 34.48
C HIS B 686 4.47 29.17 34.45
N ILE B 687 3.95 29.38 33.25
CA ILE B 687 2.63 29.97 33.04
C ILE B 687 1.78 29.01 32.23
N CYS B 688 0.49 28.94 32.56
CA CYS B 688 -0.47 28.12 31.85
C CYS B 688 -1.53 29.02 31.21
N LYS B 689 -2.12 28.52 30.12
CA LYS B 689 -3.09 29.32 29.38
C LYS B 689 -4.37 29.49 30.19
N ASP B 690 -4.92 30.71 30.13
CA ASP B 690 -6.16 31.03 30.83
C ASP B 690 -7.32 30.42 30.07
N MET B 691 -7.91 29.35 30.61
CA MET B 691 -9.00 28.67 29.96
C MET B 691 -10.34 29.32 30.29
N SER B 692 -11.30 29.12 29.41
CA SER B 692 -12.64 29.64 29.62
C SER B 692 -13.28 28.96 30.83
N PRO B 693 -14.23 29.60 31.50
CA PRO B 693 -14.90 28.96 32.63
C PRO B 693 -15.51 27.61 32.30
N LEU B 694 -15.92 27.42 31.04
CA LEU B 694 -16.44 26.12 30.62
C LEU B 694 -15.34 25.08 30.62
N VAL B 695 -14.23 25.39 29.95
CA VAL B 695 -13.10 24.46 29.90
C VAL B 695 -12.53 24.27 31.30
N ALA B 696 -12.52 25.33 32.11
CA ALA B 696 -11.99 25.22 33.47
C ALA B 696 -12.83 24.27 34.31
N ALA B 697 -14.17 24.36 34.20
CA ALA B 697 -15.00 23.42 34.94
C ALA B 697 -14.82 22.00 34.43
N ARG B 698 -14.65 21.85 33.12
CA ARG B 698 -14.37 20.53 32.56
C ARG B 698 -13.11 19.94 33.16
N MET B 699 -12.05 20.75 33.25
CA MET B 699 -10.80 20.25 33.81
C MET B 699 -10.93 19.94 35.29
N ARG B 700 -11.75 20.70 36.01
CA ARG B 700 -11.94 20.39 37.43
C ARG B 700 -12.69 19.09 37.63
N HIS B 701 -13.50 18.68 36.66
CA HIS B 701 -14.24 17.43 36.79
C HIS B 701 -13.54 16.23 36.14
N ILE B 702 -12.25 16.33 35.87
CA ILE B 702 -11.47 15.22 35.31
C ILE B 702 -10.80 14.48 36.47
N PRO B 703 -11.08 13.20 36.67
CA PRO B 703 -10.46 12.47 37.77
C PRO B 703 -8.94 12.42 37.65
N LEU B 704 -8.28 12.32 38.81
CA LEU B 704 -6.82 12.31 38.86
C LEU B 704 -6.21 10.93 38.59
N PHE B 705 -7.03 9.89 38.51
CA PHE B 705 -6.51 8.55 38.31
C PHE B 705 -5.89 8.42 36.92
N PRO B 706 -4.84 7.62 36.77
CA PRO B 706 -4.17 7.50 35.48
C PRO B 706 -5.11 6.98 34.40
N GLY B 707 -5.02 7.57 33.22
CA GLY B 707 -5.85 7.19 32.09
C GLY B 707 -7.16 7.93 31.97
N SER B 708 -7.49 8.81 32.93
CA SER B 708 -8.74 9.54 32.87
C SER B 708 -8.73 10.57 31.75
N ASP B 709 -9.88 10.76 31.11
CA ASP B 709 -10.03 11.78 30.08
C ASP B 709 -11.49 12.23 30.09
N TRP B 710 -11.95 12.77 28.95
CA TRP B 710 -13.29 13.34 28.89
C TRP B 710 -14.37 12.30 29.12
N ARG B 711 -14.09 11.03 28.83
CA ARG B 711 -15.08 9.97 29.00
C ARG B 711 -15.48 9.75 30.45
N ASP B 712 -14.75 10.32 31.41
CA ASP B 712 -15.11 10.24 32.81
C ASP B 712 -15.91 11.45 33.29
N LEU B 713 -16.25 12.37 32.39
CA LEU B 713 -16.92 13.59 32.80
C LEU B 713 -18.39 13.30 33.15
N PRO B 714 -18.90 13.92 34.21
CA PRO B 714 -20.32 13.75 34.55
C PRO B 714 -21.21 14.65 33.72
N ASN B 715 -22.45 14.19 33.52
CA ASN B 715 -23.45 14.93 32.76
C ASN B 715 -24.31 15.72 33.73
N ILE B 716 -23.75 16.84 34.23
CA ILE B 716 -24.43 17.71 35.19
C ILE B 716 -24.36 19.14 34.68
N GLN B 717 -25.08 20.01 35.39
CA GLN B 717 -25.06 21.45 35.14
C GLN B 717 -24.30 22.13 36.26
N VAL B 718 -23.41 23.06 35.89
CA VAL B 718 -22.50 23.70 36.84
C VAL B 718 -22.73 25.21 36.77
N ARG B 719 -22.91 25.82 37.93
CA ARG B 719 -23.02 27.27 38.03
C ARG B 719 -21.63 27.89 37.93
N LEU B 720 -21.45 28.78 36.97
CA LEU B 720 -20.18 29.41 36.70
C LEU B 720 -20.19 30.85 37.23
N GLY B 721 -19.26 31.67 36.74
CA GLY B 721 -19.20 33.05 37.21
C GLY B 721 -20.48 33.80 36.93
N ASP B 722 -20.89 34.63 37.88
CA ASP B 722 -22.13 35.41 37.82
C ASP B 722 -23.28 34.40 37.71
N GLY B 723 -24.20 34.55 36.75
CA GLY B 723 -25.30 33.63 36.59
C GLY B 723 -25.15 32.70 35.41
N VAL B 724 -23.92 32.53 34.93
CA VAL B 724 -23.67 31.66 33.79
C VAL B 724 -23.83 30.21 34.23
N ILE B 725 -24.40 29.39 33.34
CA ILE B 725 -24.70 28.00 33.63
C ILE B 725 -24.16 27.12 32.51
N ALA B 726 -23.39 26.10 32.87
CA ALA B 726 -22.93 25.11 31.90
C ALA B 726 -24.03 24.07 31.73
N HIS B 727 -24.57 23.96 30.52
CA HIS B 727 -25.73 23.12 30.29
C HIS B 727 -25.37 21.64 30.32
N LYS B 728 -26.41 20.81 30.40
CA LYS B 728 -26.29 19.36 30.37
C LYS B 728 -26.43 18.84 28.94
N LEU B 729 -25.79 17.69 28.67
CA LEU B 729 -25.91 17.04 27.38
C LEU B 729 -27.16 16.17 27.31
N GLN B 730 -27.89 16.27 26.20
CA GLN B 730 -29.14 15.56 26.00
C GLN B 730 -28.98 14.54 24.88
N TYR B 731 -29.40 13.30 25.13
CA TYR B 731 -29.32 12.21 24.16
C TYR B 731 -30.72 11.95 23.61
N THR B 732 -31.00 12.52 22.43
CA THR B 732 -32.30 12.38 21.79
C THR B 732 -32.23 11.61 20.48
N PHE B 733 -31.14 10.87 20.26
CA PHE B 733 -30.96 10.11 19.03
C PHE B 733 -30.45 8.72 19.36
N HIS B 734 -30.86 7.75 18.54
CA HIS B 734 -30.37 6.39 18.69
C HIS B 734 -28.99 6.26 18.05
N ASP B 735 -28.10 5.54 18.73
CA ASP B 735 -26.78 5.24 18.19
C ASP B 735 -26.80 3.78 17.75
N VAL B 736 -26.93 3.56 16.44
CA VAL B 736 -27.08 2.20 15.92
C VAL B 736 -25.85 1.35 16.16
N LYS B 737 -24.69 1.96 16.36
CA LYS B 737 -23.45 1.23 16.58
C LYS B 737 -23.23 0.91 18.06
N ASN B 738 -23.58 1.83 18.95
CA ASN B 738 -23.32 1.67 20.38
C ASN B 738 -24.52 1.14 21.15
N GLY B 739 -25.70 1.15 20.57
CA GLY B 739 -26.87 0.60 21.22
C GLY B 739 -27.30 1.41 22.44
N TYR B 740 -28.11 0.76 23.28
CA TYR B 740 -28.64 1.38 24.48
C TYR B 740 -27.69 1.18 25.65
N SER B 741 -27.87 2.01 26.68
CA SER B 741 -27.09 1.89 27.90
C SER B 741 -27.79 0.95 28.89
N SER B 742 -27.17 0.75 30.05
CA SER B 742 -27.77 -0.11 31.06
C SER B 742 -29.04 0.49 31.64
N THR B 743 -29.15 1.82 31.63
CA THR B 743 -30.36 2.50 32.08
C THR B 743 -31.41 2.61 30.97
N GLY B 744 -31.14 2.04 29.80
CA GLY B 744 -32.02 2.18 28.66
C GLY B 744 -31.91 3.49 27.91
N ALA B 745 -31.14 4.45 28.42
CA ALA B 745 -31.00 5.74 27.76
C ALA B 745 -30.24 5.58 26.44
N LEU B 746 -30.42 6.57 25.57
CA LEU B 746 -29.78 6.56 24.26
C LEU B 746 -28.34 7.04 24.37
N ARG B 747 -27.57 6.78 23.31
CA ARG B 747 -26.15 7.12 23.27
C ARG B 747 -25.80 7.94 22.04
N GLY B 748 -26.78 8.56 21.39
CA GLY B 748 -26.55 9.38 20.22
C GLY B 748 -26.87 10.83 20.49
N VAL B 749 -26.16 11.73 19.82
CA VAL B 749 -26.37 13.16 19.99
C VAL B 749 -26.81 13.87 18.71
N CYS B 750 -26.72 13.21 17.56
CA CYS B 750 -27.08 13.83 16.28
C CYS B 750 -27.80 12.81 15.42
N SER B 751 -28.39 13.29 14.33
CA SER B 751 -29.11 12.39 13.42
C SER B 751 -28.17 11.44 12.70
N CYS B 752 -26.89 11.81 12.54
CA CYS B 752 -25.95 10.92 11.88
C CYS B 752 -25.67 9.68 12.70
N ALA B 753 -26.01 9.70 13.99
CA ALA B 753 -25.88 8.50 14.82
C ALA B 753 -26.93 7.45 14.47
N GLU B 754 -27.99 7.84 13.75
CA GLU B 754 -29.01 6.90 13.30
C GLU B 754 -28.80 6.45 11.88
N GLY B 755 -27.70 6.84 11.25
CA GLY B 755 -27.44 6.55 9.86
C GLY B 755 -27.87 7.62 8.89
N LYS B 756 -28.49 8.69 9.37
CA LYS B 756 -28.94 9.78 8.53
C LYS B 756 -27.80 10.77 8.28
N ALA B 757 -28.11 11.86 7.59
CA ALA B 757 -27.14 12.93 7.40
C ALA B 757 -27.13 13.85 8.63
N CYS B 758 -26.04 14.58 8.78
CA CYS B 758 -25.91 15.48 9.92
C CYS B 758 -27.02 16.52 9.91
N ASP B 759 -27.70 16.67 11.04
CA ASP B 759 -28.80 17.60 11.15
C ASP B 759 -28.31 18.84 11.91
N PRO B 760 -28.11 19.97 11.24
CA PRO B 760 -27.88 21.22 11.97
C PRO B 760 -29.09 21.55 12.82
N GLU B 761 -28.87 22.39 13.83
CA GLU B 761 -29.79 22.75 14.91
C GLU B 761 -29.87 21.65 15.95
N SER B 762 -29.35 20.44 15.69
CA SER B 762 -29.14 19.43 16.71
C SER B 762 -27.84 19.65 17.48
N ARG B 763 -27.07 20.68 17.13
CA ARG B 763 -25.81 20.95 17.80
C ARG B 763 -26.07 21.66 19.12
N GLN B 764 -25.58 21.07 20.21
CA GLN B 764 -25.75 21.66 21.54
C GLN B 764 -24.54 22.49 21.91
N PHE B 765 -24.80 23.55 22.68
CA PHE B 765 -23.77 24.52 23.03
C PHE B 765 -23.65 24.65 24.55
N SER B 766 -22.45 25.01 24.99
CA SER B 766 -22.17 25.32 26.41
C SER B 766 -22.51 24.14 27.32
N THR B 767 -22.25 22.93 26.84
CA THR B 767 -22.47 21.73 27.62
C THR B 767 -21.16 21.26 28.25
N LEU B 768 -21.27 20.66 29.45
CA LEU B 768 -20.09 20.21 30.17
C LEU B 768 -19.35 19.13 29.38
N ILE B 769 -20.05 18.08 28.99
CA ILE B 769 -19.47 17.08 28.11
C ILE B 769 -19.47 17.66 26.69
N PRO B 770 -18.30 17.86 26.07
CA PRO B 770 -18.28 18.45 24.73
C PRO B 770 -19.09 17.63 23.75
N TRP B 771 -19.96 18.31 23.00
CA TRP B 771 -20.89 17.64 22.08
C TRP B 771 -20.15 16.97 20.93
N CYS B 772 -19.07 17.58 20.47
CA CYS B 772 -18.36 17.10 19.29
C CYS B 772 -17.64 15.78 19.55
N LEU B 773 -17.46 15.40 20.81
CA LEU B 773 -16.68 14.21 21.13
C LEU B 773 -17.54 12.96 20.97
N PRO B 774 -18.76 12.89 21.54
CA PRO B 774 -19.65 11.78 21.17
C PRO B 774 -20.21 11.93 19.78
N HIS B 775 -20.15 13.12 19.18
CA HIS B 775 -20.67 13.25 17.81
C HIS B 775 -19.87 12.38 16.84
N THR B 776 -18.56 12.59 16.76
CA THR B 776 -17.70 11.85 15.83
C THR B 776 -16.80 10.85 16.53
N GLY B 777 -17.21 10.36 17.70
CA GLY B 777 -16.32 9.51 18.50
C GLY B 777 -16.14 8.13 17.91
N ASN B 778 -17.20 7.57 17.32
CA ASN B 778 -17.15 6.18 16.87
C ASN B 778 -16.07 5.96 15.82
N ARG B 779 -15.81 6.94 14.98
CA ARG B 779 -14.81 6.82 13.92
C ARG B 779 -13.53 7.58 14.24
N HIS B 780 -13.33 7.94 15.50
CA HIS B 780 -12.11 8.63 15.92
C HIS B 780 -11.55 8.05 17.21
N ASN B 781 -11.71 6.73 17.41
CA ASN B 781 -11.21 6.03 18.59
C ASN B 781 -11.76 6.65 19.88
N HIS B 782 -13.03 7.05 19.83
CA HIS B 782 -13.72 7.66 20.97
C HIS B 782 -13.02 8.91 21.49
N TRP B 783 -12.15 9.51 20.67
CA TRP B 783 -11.37 10.68 21.05
C TRP B 783 -10.64 10.43 22.37
N ALA B 784 -9.85 9.36 22.38
CA ALA B 784 -9.09 9.01 23.57
C ALA B 784 -8.02 10.06 23.86
N GLY B 785 -7.84 10.36 25.13
CA GLY B 785 -6.86 11.32 25.57
C GLY B 785 -7.35 12.75 25.67
N LEU B 786 -8.41 13.10 24.95
CA LEU B 786 -8.92 14.47 24.99
C LEU B 786 -9.44 14.80 26.39
N TYR B 787 -9.04 15.98 26.88
CA TYR B 787 -9.25 16.36 28.29
C TYR B 787 -8.69 15.30 29.24
N GLY B 788 -7.59 14.67 28.81
CA GLY B 788 -6.96 13.62 29.58
C GLY B 788 -5.81 14.14 30.42
N ARG B 789 -5.47 13.37 31.45
CA ARG B 789 -4.42 13.72 32.39
C ARG B 789 -3.20 12.83 32.19
N LEU B 790 -2.04 13.41 32.40
CA LEU B 790 -0.81 12.64 32.54
C LEU B 790 -0.77 11.97 33.90
N GLU B 791 0.00 10.90 34.00
CA GLU B 791 0.23 10.23 35.27
C GLU B 791 1.68 10.39 35.68
N TRP B 792 1.90 10.47 36.99
CA TRP B 792 3.25 10.69 37.50
C TRP B 792 4.20 9.57 37.06
N ASP B 793 3.75 8.32 37.13
CA ASP B 793 4.56 7.19 36.71
C ASP B 793 4.63 7.04 35.20
N GLY B 794 3.98 7.92 34.44
CA GLY B 794 3.96 7.80 33.00
C GLY B 794 4.82 8.81 32.27
N PHE B 795 4.40 9.18 31.06
CA PHE B 795 5.18 10.08 30.23
C PHE B 795 4.24 10.92 29.37
N PHE B 796 4.82 11.90 28.69
CA PHE B 796 4.07 12.79 27.81
C PHE B 796 3.80 12.12 26.46
N SER B 797 2.71 12.52 25.83
CA SER B 797 2.56 12.31 24.40
C SER B 797 3.37 13.38 23.67
N THR B 798 3.38 13.32 22.34
CA THR B 798 4.21 14.22 21.58
C THR B 798 3.84 15.68 21.86
N THR B 799 4.82 16.44 22.36
CA THR B 799 4.58 17.84 22.71
C THR B 799 4.36 18.65 21.44
N VAL B 800 3.20 19.29 21.35
CA VAL B 800 2.81 20.04 20.16
C VAL B 800 3.00 21.52 20.39
N THR B 801 2.57 22.35 19.44
CA THR B 801 2.79 23.79 19.49
C THR B 801 1.74 24.52 20.32
N ASN B 802 0.62 23.88 20.63
CA ASN B 802 -0.44 24.53 21.40
C ASN B 802 -1.22 23.46 22.15
N PRO B 803 -0.99 23.31 23.45
CA PRO B 803 -1.75 22.30 24.22
C PRO B 803 -3.19 22.73 24.45
N GLU B 804 -4.12 21.97 23.86
CA GLU B 804 -5.55 22.26 24.03
C GLU B 804 -6.25 20.92 24.27
N PRO B 805 -7.05 20.82 25.33
CA PRO B 805 -7.65 19.51 25.68
C PRO B 805 -8.66 18.99 24.66
N MET B 806 -9.15 19.82 23.75
CA MET B 806 -10.08 19.34 22.73
C MET B 806 -9.40 19.19 21.37
N GLY B 807 -8.08 19.22 21.33
CA GLY B 807 -7.34 18.91 20.12
C GLY B 807 -7.12 17.42 19.97
N LYS B 808 -6.47 17.05 18.86
CA LYS B 808 -6.18 15.64 18.61
C LYS B 808 -5.34 15.04 19.72
N GLN B 809 -4.18 15.65 19.99
CA GLN B 809 -3.37 15.27 21.14
C GLN B 809 -3.82 16.15 22.30
N GLY B 810 -4.85 15.69 23.02
CA GLY B 810 -5.50 16.49 24.04
C GLY B 810 -5.24 16.12 25.47
N ARG B 811 -4.27 15.24 25.76
CA ARG B 811 -3.96 14.86 27.14
C ARG B 811 -2.85 15.79 27.64
N VAL B 812 -3.24 17.01 27.96
CA VAL B 812 -2.33 18.03 28.44
C VAL B 812 -2.73 18.55 29.81
N LEU B 813 -3.60 17.83 30.51
CA LEU B 813 -4.02 18.25 31.84
C LEU B 813 -3.00 17.81 32.89
N HIS B 814 -2.84 18.62 33.92
CA HIS B 814 -1.90 18.30 34.98
C HIS B 814 -2.37 17.05 35.73
N PRO B 815 -1.43 16.20 36.17
CA PRO B 815 -1.84 14.98 36.89
C PRO B 815 -2.65 15.25 38.14
N GLU B 816 -2.50 16.42 38.77
CA GLU B 816 -3.20 16.72 40.00
C GLU B 816 -3.97 18.03 39.90
N GLN B 817 -3.32 19.07 39.38
CA GLN B 817 -3.93 20.39 39.30
C GLN B 817 -4.93 20.44 38.16
N HIS B 818 -5.90 21.36 38.29
CA HIS B 818 -6.96 21.51 37.30
C HIS B 818 -6.56 22.60 36.30
N ARG B 819 -5.60 22.25 35.44
CA ARG B 819 -5.06 23.18 34.46
C ARG B 819 -4.33 22.38 33.39
N VAL B 820 -3.97 23.08 32.31
CA VAL B 820 -3.15 22.48 31.27
C VAL B 820 -1.68 22.69 31.60
N VAL B 821 -0.79 21.96 30.92
CA VAL B 821 0.63 22.03 31.22
C VAL B 821 1.17 23.43 30.90
N SER B 822 2.19 23.84 31.65
CA SER B 822 2.77 25.17 31.51
C SER B 822 3.89 25.15 30.49
N VAL B 823 4.42 26.35 30.20
CA VAL B 823 5.54 26.46 29.25
C VAL B 823 6.77 25.75 29.80
N ARG B 824 7.03 25.90 31.10
CA ARG B 824 8.17 25.23 31.70
C ARG B 824 8.01 23.72 31.68
N GLU B 825 6.81 23.21 31.95
CA GLU B 825 6.59 21.77 31.89
C GLU B 825 6.75 21.23 30.47
N CYS B 826 6.40 22.04 29.47
CA CYS B 826 6.62 21.61 28.09
C CYS B 826 8.11 21.60 27.74
N ALA B 827 8.85 22.61 28.19
CA ALA B 827 10.30 22.60 27.97
C ALA B 827 10.97 21.48 28.75
N ARG B 828 10.45 21.15 29.93
CA ARG B 828 10.97 20.02 30.70
C ARG B 828 10.78 18.71 29.94
N SER B 829 9.58 18.51 29.40
CA SER B 829 9.34 17.29 28.61
C SER B 829 10.23 17.24 27.37
N GLN B 830 10.68 18.39 26.88
CA GLN B 830 11.59 18.45 25.74
C GLN B 830 13.05 18.38 26.15
N GLY B 831 13.35 18.34 27.45
CA GLY B 831 14.73 18.27 27.89
C GLY B 831 15.47 19.58 27.88
N PHE B 832 14.75 20.71 27.78
CA PHE B 832 15.41 22.01 27.76
C PHE B 832 15.91 22.36 29.16
N PRO B 833 17.13 22.89 29.28
CA PRO B 833 17.60 23.37 30.58
C PRO B 833 16.73 24.52 31.08
N ASP B 834 16.58 24.59 32.40
CA ASP B 834 15.77 25.66 32.98
C ASP B 834 16.37 27.03 32.75
N SER B 835 17.66 27.12 32.44
CA SER B 835 18.30 28.39 32.11
C SER B 835 18.01 28.84 30.68
N TYR B 836 17.39 27.99 29.86
CA TYR B 836 17.10 28.36 28.49
C TYR B 836 15.96 29.38 28.45
N ARG B 837 16.14 30.43 27.66
N ARG B 837 16.15 30.44 27.67
CA ARG B 837 15.19 31.53 27.57
CA ARG B 837 15.19 31.52 27.58
C ARG B 837 14.35 31.40 26.31
C ARG B 837 14.36 31.42 26.31
N PHE B 838 13.14 31.95 26.38
CA PHE B 838 12.24 32.03 25.23
C PHE B 838 11.80 33.48 25.05
N PHE B 839 10.89 33.72 24.11
CA PHE B 839 10.44 35.06 23.82
C PHE B 839 9.05 35.03 23.23
N GLY B 840 8.29 36.10 23.46
CA GLY B 840 6.94 36.22 22.96
C GLY B 840 5.91 36.00 24.04
N ASN B 841 4.66 35.86 23.61
CA ASN B 841 3.57 35.59 24.53
C ASN B 841 3.55 34.11 24.86
N ILE B 842 2.52 33.66 25.56
CA ILE B 842 2.47 32.26 26.00
C ILE B 842 2.29 31.32 24.81
N LEU B 843 1.56 31.77 23.78
CA LEU B 843 1.35 30.93 22.60
C LEU B 843 2.61 30.85 21.76
N ASP B 844 3.36 31.96 21.70
CA ASP B 844 4.61 31.97 20.94
C ASP B 844 5.64 31.06 21.58
N ARG B 845 5.73 31.08 22.92
CA ARG B 845 6.69 30.22 23.60
C ARG B 845 6.30 28.76 23.50
N HIS B 846 4.99 28.46 23.60
CA HIS B 846 4.56 27.08 23.39
C HIS B 846 4.95 26.59 22.00
N ARG B 847 4.77 27.43 20.98
CA ARG B 847 5.12 27.00 19.63
C ARG B 847 6.62 26.79 19.50
N GLN B 848 7.43 27.63 20.17
CA GLN B 848 8.87 27.44 20.13
C GLN B 848 9.28 26.13 20.79
N VAL B 849 8.62 25.77 21.90
CA VAL B 849 8.98 24.54 22.59
C VAL B 849 8.56 23.34 21.76
N GLY B 850 7.34 23.37 21.21
CA GLY B 850 6.84 22.22 20.48
C GLY B 850 7.61 21.95 19.21
N ASN B 851 7.98 23.00 18.47
CA ASN B 851 8.68 22.80 17.20
C ASN B 851 10.13 22.34 17.39
N ALA B 852 10.69 22.51 18.58
CA ALA B 852 12.13 22.30 18.77
C ALA B 852 12.47 20.81 18.90
N VAL B 853 13.68 20.48 18.43
CA VAL B 853 14.24 19.15 18.64
C VAL B 853 14.75 19.05 20.09
N PRO B 854 14.37 18.02 20.83
CA PRO B 854 14.83 17.89 22.22
C PRO B 854 16.34 17.88 22.31
N PRO B 855 16.92 18.75 23.14
CA PRO B 855 18.38 18.80 23.29
C PRO B 855 18.99 17.46 23.67
N PRO B 856 18.33 16.62 24.49
CA PRO B 856 18.90 15.27 24.70
C PRO B 856 19.07 14.46 23.42
N LEU B 857 18.09 14.50 22.53
CA LEU B 857 18.20 13.74 21.27
C LEU B 857 19.25 14.36 20.36
N ALA B 858 19.30 15.69 20.29
CA ALA B 858 20.31 16.35 19.48
C ALA B 858 21.71 16.10 20.03
N LYS B 859 21.85 16.03 21.35
CA LYS B 859 23.13 15.71 21.96
C LYS B 859 23.54 14.28 21.66
N ALA B 860 22.58 13.35 21.70
CA ALA B 860 22.87 11.96 21.38
C ALA B 860 23.37 11.82 19.95
N ILE B 861 22.76 12.55 19.01
CA ILE B 861 23.24 12.52 17.63
C ILE B 861 24.61 13.20 17.53
N GLY B 862 24.79 14.32 18.22
CA GLY B 862 26.04 15.04 18.15
C GLY B 862 27.23 14.27 18.67
N LEU B 863 27.01 13.42 19.67
CA LEU B 863 28.12 12.60 20.19
C LEU B 863 28.60 11.61 19.12
N GLU B 864 27.66 10.99 18.41
CA GLU B 864 28.04 10.10 17.32
C GLU B 864 28.71 10.87 16.18
N ILE B 865 28.36 12.15 16.02
CA ILE B 865 29.10 12.96 15.05
C ILE B 865 30.51 13.25 15.55
N LYS B 866 30.67 13.43 16.87
CA LYS B 866 32.00 13.67 17.43
C LYS B 866 32.90 12.46 17.25
N LEU B 867 32.32 11.26 17.29
CA LEU B 867 33.13 10.06 17.10
C LEU B 867 33.78 10.01 15.73
N CYS B 868 33.22 10.71 14.74
CA CYS B 868 33.82 10.69 13.40
C CYS B 868 34.94 11.71 13.25
N LEU B 869 34.92 12.79 14.06
CA LEU B 869 36.02 13.74 14.04
C LEU B 869 37.32 13.10 14.48
N LEU B 870 37.24 12.08 15.33
CA LEU B 870 38.39 11.31 15.77
C LEU B 870 38.64 10.16 14.79
N SER B 871 39.92 9.92 14.49
CA SER B 871 40.32 8.86 13.56
C SER B 871 39.65 9.02 12.19
#